data_3PXW
#
_entry.id   3PXW
#
_cell.length_a   55.530
_cell.length_b   83.520
_cell.length_c   107.780
_cell.angle_alpha   109.94
_cell.angle_beta   91.54
_cell.angle_gamma   105.78
#
_symmetry.space_group_name_H-M   'P 1'
#
loop_
_entity.id
_entity.type
_entity.pdbx_description
1 polymer 'Methylamine utilization protein MauG'
2 polymer 'Methylamine dehydrogenase light chain'
3 polymer 'Methylamine dehydrogenase heavy chain'
4 non-polymer 'SODIUM ION'
5 non-polymer 'NITRIC OXIDE'
6 non-polymer 'HEME C'
7 non-polymer 'CALCIUM ION'
8 non-polymer 'ACETATE ION'
9 non-polymer 1,2-ETHANEDIOL
10 non-polymer 'TRIETHYLENE GLYCOL'
11 non-polymer 1-(2-METHOXY-ETHOXY)-2-{2-[2-(2-METHOXY-ETHOXY]-ETHOXY}-ETHANE
12 water water
#
loop_
_entity_poly.entity_id
_entity_poly.type
_entity_poly.pdbx_seq_one_letter_code
_entity_poly.pdbx_strand_id
1 'polypeptide(L)'
;EQARPADDALAALGAQLFVDPALSRNATQSCATCHDPARAFTDPREGKAGLAVSVGDDGQSHGDRNTPTLGYAALVPAFH
RDANGKYKGGQFWDGRADDLKQQAGQPMLNPVEMAMPDRAAVAARLRDDPAYRTGFEALFGKGVLDDPERAFDAAAEALA
AYQATGEFSPFDSKYDRVMRGEEKFTPLEEFGYTVFITWNCRLCHMQRKQGVAERETFTNFEYHNIGLPVNETAREASGL
GADHVDHGLLARPGIEDPAQSGRFKVPSLRNVAVTGPYMHNGVFTDLRTAILFYNKYTSRRPEAKINPETGAPWGEPEVA
RNLSLAELQSGLMLDDGRVDALVAFLETLTDRRYEPLLEESRAAQKDHHHHHH
;
A,B
2 'polypeptide(L)'
;ADAPAGTDPRAKWVPQDNDIQACDYWRHCSIDGNICDCSGGSLTNCPPGTKLATAS(0AF)VASCYNPTDGQSYLIAYRD
CCGYNVSGRCPCLNTEGELPVYRPEFANDIIWCFGAEDDAMTYHCTISPIVGKASHHHHHH
;
C,E
3 'polypeptide(L)'
;DAPEAETQAQETQGQAAARAAAADLAAGQDDEPRILEAPAPDARRVYVNDPAHFAAVTQQFVIDGEAGRVIGMIDGGFLP
NPVVADDGSFIAHASTVFSRIARGERTDYVEVFDPVTLLPTADIELPDAPRFLVGTYPWMTSLTPDGKTLLFYQFSPAPA
VGVVDLEGKAFKRMLDVPDCYHIFPTAPDTFFMHCRDGSLAKVAFGTEGTPEITHTEVFHPEDEFLINHPAYSQKAGRLV
WPTYTGKIHQIDLSSGDAKFLPAVEALTEAERADGWRPGGWQQVAYHRALDRIYLLVDQRDEWRHKTASRFVVVLDAKTG
ERLAKFEMGHEIDSINVSQDEKPLLYALSTGDKTLYIHDAESGEELRSVNQLGHGPQVITTADMG
;
D,F
#
loop_
_chem_comp.id
_chem_comp.type
_chem_comp.name
_chem_comp.formula
ACT non-polymer 'ACETATE ION' 'C2 H3 O2 -1'
CA non-polymer 'CALCIUM ION' 'Ca 2'
EDO non-polymer 1,2-ETHANEDIOL 'C2 H6 O2'
HEC non-polymer 'HEME C' 'C34 H34 Fe N4 O4'
NA non-polymer 'SODIUM ION' 'Na 1'
NO non-polymer 'NITRIC OXIDE' 'N O'
PG6 non-polymer 1-(2-METHOXY-ETHOXY)-2-{2-[2-(2-METHOXY-ETHOXY]-ETHOXY}-ETHANE 'C12 H26 O6'
PGE non-polymer 'TRIETHYLENE GLYCOL' 'C6 H14 O4'
#
# COMPACT_ATOMS: atom_id res chain seq x y z
N ALA A 6 -58.13 -38.86 -12.29
CA ALA A 6 -57.57 -39.83 -11.30
C ALA A 6 -56.78 -39.13 -10.19
N ASP A 7 -56.28 -37.93 -10.49
CA ASP A 7 -55.46 -37.16 -9.54
C ASP A 7 -56.20 -36.86 -8.24
N ASP A 8 -57.49 -36.50 -8.34
CA ASP A 8 -58.32 -36.24 -7.18
C ASP A 8 -58.69 -37.53 -6.45
N ALA A 9 -59.04 -38.57 -7.22
CA ALA A 9 -59.39 -39.88 -6.68
C ALA A 9 -58.21 -40.55 -5.98
N LEU A 10 -57.02 -40.39 -6.55
CA LEU A 10 -55.80 -40.98 -6.00
C LEU A 10 -55.42 -40.36 -4.66
N ALA A 11 -55.51 -39.04 -4.59
CA ALA A 11 -55.25 -38.29 -3.36
C ALA A 11 -56.31 -38.58 -2.29
N ALA A 12 -57.55 -38.79 -2.72
CA ALA A 12 -58.63 -39.20 -1.82
C ALA A 12 -58.32 -40.57 -1.17
N LEU A 13 -57.84 -41.50 -1.98
CA LEU A 13 -57.42 -42.82 -1.50
C LEU A 13 -56.31 -42.71 -0.46
N GLY A 14 -55.26 -41.95 -0.78
CA GLY A 14 -54.17 -41.66 0.15
C GLY A 14 -54.63 -41.00 1.44
N ALA A 15 -55.66 -40.16 1.35
CA ALA A 15 -56.26 -39.51 2.51
C ALA A 15 -56.87 -40.51 3.48
N GLN A 16 -57.44 -41.57 2.91
CA GLN A 16 -58.01 -42.68 3.67
C GLN A 16 -56.89 -43.44 4.37
N LEU A 17 -55.85 -43.76 3.60
CA LEU A 17 -54.70 -44.53 4.07
C LEU A 17 -53.91 -43.81 5.17
N PHE A 18 -53.82 -42.50 5.05
CA PHE A 18 -53.04 -41.68 5.97
C PHE A 18 -53.50 -41.76 7.43
N VAL A 19 -54.80 -41.93 7.64
CA VAL A 19 -55.35 -42.02 9.00
C VAL A 19 -55.77 -43.45 9.38
N ASP A 20 -55.39 -44.43 8.58
CA ASP A 20 -55.79 -45.81 8.82
C ASP A 20 -54.73 -46.61 9.60
N PRO A 21 -55.05 -47.00 10.85
CA PRO A 21 -54.11 -47.78 11.67
C PRO A 21 -54.01 -49.24 11.24
N ALA A 22 -54.87 -49.65 10.31
CA ALA A 22 -54.82 -51.01 9.76
C ALA A 22 -53.49 -51.29 9.06
N LEU A 23 -52.71 -50.24 8.79
CA LEU A 23 -51.39 -50.35 8.15
C LEU A 23 -50.24 -50.52 9.16
N SER A 24 -50.60 -50.70 10.43
CA SER A 24 -49.61 -51.01 11.46
C SER A 24 -49.92 -52.38 12.02
N ARG A 25 -48.88 -53.06 12.51
CA ARG A 25 -48.98 -54.47 12.91
C ARG A 25 -50.11 -54.76 13.89
N ASN A 26 -50.21 -53.95 14.94
CA ASN A 26 -51.22 -54.14 15.97
C ASN A 26 -52.38 -53.15 15.84
N ALA A 27 -52.44 -52.46 14.70
CA ALA A 27 -53.45 -51.43 14.42
C ALA A 27 -53.59 -50.40 15.56
N THR A 28 -52.45 -49.90 16.04
CA THR A 28 -52.46 -48.87 17.06
C THR A 28 -52.10 -47.48 16.50
N GLN A 29 -51.46 -47.46 15.33
CA GLN A 29 -51.05 -46.18 14.73
C GLN A 29 -51.14 -46.11 13.21
N SER A 30 -51.36 -44.89 12.73
CA SER A 30 -51.37 -44.57 11.31
C SER A 30 -50.30 -43.53 11.05
N CYS A 31 -50.18 -43.07 9.79
CA CYS A 31 -49.31 -41.94 9.47
C CYS A 31 -49.65 -40.73 10.34
N ALA A 32 -50.95 -40.52 10.58
CA ALA A 32 -51.47 -39.37 11.31
C ALA A 32 -51.17 -39.40 12.81
N THR A 33 -50.86 -40.58 13.34
CA THR A 33 -50.45 -40.72 14.74
C THR A 33 -49.18 -39.92 15.01
N CYS A 34 -48.17 -40.14 14.17
CA CYS A 34 -46.90 -39.42 14.31
C CYS A 34 -46.89 -38.12 13.53
N HIS A 35 -47.58 -38.06 12.39
CA HIS A 35 -47.64 -36.83 11.60
C HIS A 35 -49.02 -36.21 11.78
N ASP A 36 -49.21 -35.63 12.96
CA ASP A 36 -50.52 -35.15 13.40
C ASP A 36 -50.92 -33.87 12.70
N PRO A 37 -51.97 -33.93 11.85
CA PRO A 37 -52.54 -32.76 11.16
C PRO A 37 -52.83 -31.57 12.09
N ALA A 38 -53.08 -31.84 13.36
CA ALA A 38 -53.32 -30.78 14.34
C ALA A 38 -52.03 -30.09 14.81
N ARG A 39 -50.90 -30.80 14.74
CA ARG A 39 -49.59 -30.21 15.08
C ARG A 39 -48.66 -30.08 13.86
N ALA A 40 -49.19 -29.55 12.76
CA ALA A 40 -48.47 -29.36 11.51
C ALA A 40 -47.81 -30.63 10.97
N PHE A 41 -48.49 -31.76 11.15
CA PHE A 41 -48.01 -33.07 10.69
C PHE A 41 -46.74 -33.51 11.42
N THR A 42 -46.71 -33.25 12.72
CA THR A 42 -45.65 -33.73 13.60
C THR A 42 -46.28 -34.39 14.84
N ASP A 43 -45.42 -34.85 15.75
CA ASP A 43 -45.84 -35.72 16.85
C ASP A 43 -45.94 -34.99 18.20
N PRO A 44 -47.18 -34.84 18.72
CA PRO A 44 -47.44 -34.20 20.00
C PRO A 44 -47.17 -35.11 21.22
N ARG A 45 -47.00 -36.41 20.97
CA ARG A 45 -46.91 -37.40 22.05
C ARG A 45 -45.58 -37.35 22.80
N GLU A 46 -45.68 -37.34 24.12
CA GLU A 46 -44.52 -37.39 25.02
C GLU A 46 -44.05 -38.84 25.17
N GLY A 47 -42.75 -39.06 25.08
CA GLY A 47 -42.16 -40.40 25.22
C GLY A 47 -41.01 -40.42 26.22
N LYS A 48 -40.18 -41.45 26.14
CA LYS A 48 -39.00 -41.56 27.02
C LYS A 48 -38.03 -40.37 26.92
N ALA A 49 -37.97 -39.75 25.74
CA ALA A 49 -37.08 -38.61 25.52
C ALA A 49 -37.83 -37.30 25.25
N GLY A 50 -39.05 -37.21 25.76
CA GLY A 50 -39.91 -36.06 25.52
C GLY A 50 -40.51 -36.14 24.13
N LEU A 51 -40.52 -35.01 23.44
CA LEU A 51 -41.06 -34.91 22.09
C LEU A 51 -39.97 -35.11 21.01
N ALA A 52 -38.74 -35.45 21.45
CA ALA A 52 -37.57 -35.53 20.58
C ALA A 52 -37.67 -36.65 19.54
N VAL A 53 -38.14 -37.82 19.97
CA VAL A 53 -38.32 -38.98 19.10
C VAL A 53 -39.70 -39.62 19.32
N SER A 54 -40.14 -40.41 18.34
CA SER A 54 -41.50 -40.96 18.34
C SER A 54 -41.57 -42.44 18.71
N VAL A 55 -42.67 -42.85 19.34
CA VAL A 55 -42.92 -44.26 19.68
C VAL A 55 -43.65 -44.96 18.53
N GLY A 56 -43.25 -46.19 18.23
CA GLY A 56 -43.88 -46.99 17.18
C GLY A 56 -45.11 -47.81 17.60
N ASP A 57 -45.51 -48.73 16.73
CA ASP A 57 -46.72 -49.54 16.90
C ASP A 57 -46.69 -50.45 18.14
N ASP A 58 -45.49 -50.89 18.52
CA ASP A 58 -45.36 -51.85 19.61
C ASP A 58 -45.52 -51.20 20.98
N GLY A 59 -45.52 -49.88 21.03
CA GLY A 59 -45.72 -49.13 22.26
C GLY A 59 -44.48 -48.92 23.10
N GLN A 60 -43.35 -49.49 22.68
CA GLN A 60 -42.09 -49.41 23.44
C GLN A 60 -40.95 -48.79 22.63
N SER A 61 -40.76 -49.26 21.39
CA SER A 61 -39.67 -48.79 20.53
C SER A 61 -39.76 -47.30 20.20
N HIS A 62 -38.66 -46.60 20.42
CA HIS A 62 -38.52 -45.20 20.02
C HIS A 62 -37.49 -45.09 18.89
N GLY A 63 -37.70 -44.13 18.00
CA GLY A 63 -36.72 -43.84 16.95
C GLY A 63 -35.52 -43.10 17.50
N ASP A 64 -34.54 -42.84 16.63
CA ASP A 64 -33.37 -42.06 16.98
C ASP A 64 -33.42 -40.67 16.36
N ARG A 65 -34.50 -40.40 15.61
CA ARG A 65 -34.65 -39.12 14.91
C ARG A 65 -36.02 -38.48 15.12
N ASN A 66 -36.04 -37.15 15.08
CA ASN A 66 -37.24 -36.36 15.23
C ASN A 66 -38.19 -36.52 14.05
N THR A 67 -39.48 -36.65 14.34
CA THR A 67 -40.51 -36.73 13.30
C THR A 67 -40.72 -35.35 12.70
N PRO A 68 -40.38 -35.18 11.41
CA PRO A 68 -40.52 -33.88 10.73
C PRO A 68 -41.92 -33.65 10.13
N THR A 69 -42.26 -32.39 9.90
CA THR A 69 -43.50 -32.03 9.21
C THR A 69 -43.60 -32.61 7.80
N LEU A 70 -44.82 -32.92 7.39
CA LEU A 70 -45.10 -33.33 6.02
C LEU A 70 -45.50 -32.13 5.19
N GLY A 71 -45.71 -31.01 5.86
CA GLY A 71 -46.04 -29.77 5.17
C GLY A 71 -44.89 -29.42 4.24
N TYR A 72 -45.23 -29.22 2.98
CA TYR A 72 -44.30 -28.68 1.97
C TYR A 72 -43.22 -29.65 1.48
N ALA A 73 -43.23 -30.88 2.01
CA ALA A 73 -42.26 -31.90 1.61
C ALA A 73 -42.42 -32.30 0.14
N ALA A 74 -43.64 -32.10 -0.38
CA ALA A 74 -43.95 -32.36 -1.80
C ALA A 74 -43.25 -31.41 -2.76
N LEU A 75 -42.61 -30.37 -2.23
CA LEU A 75 -41.91 -29.40 -3.06
C LEU A 75 -40.43 -29.74 -3.21
N VAL A 76 -39.96 -30.71 -2.43
CA VAL A 76 -38.59 -31.19 -2.49
C VAL A 76 -38.37 -32.02 -3.77
N PRO A 77 -37.31 -31.69 -4.54
CA PRO A 77 -36.99 -32.48 -5.73
C PRO A 77 -36.50 -33.88 -5.39
N ALA A 78 -36.60 -34.79 -6.36
CA ALA A 78 -36.09 -36.16 -6.24
C ALA A 78 -34.60 -36.12 -5.95
N PHE A 79 -34.13 -37.07 -5.14
CA PHE A 79 -32.72 -37.10 -4.76
C PHE A 79 -31.81 -37.20 -5.99
N HIS A 80 -30.79 -36.34 -6.01
CA HIS A 80 -29.77 -36.34 -7.06
C HIS A 80 -28.49 -35.63 -6.58
N ARG A 81 -27.46 -35.69 -7.41
CA ARG A 81 -26.23 -34.94 -7.20
C ARG A 81 -26.13 -33.91 -8.33
N ASP A 82 -26.00 -32.63 -7.97
CA ASP A 82 -25.98 -31.57 -8.99
C ASP A 82 -24.57 -31.35 -9.56
N ALA A 83 -24.45 -30.47 -10.55
CA ALA A 83 -23.17 -30.25 -11.22
C ALA A 83 -22.06 -29.70 -10.32
N ASN A 84 -22.44 -29.09 -9.19
CA ASN A 84 -21.47 -28.62 -8.20
C ASN A 84 -20.99 -29.72 -7.27
N GLY A 85 -21.43 -30.96 -7.51
CA GLY A 85 -21.04 -32.10 -6.68
C GLY A 85 -21.77 -32.22 -5.35
N LYS A 86 -22.76 -31.36 -5.14
CA LYS A 86 -23.53 -31.35 -3.90
C LYS A 86 -24.84 -32.14 -4.07
N TYR A 87 -25.10 -33.03 -3.11
CA TYR A 87 -26.34 -33.80 -3.13
C TYR A 87 -27.51 -32.92 -2.71
N LYS A 88 -28.66 -33.15 -3.34
CA LYS A 88 -29.85 -32.34 -3.18
C LYS A 88 -31.08 -33.23 -3.22
N GLY A 89 -32.08 -32.88 -2.39
CA GLY A 89 -33.40 -33.49 -2.48
C GLY A 89 -33.56 -34.78 -1.72
N GLY A 90 -34.58 -35.55 -2.11
CA GLY A 90 -34.94 -36.77 -1.42
C GLY A 90 -35.78 -36.51 -0.17
N GLN A 91 -35.98 -37.56 0.61
CA GLN A 91 -36.77 -37.50 1.84
C GLN A 91 -36.08 -38.30 2.95
N PHE A 92 -36.46 -38.00 4.20
CA PHE A 92 -35.77 -38.41 5.43
C PHE A 92 -34.63 -37.43 5.74
N TRP A 93 -34.32 -37.24 7.03
CA TRP A 93 -33.23 -36.36 7.44
C TRP A 93 -31.92 -36.72 6.73
N ASP A 94 -31.74 -38.01 6.44
CA ASP A 94 -30.52 -38.46 5.76
C ASP A 94 -30.69 -38.69 4.25
N GLY A 95 -31.86 -38.32 3.72
CA GLY A 95 -32.14 -38.44 2.28
C GLY A 95 -32.08 -39.83 1.67
N ARG A 96 -32.29 -40.86 2.49
CA ARG A 96 -32.16 -42.26 2.05
C ARG A 96 -33.28 -42.73 1.09
N ALA A 97 -34.40 -42.02 1.08
CA ALA A 97 -35.48 -42.25 0.10
C ALA A 97 -35.41 -41.22 -1.04
N ASP A 98 -35.57 -41.71 -2.27
CA ASP A 98 -35.46 -40.86 -3.47
C ASP A 98 -36.51 -39.76 -3.53
N ASP A 99 -37.73 -40.08 -3.12
CA ASP A 99 -38.85 -39.16 -3.22
C ASP A 99 -39.97 -39.62 -2.28
N LEU A 100 -41.13 -38.99 -2.37
CA LEU A 100 -42.26 -39.29 -1.47
C LEU A 100 -42.81 -40.70 -1.64
N LYS A 101 -42.86 -41.16 -2.90
CA LYS A 101 -43.31 -42.50 -3.21
C LYS A 101 -42.41 -43.57 -2.57
N GLN A 102 -41.10 -43.47 -2.82
CA GLN A 102 -40.16 -44.44 -2.25
CA GLN A 102 -40.15 -44.43 -2.25
C GLN A 102 -40.15 -44.38 -0.73
N GLN A 103 -40.47 -43.20 -0.19
CA GLN A 103 -40.50 -43.00 1.26
C GLN A 103 -41.68 -43.71 1.97
N ALA A 104 -42.88 -43.66 1.39
CA ALA A 104 -44.13 -44.01 2.11
C ALA A 104 -44.19 -45.42 2.70
N GLY A 105 -43.63 -46.39 1.98
CA GLY A 105 -43.66 -47.78 2.38
C GLY A 105 -42.72 -48.16 3.51
N GLN A 106 -41.71 -47.32 3.74
CA GLN A 106 -40.70 -47.59 4.76
C GLN A 106 -41.23 -47.57 6.22
N PRO A 107 -41.94 -46.48 6.62
CA PRO A 107 -42.54 -46.53 7.96
C PRO A 107 -43.47 -47.73 8.17
N MET A 108 -44.10 -48.20 7.09
CA MET A 108 -44.98 -49.37 7.16
C MET A 108 -44.23 -50.63 7.63
N LEU A 109 -43.05 -50.85 7.07
CA LEU A 109 -42.29 -52.07 7.30
C LEU A 109 -41.18 -51.94 8.36
N ASN A 110 -41.04 -50.75 8.92
CA ASN A 110 -40.05 -50.47 9.96
C ASN A 110 -40.51 -51.02 11.31
N PRO A 111 -39.75 -51.97 11.88
CA PRO A 111 -40.07 -52.56 13.19
C PRO A 111 -40.14 -51.56 14.35
N VAL A 112 -39.48 -50.41 14.23
CA VAL A 112 -39.55 -49.39 15.29
C VAL A 112 -40.69 -48.40 15.04
N GLU A 113 -41.31 -48.50 13.86
CA GLU A 113 -42.47 -47.69 13.54
C GLU A 113 -43.76 -48.54 13.45
N MET A 114 -44.33 -48.66 12.25
CA MET A 114 -45.61 -49.34 12.07
C MET A 114 -45.50 -50.87 12.15
N ALA A 115 -44.29 -51.36 11.85
CA ALA A 115 -43.89 -52.75 12.15
C ALA A 115 -44.64 -53.88 11.43
N MET A 116 -45.14 -53.60 10.23
CA MET A 116 -45.72 -54.68 9.41
C MET A 116 -44.59 -55.64 8.98
N PRO A 117 -44.84 -56.95 9.05
CA PRO A 117 -43.84 -57.97 8.72
C PRO A 117 -43.27 -57.82 7.31
N ASP A 118 -44.16 -57.66 6.33
CA ASP A 118 -43.79 -57.57 4.92
C ASP A 118 -44.89 -56.93 4.09
N ARG A 119 -44.64 -56.77 2.78
CA ARG A 119 -45.62 -56.20 1.85
C ARG A 119 -46.88 -57.05 1.75
N ALA A 120 -46.72 -58.37 1.85
CA ALA A 120 -47.85 -59.30 1.83
C ALA A 120 -48.81 -59.06 2.99
N ALA A 121 -48.27 -58.73 4.16
CA ALA A 121 -49.09 -58.42 5.34
C ALA A 121 -49.88 -57.12 5.14
N VAL A 122 -49.29 -56.16 4.42
CA VAL A 122 -49.94 -54.88 4.12
C VAL A 122 -51.12 -55.10 3.17
N ALA A 123 -50.86 -55.83 2.07
CA ALA A 123 -51.88 -56.15 1.06
C ALA A 123 -53.05 -56.90 1.66
N ALA A 124 -52.75 -57.84 2.56
CA ALA A 124 -53.78 -58.62 3.25
C ALA A 124 -54.74 -57.73 4.05
N ARG A 125 -54.20 -56.67 4.65
CA ARG A 125 -54.99 -55.74 5.44
C ARG A 125 -55.80 -54.83 4.52
N LEU A 126 -55.20 -54.45 3.40
CA LEU A 126 -55.88 -53.64 2.39
C LEU A 126 -57.06 -54.40 1.77
N ARG A 127 -56.87 -55.71 1.59
CA ARG A 127 -57.88 -56.60 1.02
C ARG A 127 -59.07 -56.82 1.96
N ASP A 128 -58.83 -56.69 3.26
CA ASP A 128 -59.87 -56.83 4.29
C ASP A 128 -60.88 -55.69 4.25
N ASP A 129 -60.55 -54.64 3.49
CA ASP A 129 -61.38 -53.45 3.43
C ASP A 129 -62.09 -53.38 2.08
N PRO A 130 -63.44 -53.48 2.09
CA PRO A 130 -64.21 -53.40 0.84
C PRO A 130 -64.02 -52.06 0.13
N ALA A 131 -63.86 -50.97 0.87
CA ALA A 131 -63.69 -49.65 0.27
C ALA A 131 -62.30 -49.45 -0.33
N TYR A 132 -61.32 -50.22 0.13
CA TYR A 132 -59.99 -50.24 -0.49
C TYR A 132 -60.01 -51.09 -1.76
N ARG A 133 -60.73 -52.20 -1.74
CA ARG A 133 -60.93 -52.99 -2.96
C ARG A 133 -61.58 -52.14 -4.07
N THR A 134 -62.60 -51.36 -3.71
CA THR A 134 -63.26 -50.44 -4.65
C THR A 134 -62.33 -49.32 -5.12
N GLY A 135 -61.78 -48.55 -4.16
CA GLY A 135 -60.88 -47.44 -4.46
C GLY A 135 -59.63 -47.82 -5.27
N PHE A 136 -58.88 -48.81 -4.78
CA PHE A 136 -57.67 -49.31 -5.46
C PHE A 136 -57.93 -49.90 -6.85
N GLU A 137 -58.91 -50.79 -6.95
CA GLU A 137 -59.20 -51.44 -8.23
C GLU A 137 -59.63 -50.46 -9.33
N ALA A 138 -60.35 -49.41 -8.94
CA ALA A 138 -60.78 -48.37 -9.87
C ALA A 138 -59.61 -47.55 -10.42
N LEU A 139 -58.52 -47.45 -9.65
CA LEU A 139 -57.35 -46.66 -10.06
C LEU A 139 -56.22 -47.46 -10.66
N PHE A 140 -56.06 -48.70 -10.19
CA PHE A 140 -54.92 -49.53 -10.59
C PHE A 140 -55.32 -50.81 -11.34
N GLY A 141 -56.61 -51.17 -11.26
CA GLY A 141 -57.11 -52.34 -11.96
C GLY A 141 -57.51 -53.46 -11.03
N LYS A 142 -58.28 -54.41 -11.57
CA LYS A 142 -58.82 -55.53 -10.78
C LYS A 142 -57.69 -56.44 -10.33
N GLY A 143 -57.76 -56.88 -9.07
CA GLY A 143 -56.77 -57.79 -8.49
C GLY A 143 -55.47 -57.15 -8.02
N VAL A 144 -55.41 -55.82 -8.04
CA VAL A 144 -54.22 -55.09 -7.58
C VAL A 144 -53.84 -55.45 -6.13
N LEU A 145 -54.85 -55.62 -5.27
CA LEU A 145 -54.64 -55.97 -3.86
C LEU A 145 -54.28 -57.44 -3.62
N ASP A 146 -54.45 -58.28 -4.64
CA ASP A 146 -54.05 -59.69 -4.55
C ASP A 146 -52.55 -59.85 -4.77
N ASP A 147 -51.95 -58.80 -5.34
CA ASP A 147 -50.52 -58.75 -5.61
C ASP A 147 -49.83 -57.87 -4.56
N PRO A 148 -49.05 -58.47 -3.65
CA PRO A 148 -48.36 -57.74 -2.57
C PRO A 148 -47.51 -56.57 -3.08
N GLU A 149 -46.77 -56.78 -4.17
CA GLU A 149 -45.92 -55.74 -4.76
C GLU A 149 -46.72 -54.59 -5.34
N ARG A 150 -47.83 -54.91 -6.00
CA ARG A 150 -48.66 -53.91 -6.68
C ARG A 150 -49.46 -53.10 -5.68
N ALA A 151 -49.99 -53.77 -4.67
CA ALA A 151 -50.79 -53.13 -3.62
C ALA A 151 -49.96 -52.14 -2.80
N PHE A 152 -48.81 -52.62 -2.34
CA PHE A 152 -47.85 -51.84 -1.57
C PHE A 152 -47.34 -50.63 -2.35
N ASP A 153 -46.97 -50.84 -3.62
CA ASP A 153 -46.57 -49.74 -4.49
C ASP A 153 -47.74 -48.78 -4.70
N ALA A 154 -48.95 -49.32 -4.83
CA ALA A 154 -50.14 -48.49 -5.08
C ALA A 154 -50.48 -47.64 -3.87
N ALA A 155 -50.30 -48.21 -2.68
CA ALA A 155 -50.54 -47.50 -1.42
C ALA A 155 -49.55 -46.36 -1.25
N ALA A 156 -48.30 -46.62 -1.62
CA ALA A 156 -47.24 -45.62 -1.63
C ALA A 156 -47.57 -44.45 -2.58
N GLU A 157 -48.01 -44.78 -3.80
CA GLU A 157 -48.45 -43.78 -4.79
C GLU A 157 -49.61 -42.90 -4.31
N ALA A 158 -50.62 -43.51 -3.69
CA ALA A 158 -51.77 -42.76 -3.17
C ALA A 158 -51.36 -41.80 -2.06
N LEU A 159 -50.55 -42.30 -1.12
CA LEU A 159 -50.05 -41.50 0.01
C LEU A 159 -49.22 -40.31 -0.45
N ALA A 160 -48.34 -40.56 -1.43
CA ALA A 160 -47.53 -39.51 -2.05
C ALA A 160 -48.39 -38.45 -2.75
N ALA A 161 -49.40 -38.92 -3.48
CA ALA A 161 -50.33 -38.04 -4.16
C ALA A 161 -51.12 -37.18 -3.16
N TYR A 162 -51.53 -37.79 -2.05
CA TYR A 162 -52.25 -37.08 -0.99
C TYR A 162 -51.40 -35.96 -0.39
N GLN A 163 -50.13 -36.27 -0.13
CA GLN A 163 -49.17 -35.29 0.41
C GLN A 163 -48.88 -34.12 -0.55
N ALA A 164 -49.15 -34.35 -1.83
CA ALA A 164 -48.93 -33.34 -2.88
C ALA A 164 -50.08 -32.36 -3.08
N THR A 165 -51.18 -32.53 -2.33
CA THR A 165 -52.33 -31.63 -2.44
C THR A 165 -52.07 -30.32 -1.73
N GLY A 166 -52.83 -29.29 -2.10
CA GLY A 166 -52.73 -27.97 -1.50
C GLY A 166 -52.86 -27.94 0.02
N GLU A 167 -53.55 -28.92 0.58
CA GLU A 167 -53.76 -29.00 2.03
C GLU A 167 -52.46 -29.13 2.83
N PHE A 168 -51.47 -29.82 2.26
CA PHE A 168 -50.14 -29.97 2.88
C PHE A 168 -49.23 -28.78 2.59
N SER A 169 -49.51 -28.05 1.52
CA SER A 169 -48.71 -26.89 1.10
C SER A 169 -49.58 -25.71 0.66
N PRO A 170 -50.29 -25.09 1.62
CA PRO A 170 -51.26 -24.05 1.26
C PRO A 170 -50.66 -22.68 0.93
N PHE A 171 -49.43 -22.43 1.35
CA PHE A 171 -48.79 -21.13 1.17
C PHE A 171 -49.72 -19.99 1.60
N ASP A 172 -50.26 -20.09 2.81
CA ASP A 172 -51.12 -19.05 3.36
C ASP A 172 -50.58 -18.45 4.67
N SER A 173 -49.27 -18.59 4.86
CA SER A 173 -48.58 -18.01 6.00
C SER A 173 -48.63 -16.47 5.91
N LYS A 174 -48.34 -15.80 7.02
CA LYS A 174 -48.27 -14.33 7.00
C LYS A 174 -47.24 -13.91 5.97
N TYR A 175 -46.12 -14.64 5.93
CA TYR A 175 -45.07 -14.39 4.96
C TYR A 175 -45.63 -14.35 3.54
N ASP A 176 -46.47 -15.34 3.21
CA ASP A 176 -47.09 -15.45 1.89
C ASP A 176 -48.01 -14.27 1.59
N ARG A 177 -48.80 -13.89 2.60
CA ARG A 177 -49.73 -12.78 2.50
C ARG A 177 -48.97 -11.47 2.29
N VAL A 178 -47.86 -11.31 3.01
CA VAL A 178 -47.02 -10.13 2.89
C VAL A 178 -46.35 -10.04 1.51
N MET A 179 -45.89 -11.17 0.99
CA MET A 179 -45.29 -11.19 -0.36
C MET A 179 -46.29 -10.96 -1.51
N ARG A 180 -47.58 -11.13 -1.21
CA ARG A 180 -48.66 -10.87 -2.18
C ARG A 180 -49.17 -9.43 -2.05
N GLY A 181 -48.48 -8.64 -1.23
CA GLY A 181 -48.84 -7.25 -0.98
C GLY A 181 -50.15 -7.08 -0.25
N GLU A 182 -50.59 -8.15 0.41
CA GLU A 182 -51.88 -8.17 1.09
C GLU A 182 -51.83 -7.55 2.49
N GLU A 183 -50.69 -7.71 3.16
CA GLU A 183 -50.43 -6.98 4.41
C GLU A 183 -48.94 -6.67 4.56
N LYS A 184 -48.56 -6.02 5.67
CA LYS A 184 -47.17 -5.66 5.94
C LYS A 184 -46.66 -6.42 7.16
N PHE A 185 -45.35 -6.64 7.21
CA PHE A 185 -44.71 -7.11 8.43
C PHE A 185 -44.80 -6.01 9.50
N THR A 186 -44.77 -6.41 10.76
CA THR A 186 -44.51 -5.46 11.85
C THR A 186 -43.04 -5.04 11.77
N PRO A 187 -42.66 -3.94 12.46
CA PRO A 187 -41.24 -3.60 12.50
C PRO A 187 -40.35 -4.77 12.91
N LEU A 188 -40.67 -5.45 14.00
CA LEU A 188 -39.87 -6.58 14.48
C LEU A 188 -39.77 -7.69 13.42
N GLU A 189 -40.91 -8.03 12.82
CA GLU A 189 -40.97 -9.01 11.74
C GLU A 189 -40.14 -8.62 10.51
N GLU A 190 -40.22 -7.36 10.12
CA GLU A 190 -39.46 -6.88 8.95
C GLU A 190 -37.97 -6.90 9.23
N PHE A 191 -37.57 -6.49 10.44
CA PHE A 191 -36.19 -6.59 10.90
C PHE A 191 -35.70 -8.05 10.83
N GLY A 192 -36.52 -8.99 11.30
CA GLY A 192 -36.19 -10.41 11.27
C GLY A 192 -35.94 -10.99 9.88
N TYR A 193 -36.78 -10.60 8.93
CA TYR A 193 -36.65 -10.96 7.52
C TYR A 193 -35.35 -10.41 6.94
N THR A 194 -35.07 -9.14 7.25
CA THR A 194 -33.86 -8.46 6.79
C THR A 194 -32.61 -9.20 7.30
N VAL A 195 -32.64 -9.59 8.58
CA VAL A 195 -31.54 -10.33 9.17
C VAL A 195 -31.41 -11.70 8.52
N PHE A 196 -32.55 -12.35 8.31
CA PHE A 196 -32.56 -13.68 7.67
C PHE A 196 -31.87 -13.66 6.30
N ILE A 197 -32.23 -12.69 5.46
CA ILE A 197 -31.70 -12.66 4.09
C ILE A 197 -30.29 -12.06 3.95
N THR A 198 -29.82 -11.37 4.98
CA THR A 198 -28.50 -10.72 4.92
C THR A 198 -27.43 -11.47 5.71
N TRP A 199 -27.87 -12.26 6.69
CA TRP A 199 -26.95 -13.08 7.47
C TRP A 199 -26.84 -14.45 6.81
N ASN A 200 -26.07 -15.35 7.43
CA ASN A 200 -25.77 -16.64 6.82
C ASN A 200 -26.96 -17.57 6.55
N CYS A 201 -28.08 -17.34 7.24
CA CYS A 201 -29.30 -18.16 7.13
C CYS A 201 -29.73 -18.44 5.69
N ARG A 202 -29.62 -17.44 4.82
CA ARG A 202 -30.13 -17.55 3.47
C ARG A 202 -29.23 -18.37 2.54
N LEU A 203 -28.02 -18.69 2.99
CA LEU A 203 -27.09 -19.56 2.23
C LEU A 203 -27.55 -21.01 2.21
N CYS A 204 -28.46 -21.36 3.13
CA CYS A 204 -28.98 -22.70 3.24
C CYS A 204 -30.51 -22.77 3.26
N HIS A 205 -31.14 -21.79 3.92
CA HIS A 205 -32.60 -21.78 4.07
C HIS A 205 -33.34 -20.89 3.05
N MET A 206 -32.84 -20.88 1.82
CA MET A 206 -33.52 -20.26 0.69
C MET A 206 -33.38 -21.22 -0.48
N GLN A 207 -34.43 -21.35 -1.29
CA GLN A 207 -34.44 -22.28 -2.41
C GLN A 207 -33.30 -21.98 -3.41
N ARG A 208 -33.21 -20.71 -3.80
CA ARG A 208 -32.28 -20.29 -4.83
C ARG A 208 -31.08 -19.58 -4.23
N LYS A 209 -30.00 -19.54 -5.00
CA LYS A 209 -28.85 -18.72 -4.67
C LYS A 209 -29.19 -17.24 -4.91
N GLN A 210 -29.91 -16.98 -5.99
CA GLN A 210 -30.33 -15.63 -6.37
C GLN A 210 -31.61 -15.63 -7.21
N GLY A 211 -32.22 -14.46 -7.36
CA GLY A 211 -33.55 -14.35 -7.97
C GLY A 211 -34.65 -14.64 -6.97
N VAL A 212 -35.86 -14.82 -7.48
CA VAL A 212 -37.05 -14.99 -6.66
C VAL A 212 -37.67 -16.36 -6.89
N ALA A 213 -37.92 -17.10 -5.81
CA ALA A 213 -38.57 -18.40 -5.89
C ALA A 213 -40.10 -18.25 -5.95
N GLU A 214 -40.72 -19.03 -6.83
CA GLU A 214 -42.18 -19.02 -6.99
C GLU A 214 -42.89 -19.63 -5.76
N ARG A 215 -42.34 -20.72 -5.26
CA ARG A 215 -42.92 -21.41 -4.11
C ARG A 215 -41.86 -21.66 -3.02
N GLU A 216 -41.42 -20.57 -2.39
CA GLU A 216 -40.35 -20.63 -1.38
C GLU A 216 -40.72 -21.52 -0.20
N THR A 217 -39.85 -22.48 0.12
CA THR A 217 -40.01 -23.28 1.34
C THR A 217 -38.84 -23.16 2.34
N PHE A 218 -37.95 -22.21 2.09
CA PHE A 218 -36.88 -21.86 3.04
C PHE A 218 -35.94 -23.03 3.35
N THR A 219 -35.46 -23.62 2.25
CA THR A 219 -34.47 -24.68 2.27
C THR A 219 -33.93 -24.82 0.84
N ASN A 220 -32.63 -25.05 0.70
CA ASN A 220 -32.04 -25.28 -0.62
C ASN A 220 -31.97 -26.77 -0.99
N PHE A 221 -32.55 -27.61 -0.14
CA PHE A 221 -32.58 -29.08 -0.31
C PHE A 221 -31.20 -29.76 -0.18
N GLU A 222 -30.20 -28.99 0.27
CA GLU A 222 -28.84 -29.47 0.41
C GLU A 222 -28.62 -30.22 1.72
N TYR A 223 -27.40 -30.72 1.88
CA TYR A 223 -27.04 -31.55 3.03
C TYR A 223 -25.83 -30.94 3.72
N HIS A 224 -26.00 -30.66 5.01
CA HIS A 224 -24.98 -29.97 5.78
C HIS A 224 -24.83 -30.57 7.16
N ASN A 225 -23.58 -30.66 7.61
CA ASN A 225 -23.28 -30.97 8.99
C ASN A 225 -23.09 -29.66 9.75
N ILE A 226 -24.04 -29.32 10.62
CA ILE A 226 -23.91 -28.11 11.46
C ILE A 226 -23.33 -28.40 12.87
N GLY A 227 -22.77 -29.60 13.03
CA GLY A 227 -21.99 -29.94 14.22
C GLY A 227 -22.78 -30.08 15.51
N LEU A 228 -24.02 -30.57 15.40
CA LEU A 228 -24.89 -30.78 16.56
C LEU A 228 -24.38 -31.91 17.45
N PRO A 229 -24.60 -31.79 18.77
CA PRO A 229 -24.23 -32.88 19.68
C PRO A 229 -25.28 -33.99 19.67
N VAL A 230 -24.96 -35.12 20.28
CA VAL A 230 -25.93 -36.20 20.49
C VAL A 230 -27.03 -35.74 21.43
N ASN A 231 -28.27 -36.13 21.14
CA ASN A 231 -29.37 -35.99 22.09
C ASN A 231 -29.35 -37.22 22.99
N GLU A 232 -28.77 -37.03 24.18
CA GLU A 232 -28.49 -38.10 25.14
C GLU A 232 -29.69 -38.99 25.46
N THR A 233 -30.80 -38.38 25.88
CA THR A 233 -31.98 -39.17 26.28
C THR A 233 -32.66 -39.81 25.08
N ALA A 234 -32.69 -39.12 23.94
CA ALA A 234 -33.26 -39.67 22.72
C ALA A 234 -32.44 -40.87 22.25
N ARG A 235 -31.12 -40.71 22.18
CA ARG A 235 -30.23 -41.80 21.82
C ARG A 235 -30.39 -42.99 22.78
N GLU A 236 -30.49 -42.69 24.07
CA GLU A 236 -30.77 -43.70 25.08
C GLU A 236 -32.10 -44.39 24.78
N ALA A 237 -33.14 -43.61 24.51
CA ALA A 237 -34.47 -44.16 24.22
C ALA A 237 -34.51 -44.96 22.92
N SER A 238 -33.66 -44.60 21.96
CA SER A 238 -33.64 -45.26 20.65
C SER A 238 -33.21 -46.72 20.74
N GLY A 239 -32.40 -47.04 21.75
CA GLY A 239 -31.91 -48.40 21.95
C GLY A 239 -30.74 -48.74 21.05
N LEU A 240 -30.30 -47.76 20.25
CA LEU A 240 -29.24 -47.96 19.26
C LEU A 240 -27.85 -48.07 19.88
N GLY A 241 -27.70 -47.56 21.10
CA GLY A 241 -26.47 -47.72 21.86
C GLY A 241 -25.59 -46.50 21.91
N ALA A 242 -24.87 -46.35 23.02
CA ALA A 242 -23.89 -45.28 23.23
C ALA A 242 -22.75 -45.32 22.19
N ASP A 243 -22.44 -46.53 21.72
CA ASP A 243 -21.45 -46.75 20.66
C ASP A 243 -21.88 -46.20 19.29
N HIS A 244 -23.19 -46.02 19.12
CA HIS A 244 -23.76 -45.64 17.82
C HIS A 244 -23.44 -44.21 17.40
N VAL A 245 -23.18 -44.05 16.10
CA VAL A 245 -22.97 -42.73 15.50
C VAL A 245 -23.91 -42.59 14.30
N ASP A 246 -24.70 -41.53 14.32
CA ASP A 246 -25.56 -41.17 13.20
C ASP A 246 -24.75 -40.42 12.14
N HIS A 247 -24.47 -41.10 11.03
CA HIS A 247 -23.66 -40.54 9.94
C HIS A 247 -24.45 -39.78 8.89
N GLY A 248 -25.75 -39.57 9.15
CA GLY A 248 -26.61 -38.83 8.23
C GLY A 248 -26.57 -39.38 6.81
N LEU A 249 -26.31 -38.50 5.84
CA LEU A 249 -26.37 -38.87 4.42
C LEU A 249 -25.49 -40.07 4.04
N LEU A 250 -24.36 -40.24 4.72
CA LEU A 250 -23.49 -41.38 4.43
C LEU A 250 -24.23 -42.71 4.59
N ALA A 251 -25.22 -42.73 5.48
CA ALA A 251 -26.11 -43.88 5.67
C ALA A 251 -26.90 -44.29 4.41
N ARG A 252 -27.21 -43.32 3.55
CA ARG A 252 -27.91 -43.64 2.31
C ARG A 252 -27.16 -44.66 1.46
N PRO A 253 -27.82 -45.78 1.13
CA PRO A 253 -27.25 -46.79 0.23
C PRO A 253 -26.85 -46.15 -1.09
N GLY A 254 -25.60 -46.36 -1.50
CA GLY A 254 -25.05 -45.74 -2.70
C GLY A 254 -24.18 -44.53 -2.41
N ILE A 255 -24.37 -43.90 -1.26
CA ILE A 255 -23.48 -42.83 -0.83
C ILE A 255 -22.25 -43.44 -0.17
N GLU A 256 -21.08 -43.18 -0.75
CA GLU A 256 -19.83 -43.76 -0.27
C GLU A 256 -18.83 -42.67 0.09
N ASP A 257 -19.10 -41.46 -0.39
CA ASP A 257 -18.23 -40.30 -0.21
C ASP A 257 -18.07 -39.94 1.27
N PRO A 258 -16.83 -40.06 1.81
CA PRO A 258 -16.54 -39.76 3.22
C PRO A 258 -16.92 -38.33 3.63
N ALA A 259 -16.89 -37.40 2.69
CA ALA A 259 -17.25 -36.01 2.94
C ALA A 259 -18.74 -35.83 3.28
N GLN A 260 -19.55 -36.87 3.10
CA GLN A 260 -20.98 -36.78 3.37
C GLN A 260 -21.38 -37.17 4.80
N SER A 261 -20.43 -37.80 5.53
CA SER A 261 -20.65 -38.22 6.91
C SER A 261 -21.05 -37.08 7.85
N GLY A 262 -22.16 -37.27 8.57
CA GLY A 262 -22.65 -36.27 9.53
C GLY A 262 -23.48 -35.13 8.95
N ARG A 263 -23.72 -35.17 7.64
CA ARG A 263 -24.56 -34.16 6.97
C ARG A 263 -26.01 -34.62 6.97
N PHE A 264 -26.92 -33.64 7.06
CA PHE A 264 -28.37 -33.89 7.03
C PHE A 264 -29.06 -32.93 6.08
N LYS A 265 -30.28 -33.28 5.67
CA LYS A 265 -31.08 -32.43 4.80
C LYS A 265 -31.48 -31.15 5.52
N VAL A 266 -31.22 -30.01 4.89
CA VAL A 266 -31.69 -28.71 5.37
C VAL A 266 -33.21 -28.76 5.44
N PRO A 267 -33.78 -28.65 6.64
CA PRO A 267 -35.23 -28.68 6.80
C PRO A 267 -35.87 -27.40 6.25
N SER A 268 -37.12 -27.50 5.80
CA SER A 268 -37.90 -26.31 5.48
C SER A 268 -38.29 -25.61 6.78
N LEU A 269 -38.20 -24.29 6.81
CA LEU A 269 -38.51 -23.53 8.03
C LEU A 269 -39.99 -23.19 8.16
N ARG A 270 -40.81 -23.61 7.20
CA ARG A 270 -42.25 -23.40 7.29
C ARG A 270 -42.83 -24.18 8.47
N ASN A 271 -43.66 -23.48 9.25
CA ASN A 271 -44.25 -24.00 10.49
C ASN A 271 -43.24 -24.33 11.59
N VAL A 272 -42.02 -23.83 11.46
CA VAL A 272 -40.96 -24.13 12.44
C VAL A 272 -41.37 -23.72 13.87
N ALA A 273 -42.12 -22.63 13.99
CA ALA A 273 -42.54 -22.14 15.30
C ALA A 273 -43.47 -23.11 16.06
N VAL A 274 -44.15 -23.99 15.34
CA VAL A 274 -45.07 -24.95 15.97
C VAL A 274 -44.62 -26.43 15.89
N THR A 275 -43.41 -26.68 15.39
CA THR A 275 -42.91 -28.05 15.18
C THR A 275 -41.69 -28.43 16.03
N GLY A 276 -41.59 -27.86 17.22
CA GLY A 276 -40.53 -28.20 18.17
C GLY A 276 -40.72 -29.61 18.70
N PRO A 277 -39.65 -30.24 19.22
CA PRO A 277 -38.29 -29.71 19.35
C PRO A 277 -37.51 -29.74 18.02
N TYR A 278 -36.29 -29.23 18.03
CA TYR A 278 -35.63 -28.91 16.77
C TYR A 278 -34.43 -29.79 16.44
N MET A 279 -34.07 -29.79 15.16
CA MET A 279 -32.96 -30.58 14.61
C MET A 279 -33.32 -32.06 14.44
N HIS A 280 -32.42 -32.81 13.81
CA HIS A 280 -32.68 -34.18 13.37
C HIS A 280 -32.94 -35.12 14.54
N ASN A 281 -32.42 -34.77 15.71
CA ASN A 281 -32.58 -35.56 16.94
C ASN A 281 -33.43 -34.86 18.02
N GLY A 282 -34.11 -33.77 17.63
CA GLY A 282 -34.99 -33.03 18.53
C GLY A 282 -34.33 -32.55 19.81
N VAL A 283 -33.03 -32.27 19.74
CA VAL A 283 -32.24 -31.91 20.93
C VAL A 283 -32.67 -30.60 21.60
N PHE A 284 -33.11 -29.62 20.81
CA PHE A 284 -33.54 -28.33 21.37
C PHE A 284 -35.05 -28.16 21.34
N THR A 285 -35.63 -27.92 22.51
CA THR A 285 -37.07 -27.76 22.65
C THR A 285 -37.57 -26.41 22.10
N ASP A 286 -36.77 -25.36 22.32
CA ASP A 286 -37.21 -23.99 22.02
C ASP A 286 -36.63 -23.47 20.71
N LEU A 287 -37.41 -22.68 19.99
CA LEU A 287 -36.99 -22.11 18.70
C LEU A 287 -35.78 -21.20 18.88
N ARG A 288 -35.82 -20.39 19.93
CA ARG A 288 -34.74 -19.47 20.27
C ARG A 288 -33.40 -20.20 20.45
N THR A 289 -33.44 -21.36 21.10
CA THR A 289 -32.25 -22.19 21.29
C THR A 289 -31.64 -22.61 19.94
N ALA A 290 -32.50 -23.04 19.02
CA ALA A 290 -32.06 -23.44 17.68
C ALA A 290 -31.32 -22.30 16.98
N ILE A 291 -31.89 -21.09 17.06
CA ILE A 291 -31.24 -19.88 16.55
C ILE A 291 -29.90 -19.60 17.26
N LEU A 292 -29.91 -19.63 18.59
CA LEU A 292 -28.72 -19.33 19.40
C LEU A 292 -27.58 -20.34 19.17
N PHE A 293 -27.91 -21.57 18.79
CA PHE A 293 -26.89 -22.57 18.46
C PHE A 293 -25.92 -22.03 17.41
N TYR A 294 -26.44 -21.24 16.48
CA TYR A 294 -25.61 -20.69 15.40
C TYR A 294 -24.55 -19.70 15.87
N ASN A 295 -24.86 -18.97 16.95
CA ASN A 295 -23.89 -18.07 17.58
C ASN A 295 -22.63 -18.76 18.09
N LYS A 296 -22.69 -20.07 18.33
CA LYS A 296 -21.54 -20.78 18.88
C LYS A 296 -20.33 -20.72 17.95
N TYR A 297 -20.60 -20.50 16.67
CA TYR A 297 -19.54 -20.45 15.66
C TYR A 297 -19.05 -19.04 15.40
N THR A 298 -19.72 -18.04 15.97
CA THR A 298 -19.44 -16.63 15.64
C THR A 298 -19.11 -15.76 16.84
N SER A 299 -19.77 -16.02 17.96
CA SER A 299 -19.67 -15.19 19.14
C SER A 299 -18.47 -15.59 20.00
N ARG A 300 -17.80 -14.60 20.57
CA ARG A 300 -16.68 -14.83 21.48
C ARG A 300 -17.11 -14.73 22.95
N ARG A 301 -18.34 -14.27 23.16
CA ARG A 301 -18.97 -14.23 24.48
C ARG A 301 -19.11 -15.64 25.06
N PRO A 302 -18.73 -15.82 26.34
CA PRO A 302 -18.78 -17.12 27.00
C PRO A 302 -20.17 -17.75 27.02
N GLU A 303 -21.21 -16.92 27.07
CA GLU A 303 -22.60 -17.40 27.04
C GLU A 303 -22.95 -18.18 25.76
N ALA A 304 -22.23 -17.90 24.67
CA ALA A 304 -22.48 -18.55 23.39
C ALA A 304 -22.06 -20.02 23.36
N LYS A 305 -21.20 -20.41 24.31
CA LYS A 305 -20.75 -21.80 24.44
C LYS A 305 -21.77 -22.65 25.20
N ILE A 306 -22.74 -21.98 25.82
CA ILE A 306 -23.66 -22.62 26.75
C ILE A 306 -25.06 -22.77 26.13
N ASN A 307 -25.57 -24.00 26.17
CA ASN A 307 -26.97 -24.27 25.83
C ASN A 307 -27.85 -23.69 26.95
N PRO A 308 -28.71 -22.69 26.61
CA PRO A 308 -29.52 -22.03 27.64
C PRO A 308 -30.58 -22.94 28.23
N GLU A 309 -30.91 -24.01 27.52
CA GLU A 309 -31.81 -25.04 28.02
C GLU A 309 -31.18 -25.94 29.10
N THR A 310 -29.85 -26.03 29.12
CA THR A 310 -29.15 -26.90 30.08
C THR A 310 -28.25 -26.14 31.07
N GLY A 311 -27.72 -25.01 30.64
CA GLY A 311 -26.74 -24.26 31.45
C GLY A 311 -25.36 -24.89 31.34
N ALA A 312 -25.25 -25.91 30.48
CA ALA A 312 -23.99 -26.62 30.26
C ALA A 312 -23.51 -26.42 28.82
N PRO A 313 -22.21 -26.68 28.56
CA PRO A 313 -21.73 -26.61 27.17
C PRO A 313 -22.60 -27.44 26.20
N TRP A 314 -22.80 -26.92 24.99
CA TRP A 314 -23.62 -27.59 23.97
C TRP A 314 -23.29 -29.08 23.87
N GLY A 315 -22.00 -29.37 23.86
CA GLY A 315 -21.49 -30.73 23.66
C GLY A 315 -20.75 -30.82 22.35
N GLU A 316 -19.80 -31.74 22.28
CA GLU A 316 -19.02 -31.95 21.06
C GLU A 316 -19.91 -32.48 19.93
N PRO A 317 -19.56 -32.16 18.66
CA PRO A 317 -20.38 -32.67 17.56
C PRO A 317 -20.37 -34.19 17.55
N GLU A 318 -21.49 -34.78 17.16
CA GLU A 318 -21.59 -36.23 17.03
C GLU A 318 -20.61 -36.73 15.95
N VAL A 319 -20.47 -35.92 14.89
CA VAL A 319 -19.53 -36.18 13.81
C VAL A 319 -18.66 -34.93 13.63
N ALA A 320 -17.39 -35.03 14.03
CA ALA A 320 -16.48 -33.89 14.04
C ALA A 320 -15.68 -33.73 12.72
N ARG A 321 -16.38 -33.86 11.61
CA ARG A 321 -15.83 -33.57 10.29
C ARG A 321 -16.93 -33.15 9.34
N ASN A 322 -16.54 -32.55 8.21
CA ASN A 322 -17.47 -32.08 7.19
C ASN A 322 -18.40 -30.97 7.67
N LEU A 323 -18.00 -30.29 8.75
CA LEU A 323 -18.72 -29.11 9.26
C LEU A 323 -18.76 -28.03 8.19
N SER A 324 -19.91 -27.41 8.00
CA SER A 324 -20.04 -26.33 7.02
C SER A 324 -19.49 -25.02 7.56
N LEU A 325 -18.19 -25.02 7.85
CA LEU A 325 -17.54 -23.90 8.54
C LEU A 325 -17.53 -22.59 7.76
N ALA A 326 -17.36 -22.69 6.44
CA ALA A 326 -17.40 -21.53 5.54
C ALA A 326 -18.72 -20.77 5.65
N GLU A 327 -19.82 -21.51 5.73
CA GLU A 327 -21.14 -20.93 5.89
C GLU A 327 -21.40 -20.50 7.32
N LEU A 328 -20.97 -21.32 8.28
CA LEU A 328 -21.27 -21.10 9.70
C LEU A 328 -20.41 -20.05 10.37
N GLN A 329 -19.13 -19.96 10.01
CA GLN A 329 -18.21 -18.98 10.60
C GLN A 329 -18.29 -17.65 9.84
N SER A 330 -19.38 -16.92 10.08
CA SER A 330 -19.71 -15.72 9.31
C SER A 330 -19.03 -14.44 9.79
N GLY A 331 -18.44 -14.48 10.98
CA GLY A 331 -17.80 -13.30 11.58
C GLY A 331 -18.73 -12.34 12.31
N LEU A 332 -20.02 -12.67 12.39
CA LEU A 332 -20.98 -11.79 13.05
C LEU A 332 -21.90 -12.54 14.02
N MET A 333 -21.96 -12.05 15.25
CA MET A 333 -22.78 -12.61 16.32
C MET A 333 -24.18 -11.99 16.30
N LEU A 334 -25.19 -12.81 16.52
CA LEU A 334 -26.57 -12.34 16.65
C LEU A 334 -26.81 -11.94 18.10
N ASP A 335 -27.06 -10.64 18.31
CA ASP A 335 -27.44 -10.14 19.64
C ASP A 335 -28.87 -10.59 19.96
N ASP A 336 -29.29 -10.37 21.20
CA ASP A 336 -30.63 -10.76 21.64
C ASP A 336 -31.74 -10.10 20.82
N GLY A 337 -31.55 -8.83 20.48
CA GLY A 337 -32.48 -8.09 19.62
C GLY A 337 -32.69 -8.74 18.26
N ARG A 338 -31.61 -9.23 17.66
CA ARG A 338 -31.71 -9.91 16.36
C ARG A 338 -32.29 -11.31 16.46
N VAL A 339 -32.03 -11.99 17.58
CA VAL A 339 -32.63 -13.28 17.86
C VAL A 339 -34.16 -13.13 17.95
N ASP A 340 -34.61 -12.14 18.73
CA ASP A 340 -36.02 -11.75 18.84
C ASP A 340 -36.66 -11.51 17.48
N ALA A 341 -35.96 -10.77 16.63
CA ALA A 341 -36.44 -10.44 15.29
C ALA A 341 -36.58 -11.68 14.42
N LEU A 342 -35.56 -12.54 14.45
CA LEU A 342 -35.60 -13.81 13.73
C LEU A 342 -36.74 -14.70 14.20
N VAL A 343 -36.96 -14.76 15.50
CA VAL A 343 -38.09 -15.52 16.05
C VAL A 343 -39.39 -14.97 15.48
N ALA A 344 -39.53 -13.64 15.50
CA ALA A 344 -40.71 -12.96 14.99
C ALA A 344 -40.95 -13.24 13.50
N PHE A 345 -39.86 -13.23 12.73
CA PHE A 345 -39.93 -13.59 11.32
C PHE A 345 -40.34 -15.03 11.08
N LEU A 346 -39.69 -15.97 11.77
CA LEU A 346 -39.98 -17.40 11.57
C LEU A 346 -41.42 -17.76 11.93
N GLU A 347 -41.94 -17.08 12.96
CA GLU A 347 -43.35 -17.18 13.32
C GLU A 347 -44.29 -16.81 12.15
N THR A 348 -43.83 -15.98 11.22
CA THR A 348 -44.65 -15.63 10.04
C THR A 348 -44.67 -16.73 8.98
N LEU A 349 -43.90 -17.80 9.18
CA LEU A 349 -43.90 -18.93 8.24
C LEU A 349 -44.89 -20.01 8.68
N THR A 350 -45.72 -19.67 9.65
CA THR A 350 -46.77 -20.55 10.15
C THR A 350 -47.99 -20.48 9.23
N ASP A 351 -48.41 -21.62 8.70
CA ASP A 351 -49.66 -21.71 7.92
C ASP A 351 -50.82 -21.10 8.70
N ARG A 352 -51.83 -20.60 7.97
CA ARG A 352 -52.96 -19.93 8.58
C ARG A 352 -53.59 -20.77 9.70
N ARG A 353 -53.96 -22.01 9.38
CA ARG A 353 -54.65 -22.90 10.33
C ARG A 353 -53.86 -23.23 11.62
N TYR A 354 -52.55 -22.98 11.63
CA TYR A 354 -51.76 -23.20 12.85
C TYR A 354 -51.40 -21.92 13.60
N GLU A 355 -51.93 -20.78 13.15
CA GLU A 355 -51.73 -19.52 13.84
C GLU A 355 -52.27 -19.53 15.29
N PRO A 356 -53.40 -20.22 15.54
CA PRO A 356 -53.86 -20.42 16.92
C PRO A 356 -52.86 -21.22 17.79
N LEU A 357 -52.04 -22.06 17.16
CA LEU A 357 -51.00 -22.83 17.85
C LEU A 357 -49.84 -21.96 18.32
N LEU A 358 -49.71 -20.78 17.71
CA LEU A 358 -48.61 -19.87 17.99
C LEU A 358 -48.64 -19.35 19.43
N GLU A 359 -49.84 -19.30 20.02
CA GLU A 359 -49.99 -18.93 21.43
C GLU A 359 -50.12 -20.17 22.30
N ALA B 6 54.56 46.70 3.12
CA ALA B 6 54.30 46.05 4.43
C ALA B 6 53.64 44.68 4.27
N ASP B 7 52.66 44.58 3.37
CA ASP B 7 52.04 43.29 3.05
C ASP B 7 53.03 42.41 2.27
N ASP B 8 53.69 42.99 1.26
CA ASP B 8 54.75 42.29 0.53
C ASP B 8 55.96 41.99 1.44
N ALA B 9 56.32 42.95 2.28
CA ALA B 9 57.48 42.83 3.18
C ALA B 9 57.30 41.75 4.26
N LEU B 10 56.14 41.74 4.92
CA LEU B 10 55.83 40.72 5.93
C LEU B 10 55.99 39.32 5.35
N ALA B 11 55.39 39.09 4.19
CA ALA B 11 55.49 37.82 3.47
C ALA B 11 56.93 37.49 3.08
N ALA B 12 57.69 38.50 2.67
CA ALA B 12 59.08 38.33 2.27
C ALA B 12 59.93 37.88 3.45
N LEU B 13 59.67 38.46 4.63
CA LEU B 13 60.34 38.03 5.85
C LEU B 13 60.03 36.56 6.15
N GLY B 14 58.75 36.21 6.05
CA GLY B 14 58.29 34.83 6.21
C GLY B 14 58.99 33.88 5.25
N ALA B 15 59.08 34.29 3.98
CA ALA B 15 59.84 33.53 2.98
C ALA B 15 61.25 33.18 3.47
N GLN B 16 61.88 34.11 4.18
CA GLN B 16 63.26 33.91 4.67
C GLN B 16 63.30 32.92 5.82
N LEU B 17 62.41 33.11 6.79
CA LEU B 17 62.30 32.23 7.95
C LEU B 17 61.97 30.79 7.56
N PHE B 18 61.17 30.66 6.50
CA PHE B 18 60.65 29.37 6.03
C PHE B 18 61.74 28.39 5.63
N VAL B 19 62.77 28.91 4.96
CA VAL B 19 63.89 28.11 4.47
C VAL B 19 65.10 28.18 5.42
N ASP B 20 64.92 28.84 6.56
CA ASP B 20 66.02 29.07 7.50
C ASP B 20 66.16 27.96 8.54
N PRO B 21 67.23 27.15 8.44
CA PRO B 21 67.48 26.07 9.39
C PRO B 21 67.96 26.57 10.76
N ALA B 22 68.22 27.88 10.87
CA ALA B 22 68.67 28.49 12.12
C ALA B 22 67.57 28.45 13.18
N LEU B 23 66.37 28.08 12.76
CA LEU B 23 65.24 27.95 13.68
C LEU B 23 65.12 26.55 14.28
N SER B 24 66.15 25.72 14.10
CA SER B 24 66.19 24.41 14.75
C SER B 24 67.40 24.28 15.67
N ARG B 25 67.27 23.47 16.72
CA ARG B 25 68.29 23.34 17.77
C ARG B 25 69.69 23.13 17.20
N ASN B 26 69.85 22.09 16.40
CA ASN B 26 71.13 21.76 15.78
C ASN B 26 71.29 22.40 14.39
N ALA B 27 70.37 23.30 14.04
CA ALA B 27 70.38 24.00 12.75
C ALA B 27 70.52 23.08 11.53
N THR B 28 69.84 21.93 11.57
CA THR B 28 69.79 21.02 10.43
C THR B 28 68.46 21.17 9.68
N GLN B 29 67.50 21.83 10.32
CA GLN B 29 66.09 21.73 9.92
C GLN B 29 65.36 23.08 9.80
N SER B 30 64.72 23.29 8.66
CA SER B 30 63.81 24.42 8.46
C SER B 30 62.41 23.88 8.15
N CYS B 31 61.42 24.77 8.08
CA CYS B 31 60.07 24.39 7.63
C CYS B 31 60.17 23.62 6.31
N ALA B 32 61.02 24.12 5.42
CA ALA B 32 61.14 23.61 4.04
C ALA B 32 61.73 22.21 3.96
N THR B 33 62.32 21.74 5.06
CA THR B 33 62.85 20.38 5.16
C THR B 33 61.72 19.36 5.10
N CYS B 34 60.67 19.62 5.88
CA CYS B 34 59.50 18.75 5.94
C CYS B 34 58.40 19.24 5.01
N HIS B 35 58.31 20.55 4.84
CA HIS B 35 57.35 21.12 3.89
C HIS B 35 58.09 21.58 2.65
N ASP B 36 58.56 20.60 1.89
CA ASP B 36 59.44 20.82 0.75
C ASP B 36 58.67 21.34 -0.47
N PRO B 37 58.99 22.56 -0.95
CA PRO B 37 58.29 23.14 -2.10
C PRO B 37 58.45 22.36 -3.40
N ALA B 38 59.44 21.47 -3.46
CA ALA B 38 59.59 20.58 -4.60
C ALA B 38 58.61 19.40 -4.56
N ARG B 39 58.06 19.11 -3.37
CA ARG B 39 57.06 18.05 -3.27
C ARG B 39 55.75 18.58 -2.68
N ALA B 40 55.31 19.72 -3.22
CA ALA B 40 54.07 20.39 -2.81
C ALA B 40 54.00 20.66 -1.32
N PHE B 41 55.14 21.05 -0.76
CA PHE B 41 55.30 21.32 0.68
C PHE B 41 55.03 20.10 1.56
N THR B 42 55.62 18.97 1.17
CA THR B 42 55.56 17.73 1.96
C THR B 42 56.96 17.13 2.05
N ASP B 43 57.12 16.07 2.83
CA ASP B 43 58.45 15.55 3.17
C ASP B 43 58.81 14.33 2.32
N PRO B 44 59.83 14.49 1.44
CA PRO B 44 60.26 13.41 0.55
C PRO B 44 61.23 12.43 1.19
N ARG B 45 61.73 12.76 2.38
CA ARG B 45 62.78 11.98 3.03
C ARG B 45 62.29 10.63 3.58
N GLU B 46 63.03 9.58 3.29
CA GLU B 46 62.74 8.24 3.81
C GLU B 46 63.18 8.14 5.27
N GLY B 47 62.27 7.72 6.14
CA GLY B 47 62.58 7.46 7.55
C GLY B 47 62.35 6.01 7.92
N LYS B 48 62.28 5.73 9.23
CA LYS B 48 62.05 4.35 9.73
C LYS B 48 60.70 3.79 9.30
N ALA B 49 59.71 4.67 9.11
CA ALA B 49 58.39 4.25 8.65
C ALA B 49 58.14 4.72 7.21
N GLY B 50 59.21 4.79 6.41
CA GLY B 50 59.14 5.28 5.05
C GLY B 50 58.84 6.77 5.02
N LEU B 51 57.88 7.16 4.21
CA LEU B 51 57.46 8.56 4.11
C LEU B 51 56.20 8.86 4.95
N ALA B 52 55.79 7.90 5.78
CA ALA B 52 54.59 8.06 6.60
C ALA B 52 54.73 9.17 7.64
N VAL B 53 55.88 9.24 8.30
CA VAL B 53 56.13 10.26 9.33
C VAL B 53 57.51 10.91 9.16
N SER B 54 57.69 12.09 9.78
CA SER B 54 58.88 12.91 9.54
C SER B 54 59.89 12.86 10.68
N VAL B 55 61.18 12.90 10.31
CA VAL B 55 62.27 12.89 11.26
C VAL B 55 62.63 14.33 11.65
N GLY B 56 62.72 14.58 12.95
CA GLY B 56 63.02 15.90 13.47
C GLY B 56 64.49 16.30 13.38
N ASP B 57 64.81 17.41 14.03
CA ASP B 57 66.14 18.04 13.95
C ASP B 57 67.26 17.18 14.54
N ASP B 58 66.95 16.35 15.54
CA ASP B 58 67.93 15.50 16.21
C ASP B 58 68.38 14.28 15.39
N GLY B 59 67.75 14.09 14.22
CA GLY B 59 68.09 13.00 13.31
C GLY B 59 67.52 11.65 13.69
N GLN B 60 66.75 11.60 14.77
CA GLN B 60 66.27 10.34 15.35
C GLN B 60 64.76 10.32 15.64
N SER B 61 64.26 11.36 16.31
CA SER B 61 62.85 11.39 16.72
C SER B 61 61.91 11.46 15.52
N HIS B 62 60.93 10.55 15.48
CA HIS B 62 59.91 10.56 14.46
C HIS B 62 58.61 11.09 15.05
N GLY B 63 57.82 11.77 14.21
CA GLY B 63 56.47 12.16 14.59
C GLY B 63 55.55 10.95 14.49
N ASP B 64 54.30 11.13 14.89
CA ASP B 64 53.28 10.09 14.83
C ASP B 64 52.21 10.39 13.77
N ARG B 65 52.39 11.52 13.09
CA ARG B 65 51.46 11.95 12.05
C ARG B 65 52.19 12.34 10.77
N ASN B 66 51.49 12.17 9.65
CA ASN B 66 52.03 12.50 8.33
C ASN B 66 52.07 14.02 8.11
N THR B 67 53.17 14.47 7.51
CA THR B 67 53.40 15.87 7.19
C THR B 67 52.47 16.33 6.06
N PRO B 68 51.48 17.19 6.38
CA PRO B 68 50.53 17.59 5.36
C PRO B 68 51.08 18.74 4.51
N THR B 69 50.48 18.95 3.35
CA THR B 69 50.82 20.09 2.50
C THR B 69 50.45 21.41 3.16
N LEU B 70 51.23 22.46 2.86
CA LEU B 70 50.90 23.82 3.27
C LEU B 70 50.12 24.55 2.18
N GLY B 71 50.13 23.98 0.98
CA GLY B 71 49.33 24.51 -0.13
C GLY B 71 47.87 24.61 0.25
N TYR B 72 47.31 25.81 0.12
CA TYR B 72 45.87 26.08 0.33
C TYR B 72 45.42 26.06 1.81
N ALA B 73 46.36 25.85 2.73
CA ALA B 73 46.05 25.90 4.17
C ALA B 73 45.54 27.28 4.57
N ALA B 74 46.01 28.32 3.88
CA ALA B 74 45.59 29.69 4.14
C ALA B 74 44.10 29.94 3.87
N LEU B 75 43.44 28.96 3.24
CA LEU B 75 42.00 29.08 2.92
C LEU B 75 41.09 28.57 4.04
N VAL B 76 41.66 27.82 4.98
CA VAL B 76 40.89 27.25 6.09
C VAL B 76 40.52 28.35 7.09
N PRO B 77 39.26 28.38 7.56
CA PRO B 77 38.86 29.37 8.56
C PRO B 77 39.52 29.10 9.90
N ALA B 78 39.55 30.11 10.78
CA ALA B 78 40.02 29.92 12.15
C ALA B 78 39.11 28.91 12.86
N PHE B 79 39.69 28.13 13.78
CA PHE B 79 38.93 27.11 14.49
C PHE B 79 37.71 27.66 15.23
N HIS B 80 36.58 26.99 15.05
CA HIS B 80 35.31 27.40 15.67
C HIS B 80 34.29 26.26 15.67
N ARG B 81 33.24 26.40 16.49
CA ARG B 81 32.10 25.50 16.45
C ARG B 81 30.92 26.21 15.77
N ASP B 82 30.33 25.59 14.75
CA ASP B 82 29.16 26.17 14.08
C ASP B 82 27.87 25.87 14.83
N ALA B 83 26.80 26.58 14.50
CA ALA B 83 25.50 26.42 15.16
C ALA B 83 24.96 24.99 15.09
N ASN B 84 25.40 24.24 14.08
CA ASN B 84 25.01 22.85 13.92
C ASN B 84 25.79 21.91 14.84
N GLY B 85 26.60 22.49 15.72
CA GLY B 85 27.41 21.73 16.69
C GLY B 85 28.65 21.10 16.07
N LYS B 86 28.97 21.49 14.85
CA LYS B 86 30.13 20.94 14.14
C LYS B 86 31.34 21.83 14.34
N TYR B 87 32.42 21.23 14.82
CA TYR B 87 33.71 21.94 14.84
C TYR B 87 34.26 22.08 13.42
N LYS B 88 34.87 23.23 13.15
CA LYS B 88 35.39 23.56 11.83
C LYS B 88 36.66 24.39 11.91
N GLY B 89 37.54 24.22 10.93
CA GLY B 89 38.72 25.05 10.79
C GLY B 89 39.91 24.65 11.65
N GLY B 90 40.81 25.61 11.85
CA GLY B 90 42.03 25.36 12.60
C GLY B 90 43.10 24.70 11.76
N GLN B 91 44.22 24.37 12.41
CA GLN B 91 45.38 23.75 11.76
C GLN B 91 45.91 22.54 12.56
N PHE B 92 46.66 21.68 11.87
CA PHE B 92 47.02 20.33 12.33
C PHE B 92 45.85 19.38 12.09
N TRP B 93 46.16 18.09 11.96
CA TRP B 93 45.14 17.06 11.75
C TRP B 93 44.05 17.05 12.83
N ASP B 94 44.39 17.48 14.04
CA ASP B 94 43.43 17.52 15.17
C ASP B 94 42.89 18.90 15.48
N GLY B 95 43.33 19.91 14.70
CA GLY B 95 42.84 21.28 14.84
C GLY B 95 43.18 21.95 16.16
N ARG B 96 44.24 21.49 16.82
CA ARG B 96 44.63 22.04 18.10
C ARG B 96 45.19 23.47 18.01
N ALA B 97 45.50 23.90 16.80
CA ALA B 97 45.90 25.29 16.56
C ALA B 97 44.73 26.04 15.93
N ASP B 98 44.49 27.27 16.40
CA ASP B 98 43.35 28.07 15.94
C ASP B 98 43.47 28.44 14.47
N ASP B 99 44.67 28.83 14.05
CA ASP B 99 44.91 29.39 12.73
C ASP B 99 46.37 29.20 12.34
N LEU B 100 46.77 29.77 11.20
CA LEU B 100 48.15 29.69 10.74
C LEU B 100 49.16 30.30 11.71
N LYS B 101 48.82 31.46 12.26
CA LYS B 101 49.71 32.13 13.22
C LYS B 101 49.95 31.34 14.50
N GLN B 102 48.89 30.81 15.11
CA GLN B 102 49.04 29.99 16.32
C GLN B 102 49.84 28.71 16.01
N GLN B 103 49.73 28.23 14.78
CA GLN B 103 50.41 27.01 14.37
C GLN B 103 51.94 27.16 14.30
N ALA B 104 52.39 28.23 13.64
CA ALA B 104 53.79 28.39 13.22
C ALA B 104 54.83 28.15 14.29
N GLY B 105 54.55 28.63 15.50
CA GLY B 105 55.49 28.53 16.62
C GLY B 105 55.69 27.13 17.16
N GLN B 106 54.72 26.25 16.94
CA GLN B 106 54.71 24.93 17.56
C GLN B 106 55.80 23.97 17.05
N PRO B 107 55.99 23.85 15.71
CA PRO B 107 57.12 23.02 15.26
C PRO B 107 58.48 23.53 15.75
N MET B 108 58.61 24.84 15.94
CA MET B 108 59.85 25.45 16.42
C MET B 108 60.26 24.95 17.81
N LEU B 109 59.29 24.76 18.68
CA LEU B 109 59.53 24.38 20.07
C LEU B 109 59.34 22.88 20.32
N ASN B 110 58.76 22.18 19.36
CA ASN B 110 58.51 20.75 19.52
C ASN B 110 59.82 19.94 19.48
N PRO B 111 60.16 19.26 20.59
CA PRO B 111 61.41 18.48 20.68
C PRO B 111 61.52 17.34 19.67
N VAL B 112 60.39 16.88 19.13
CA VAL B 112 60.42 15.81 18.10
C VAL B 112 60.56 16.42 16.70
N GLU B 113 60.50 17.74 16.63
CA GLU B 113 60.66 18.45 15.37
C GLU B 113 61.89 19.37 15.39
N MET B 114 61.68 20.68 15.35
CA MET B 114 62.80 21.64 15.28
C MET B 114 63.56 21.80 16.59
N ALA B 115 62.89 21.51 17.71
CA ALA B 115 63.53 21.27 19.02
C ALA B 115 64.21 22.46 19.73
N MET B 116 63.83 23.69 19.38
CA MET B 116 64.34 24.85 20.11
C MET B 116 63.82 24.79 21.55
N PRO B 117 64.72 24.94 22.53
CA PRO B 117 64.36 24.79 23.94
C PRO B 117 63.25 25.73 24.42
N ASP B 118 63.25 26.97 23.94
CA ASP B 118 62.25 27.97 24.33
C ASP B 118 62.23 29.19 23.40
N ARG B 119 61.34 30.15 23.70
CA ARG B 119 61.19 31.37 22.89
C ARG B 119 62.44 32.25 22.90
N ALA B 120 63.11 32.31 24.05
CA ALA B 120 64.36 33.08 24.17
C ALA B 120 65.45 32.55 23.24
N ALA B 121 65.50 31.23 23.08
CA ALA B 121 66.49 30.57 22.21
C ALA B 121 66.25 30.92 20.74
N VAL B 122 64.97 31.04 20.38
CA VAL B 122 64.53 31.46 19.03
C VAL B 122 64.93 32.92 18.78
N ALA B 123 64.63 33.79 19.75
CA ALA B 123 64.95 35.21 19.67
C ALA B 123 66.46 35.47 19.52
N ALA B 124 67.27 34.65 20.21
CA ALA B 124 68.72 34.70 20.13
C ALA B 124 69.25 34.37 18.72
N ARG B 125 68.64 33.40 18.05
CA ARG B 125 69.01 33.04 16.68
C ARG B 125 68.65 34.14 15.68
N LEU B 126 67.49 34.76 15.86
CA LEU B 126 67.05 35.86 14.99
C LEU B 126 67.94 37.08 15.20
N ARG B 127 68.37 37.29 16.44
CA ARG B 127 69.24 38.41 16.83
C ARG B 127 70.62 38.30 16.18
N ASP B 128 71.12 37.07 16.02
CA ASP B 128 72.43 36.81 15.40
C ASP B 128 72.50 37.23 13.94
N ASP B 129 71.36 37.25 13.26
CA ASP B 129 71.30 37.56 11.82
C ASP B 129 70.94 39.03 11.59
N PRO B 130 71.88 39.81 11.01
CA PRO B 130 71.68 41.24 10.74
C PRO B 130 70.50 41.51 9.80
N ALA B 131 70.25 40.59 8.87
CA ALA B 131 69.11 40.70 7.95
C ALA B 131 67.78 40.65 8.71
N TYR B 132 67.71 39.82 9.73
CA TYR B 132 66.50 39.71 10.56
C TYR B 132 66.30 40.94 11.44
N ARG B 133 67.40 41.48 11.97
CA ARG B 133 67.31 42.69 12.77
C ARG B 133 66.74 43.84 11.95
N THR B 134 67.17 43.96 10.70
CA THR B 134 66.65 44.98 9.78
C THR B 134 65.20 44.71 9.36
N GLY B 135 64.93 43.50 8.88
CA GLY B 135 63.58 43.10 8.44
C GLY B 135 62.52 43.07 9.54
N PHE B 136 62.85 42.48 10.69
CA PHE B 136 61.93 42.45 11.83
C PHE B 136 61.63 43.85 12.36
N GLU B 137 62.67 44.62 12.66
CA GLU B 137 62.50 45.98 13.20
C GLU B 137 61.74 46.94 12.26
N ALA B 138 61.95 46.79 10.95
CA ALA B 138 61.22 47.60 9.96
C ALA B 138 59.72 47.32 9.96
N LEU B 139 59.35 46.10 10.34
CA LEU B 139 57.94 45.69 10.35
C LEU B 139 57.25 45.81 11.71
N PHE B 140 58.00 45.59 12.78
CA PHE B 140 57.42 45.44 14.13
C PHE B 140 57.92 46.46 15.17
N GLY B 141 58.84 47.33 14.75
CA GLY B 141 59.40 48.33 15.64
C GLY B 141 60.74 47.92 16.21
N LYS B 142 61.48 48.92 16.70
CA LYS B 142 62.81 48.71 17.26
C LYS B 142 62.77 47.87 18.54
N GLY B 143 63.80 47.05 18.72
CA GLY B 143 63.91 46.20 19.90
C GLY B 143 63.02 44.97 19.92
N VAL B 144 62.32 44.69 18.82
CA VAL B 144 61.42 43.54 18.75
C VAL B 144 62.12 42.20 19.09
N LEU B 145 63.32 42.02 18.57
CA LEU B 145 64.06 40.76 18.74
C LEU B 145 64.69 40.62 20.13
N ASP B 146 64.60 41.66 20.94
CA ASP B 146 65.10 41.63 22.32
C ASP B 146 64.06 41.06 23.27
N ASP B 147 62.80 41.11 22.85
CA ASP B 147 61.68 40.56 23.63
C ASP B 147 61.28 39.20 23.04
N PRO B 148 61.62 38.11 23.75
CA PRO B 148 61.37 36.73 23.27
C PRO B 148 59.93 36.48 22.85
N GLU B 149 58.98 37.06 23.57
CA GLU B 149 57.56 36.91 23.27
C GLU B 149 57.17 37.66 22.01
N ARG B 150 57.60 38.91 21.92
CA ARG B 150 57.37 39.73 20.73
C ARG B 150 58.03 39.12 19.49
N ALA B 151 59.26 38.63 19.64
CA ALA B 151 60.02 38.07 18.52
C ALA B 151 59.41 36.76 18.01
N PHE B 152 59.02 35.89 18.93
CA PHE B 152 58.37 34.62 18.61
C PHE B 152 57.04 34.88 17.90
N ASP B 153 56.25 35.81 18.44
CA ASP B 153 54.98 36.19 17.83
C ASP B 153 55.18 36.75 16.41
N ALA B 154 56.17 37.64 16.25
CA ALA B 154 56.46 38.29 14.96
C ALA B 154 56.87 37.26 13.90
N ALA B 155 57.70 36.29 14.31
CA ALA B 155 58.13 35.21 13.44
C ALA B 155 56.94 34.38 12.96
N ALA B 156 56.02 34.08 13.87
CA ALA B 156 54.80 33.33 13.53
C ALA B 156 53.94 34.09 12.54
N GLU B 157 53.75 35.38 12.81
CA GLU B 157 52.99 36.28 11.94
C GLU B 157 53.59 36.39 10.53
N ALA B 158 54.92 36.50 10.47
CA ALA B 158 55.62 36.55 9.18
C ALA B 158 55.42 35.26 8.39
N LEU B 159 55.54 34.13 9.07
CA LEU B 159 55.38 32.82 8.44
C LEU B 159 53.95 32.58 7.96
N ALA B 160 52.98 32.98 8.79
CA ALA B 160 51.56 32.92 8.44
C ALA B 160 51.25 33.73 7.18
N ALA B 161 51.80 34.95 7.12
CA ALA B 161 51.60 35.85 5.98
C ALA B 161 52.21 35.30 4.70
N TYR B 162 53.34 34.61 4.83
CA TYR B 162 53.98 33.97 3.68
C TYR B 162 53.13 32.83 3.10
N GLN B 163 52.48 32.06 3.98
CA GLN B 163 51.67 30.92 3.54
C GLN B 163 50.35 31.36 2.90
N ALA B 164 50.06 32.66 3.01
CA ALA B 164 48.86 33.25 2.42
C ALA B 164 49.08 33.87 1.03
N THR B 165 50.31 33.77 0.51
CA THR B 165 50.62 34.30 -0.82
C THR B 165 50.15 33.33 -1.90
N GLY B 166 50.00 33.86 -3.12
CA GLY B 166 49.59 33.08 -4.28
C GLY B 166 50.52 31.92 -4.58
N GLU B 167 51.75 32.01 -4.07
CA GLU B 167 52.74 30.94 -4.21
C GLU B 167 52.23 29.64 -3.63
N PHE B 168 51.53 29.73 -2.50
CA PHE B 168 51.01 28.55 -1.81
C PHE B 168 49.65 28.11 -2.35
N SER B 169 48.88 29.04 -2.92
CA SER B 169 47.55 28.75 -3.44
C SER B 169 47.31 29.38 -4.83
N PRO B 170 48.01 28.87 -5.88
CA PRO B 170 47.94 29.48 -7.21
C PRO B 170 46.64 29.28 -7.99
N PHE B 171 45.84 28.29 -7.60
CA PHE B 171 44.59 27.94 -8.30
C PHE B 171 44.80 27.79 -9.80
N ASP B 172 45.89 27.14 -10.20
CA ASP B 172 46.23 26.97 -11.61
C ASP B 172 46.23 25.51 -12.06
N SER B 173 45.50 24.67 -11.32
CA SER B 173 45.34 23.25 -11.65
C SER B 173 44.50 23.11 -12.92
N LYS B 174 44.56 21.95 -13.57
CA LYS B 174 43.71 21.70 -14.73
C LYS B 174 42.24 21.92 -14.38
N TYR B 175 41.83 21.39 -13.22
CA TYR B 175 40.48 21.63 -12.73
C TYR B 175 40.09 23.12 -12.77
N ASP B 176 41.00 23.98 -12.33
CA ASP B 176 40.78 25.44 -12.30
C ASP B 176 40.64 26.04 -13.70
N ARG B 177 41.52 25.63 -14.61
CA ARG B 177 41.49 26.06 -16.00
C ARG B 177 40.20 25.59 -16.68
N VAL B 178 39.78 24.37 -16.35
CA VAL B 178 38.53 23.81 -16.88
C VAL B 178 37.33 24.63 -16.39
N MET B 179 37.33 24.98 -15.11
CA MET B 179 36.24 25.78 -14.54
C MET B 179 36.21 27.23 -15.06
N ARG B 180 37.32 27.68 -15.63
CA ARG B 180 37.38 29.01 -16.24
C ARG B 180 37.01 28.96 -17.72
N GLY B 181 36.84 27.74 -18.24
CA GLY B 181 36.49 27.53 -19.64
C GLY B 181 37.69 27.62 -20.56
N GLU B 182 38.89 27.54 -20.00
CA GLU B 182 40.13 27.64 -20.76
C GLU B 182 40.55 26.31 -21.40
N GLU B 183 40.09 25.20 -20.82
CA GLU B 183 40.21 23.87 -21.41
C GLU B 183 39.13 22.90 -20.90
N LYS B 184 39.15 21.67 -21.40
CA LYS B 184 38.13 20.69 -21.04
C LYS B 184 38.71 19.43 -20.40
N PHE B 185 37.89 18.76 -19.59
CA PHE B 185 38.23 17.45 -19.02
C PHE B 185 38.23 16.39 -20.11
N THR B 186 39.09 15.38 -19.94
CA THR B 186 38.96 14.13 -20.72
C THR B 186 37.67 13.41 -20.31
N PRO B 187 37.13 12.54 -21.19
CA PRO B 187 36.01 11.71 -20.77
C PRO B 187 36.21 11.06 -19.39
N LEU B 188 37.40 10.51 -19.14
CA LEU B 188 37.69 9.86 -17.86
C LEU B 188 37.64 10.83 -16.66
N GLU B 189 38.25 12.01 -16.82
CA GLU B 189 38.26 13.03 -15.77
C GLU B 189 36.86 13.58 -15.49
N GLU B 190 36.10 13.82 -16.57
CA GLU B 190 34.73 14.30 -16.47
C GLU B 190 33.83 13.30 -15.76
N PHE B 191 34.05 12.01 -16.04
CA PHE B 191 33.37 10.92 -15.36
C PHE B 191 33.78 10.91 -13.88
N GLY B 192 35.08 11.08 -13.63
CA GLY B 192 35.61 11.19 -12.27
C GLY B 192 34.97 12.31 -11.47
N TYR B 193 34.88 13.48 -12.09
CA TYR B 193 34.23 14.65 -11.50
C TYR B 193 32.74 14.42 -11.23
N THR B 194 32.03 13.80 -12.17
CA THR B 194 30.60 13.50 -12.01
C THR B 194 30.38 12.54 -10.85
N VAL B 195 31.24 11.53 -10.74
CA VAL B 195 31.21 10.57 -9.62
C VAL B 195 31.50 11.28 -8.29
N PHE B 196 32.58 12.06 -8.25
CA PHE B 196 32.94 12.82 -7.06
C PHE B 196 31.75 13.62 -6.50
N ILE B 197 31.00 14.28 -7.38
CA ILE B 197 29.88 15.13 -6.95
C ILE B 197 28.50 14.47 -6.86
N THR B 198 28.42 13.17 -7.15
CA THR B 198 27.15 12.45 -7.00
C THR B 198 27.25 11.42 -5.90
N TRP B 199 28.47 11.00 -5.60
CA TRP B 199 28.72 10.01 -4.55
C TRP B 199 29.06 10.72 -3.24
N ASN B 200 29.39 9.96 -2.20
CA ASN B 200 29.52 10.55 -0.85
C ASN B 200 30.67 11.55 -0.65
N CYS B 201 31.65 11.52 -1.56
CA CYS B 201 32.84 12.37 -1.47
C CYS B 201 32.52 13.85 -1.25
N ARG B 202 31.53 14.34 -1.98
N ARG B 202 31.52 14.37 -1.96
CA ARG B 202 31.09 15.73 -1.95
CA ARG B 202 31.19 15.78 -1.90
C ARG B 202 30.58 16.18 -0.57
C ARG B 202 30.35 16.17 -0.67
N LEU B 203 30.15 15.22 0.24
CA LEU B 203 29.59 15.53 1.56
C LEU B 203 30.67 16.03 2.52
N CYS B 204 31.93 15.72 2.21
CA CYS B 204 33.05 16.11 3.08
C CYS B 204 34.18 16.85 2.35
N HIS B 205 34.40 16.49 1.08
CA HIS B 205 35.45 17.11 0.26
C HIS B 205 34.94 18.18 -0.72
N MET B 206 33.96 18.96 -0.29
CA MET B 206 33.60 20.21 -0.98
C MET B 206 33.35 21.27 0.07
N GLN B 207 33.78 22.50 -0.22
CA GLN B 207 33.65 23.62 0.70
C GLN B 207 32.26 23.74 1.29
N ARG B 208 31.26 23.79 0.42
CA ARG B 208 29.90 24.15 0.79
C ARG B 208 28.94 22.95 0.76
N LYS B 209 27.84 23.08 1.50
CA LYS B 209 26.77 22.08 1.49
C LYS B 209 25.98 22.19 0.18
N GLN B 210 25.85 23.41 -0.32
CA GLN B 210 25.17 23.71 -1.58
C GLN B 210 25.62 25.06 -2.11
N GLY B 211 25.33 25.35 -3.37
CA GLY B 211 25.84 26.55 -4.03
C GLY B 211 27.24 26.29 -4.57
N VAL B 212 27.91 27.36 -5.00
CA VAL B 212 29.25 27.23 -5.61
C VAL B 212 30.27 28.04 -4.82
N ALA B 213 31.43 27.43 -4.59
CA ALA B 213 32.53 28.06 -3.90
C ALA B 213 33.37 28.90 -4.85
N GLU B 214 33.77 30.09 -4.39
CA GLU B 214 34.65 30.96 -5.17
C GLU B 214 36.06 30.38 -5.27
N ARG B 215 36.55 29.84 -4.16
CA ARG B 215 37.90 29.28 -4.10
C ARG B 215 37.88 27.89 -3.46
N GLU B 216 37.33 26.94 -4.22
CA GLU B 216 37.14 25.57 -3.77
C GLU B 216 38.49 24.93 -3.45
N THR B 217 38.60 24.28 -2.28
CA THR B 217 39.82 23.52 -1.96
C THR B 217 39.52 22.09 -1.56
N PHE B 218 38.29 21.64 -1.84
CA PHE B 218 37.90 20.23 -1.70
C PHE B 218 38.00 19.70 -0.26
N THR B 219 37.56 20.54 0.66
CA THR B 219 37.31 20.14 2.05
C THR B 219 36.25 21.05 2.63
N ASN B 220 35.46 20.51 3.55
CA ASN B 220 34.48 21.31 4.27
C ASN B 220 35.02 21.78 5.63
N PHE B 221 36.31 21.52 5.86
CA PHE B 221 37.01 21.93 7.09
C PHE B 221 36.43 21.30 8.38
N GLU B 222 35.60 20.26 8.23
CA GLU B 222 34.99 19.59 9.38
C GLU B 222 35.90 18.50 9.93
N TYR B 223 35.42 17.84 10.98
CA TYR B 223 36.16 16.76 11.65
C TYR B 223 35.39 15.44 11.59
N HIS B 224 36.06 14.40 11.10
CA HIS B 224 35.42 13.10 10.89
C HIS B 224 36.36 11.97 11.22
N ASN B 225 35.80 10.94 11.84
CA ASN B 225 36.49 9.67 12.01
C ASN B 225 36.06 8.71 10.91
N ILE B 226 36.93 8.45 9.94
CA ILE B 226 36.58 7.49 8.88
C ILE B 226 36.98 6.03 9.18
N GLY B 227 37.58 5.80 10.36
CA GLY B 227 37.75 4.45 10.89
C GLY B 227 39.06 3.80 10.51
N LEU B 228 40.08 4.63 10.34
CA LEU B 228 41.39 4.18 9.88
C LEU B 228 42.13 3.41 10.96
N PRO B 229 42.88 2.38 10.55
CA PRO B 229 43.69 1.63 11.51
C PRO B 229 44.96 2.41 11.88
N VAL B 230 45.59 2.02 12.98
CA VAL B 230 46.94 2.46 13.33
C VAL B 230 47.92 2.11 12.21
N ASN B 231 48.83 3.05 11.91
CA ASN B 231 49.98 2.73 11.09
C ASN B 231 51.08 2.14 11.98
N GLU B 232 51.19 0.82 11.97
CA GLU B 232 52.05 0.12 12.93
C GLU B 232 53.54 0.50 12.92
N THR B 233 54.15 0.58 11.75
CA THR B 233 55.57 0.94 11.68
C THR B 233 55.79 2.40 12.04
N ALA B 234 54.83 3.26 11.70
CA ALA B 234 54.89 4.67 12.10
C ALA B 234 54.70 4.84 13.59
N ARG B 235 53.73 4.12 14.15
CA ARG B 235 53.43 4.15 15.57
C ARG B 235 54.62 3.62 16.37
N GLU B 236 55.31 2.63 15.81
CA GLU B 236 56.53 2.08 16.40
C GLU B 236 57.65 3.13 16.35
N ALA B 237 57.83 3.76 15.18
CA ALA B 237 58.86 4.80 15.01
C ALA B 237 58.65 6.01 15.92
N SER B 238 57.39 6.37 16.16
CA SER B 238 57.07 7.53 17.00
C SER B 238 57.39 7.29 18.48
N GLY B 239 57.40 6.01 18.87
CA GLY B 239 57.69 5.60 20.25
C GLY B 239 56.60 5.91 21.27
N LEU B 240 55.40 6.25 20.78
CA LEU B 240 54.31 6.66 21.69
C LEU B 240 53.69 5.50 22.47
N GLY B 241 53.94 4.27 22.03
CA GLY B 241 53.54 3.08 22.76
C GLY B 241 52.42 2.31 22.08
N ALA B 242 52.36 1.01 22.37
CA ALA B 242 51.32 0.12 21.83
C ALA B 242 49.94 0.41 22.39
N ASP B 243 49.90 1.02 23.58
CA ASP B 243 48.65 1.38 24.25
C ASP B 243 48.21 2.80 23.93
N HIS B 244 48.98 3.51 23.10
CA HIS B 244 48.65 4.87 22.72
C HIS B 244 47.50 4.94 21.73
N VAL B 245 46.57 5.86 21.98
CA VAL B 245 45.46 6.10 21.08
C VAL B 245 45.48 7.56 20.63
N ASP B 246 45.55 7.78 19.33
CA ASP B 246 45.44 9.13 18.75
C ASP B 246 43.96 9.51 18.73
N HIS B 247 43.56 10.40 19.63
CA HIS B 247 42.16 10.80 19.78
C HIS B 247 41.72 11.92 18.82
N GLY B 248 42.62 12.35 17.94
CA GLY B 248 42.32 13.42 17.00
C GLY B 248 41.82 14.67 17.72
N LEU B 249 40.70 15.22 17.24
CA LEU B 249 40.13 16.46 17.76
C LEU B 249 39.95 16.54 19.29
N LEU B 250 39.71 15.40 19.94
CA LEU B 250 39.60 15.38 21.39
C LEU B 250 40.89 15.85 22.08
N ALA B 251 42.03 15.63 21.42
CA ALA B 251 43.35 16.04 21.95
C ALA B 251 43.55 17.57 22.02
N ARG B 252 42.76 18.33 21.27
CA ARG B 252 42.78 19.78 21.39
C ARG B 252 42.35 20.19 22.81
N PRO B 253 43.18 21.00 23.50
CA PRO B 253 42.80 21.55 24.80
C PRO B 253 41.49 22.31 24.70
N GLY B 254 40.56 22.01 25.60
CA GLY B 254 39.27 22.69 25.64
C GLY B 254 38.13 21.82 25.13
N ILE B 255 38.46 20.87 24.27
CA ILE B 255 37.48 19.92 23.75
C ILE B 255 37.43 18.73 24.69
N GLU B 256 36.28 18.52 25.32
CA GLU B 256 36.09 17.44 26.30
C GLU B 256 35.03 16.44 25.83
N ASP B 257 34.32 16.82 24.76
CA ASP B 257 33.28 15.99 24.15
C ASP B 257 33.85 14.66 23.63
N PRO B 258 33.45 13.53 24.26
CA PRO B 258 33.98 12.21 23.87
C PRO B 258 33.52 11.79 22.48
N ALA B 259 32.51 12.47 21.93
CA ALA B 259 32.07 12.22 20.56
C ALA B 259 33.07 12.70 19.52
N GLN B 260 34.02 13.55 19.93
CA GLN B 260 35.06 14.07 19.04
C GLN B 260 36.27 13.14 18.92
N SER B 261 36.28 12.08 19.71
CA SER B 261 37.40 11.14 19.71
C SER B 261 37.57 10.43 18.36
N GLY B 262 38.79 10.49 17.83
CA GLY B 262 39.13 9.81 16.58
C GLY B 262 38.76 10.57 15.33
N ARG B 263 38.29 11.80 15.49
CA ARG B 263 37.96 12.68 14.36
C ARG B 263 39.15 13.53 13.96
N PHE B 264 39.38 13.64 12.65
CA PHE B 264 40.45 14.47 12.10
C PHE B 264 39.92 15.44 11.06
N LYS B 265 40.65 16.53 10.85
CA LYS B 265 40.27 17.55 9.86
C LYS B 265 40.26 16.97 8.45
N VAL B 266 39.16 17.18 7.73
CA VAL B 266 39.09 16.79 6.34
C VAL B 266 40.17 17.54 5.54
N PRO B 267 41.18 16.82 5.01
CA PRO B 267 42.22 17.51 4.26
C PRO B 267 41.69 17.99 2.92
N SER B 268 42.25 19.10 2.46
CA SER B 268 42.06 19.56 1.10
C SER B 268 42.64 18.50 0.19
N LEU B 269 41.91 18.18 -0.88
CA LEU B 269 42.39 17.20 -1.85
C LEU B 269 43.27 17.79 -2.95
N ARG B 270 43.48 19.11 -2.93
CA ARG B 270 44.38 19.72 -3.91
C ARG B 270 45.78 19.15 -3.75
N ASN B 271 46.40 18.81 -4.88
CA ASN B 271 47.75 18.24 -4.91
C ASN B 271 47.86 16.84 -4.31
N VAL B 272 46.73 16.21 -4.03
CA VAL B 272 46.70 14.87 -3.44
C VAL B 272 47.51 13.85 -4.23
N ALA B 273 47.49 13.96 -5.55
CA ALA B 273 48.16 12.99 -6.42
C ALA B 273 49.68 12.89 -6.20
N VAL B 274 50.25 13.96 -5.65
CA VAL B 274 51.70 14.04 -5.45
C VAL B 274 52.10 14.18 -3.97
N THR B 275 51.14 14.02 -3.06
CA THR B 275 51.45 14.15 -1.63
C THR B 275 51.32 12.84 -0.83
N GLY B 276 51.63 11.72 -1.48
CA GLY B 276 51.64 10.42 -0.80
C GLY B 276 52.74 10.31 0.25
N PRO B 277 52.58 9.41 1.23
CA PRO B 277 51.42 8.54 1.48
C PRO B 277 50.27 9.29 2.14
N TYR B 278 49.15 8.59 2.35
CA TYR B 278 47.86 9.24 2.64
C TYR B 278 47.30 8.98 4.04
N MET B 279 46.37 9.86 4.44
CA MET B 279 45.74 9.86 5.77
C MET B 279 46.64 10.43 6.85
N HIS B 280 46.09 10.65 8.04
CA HIS B 280 46.78 11.34 9.14
C HIS B 280 48.04 10.62 9.66
N ASN B 281 48.12 9.31 9.40
CA ASN B 281 49.28 8.52 9.82
C ASN B 281 50.08 7.94 8.66
N GLY B 282 49.80 8.41 7.44
CA GLY B 282 50.50 7.97 6.24
C GLY B 282 50.37 6.50 5.95
N VAL B 283 49.28 5.90 6.40
CA VAL B 283 49.04 4.45 6.33
C VAL B 283 49.02 3.89 4.88
N PHE B 284 48.47 4.65 3.94
CA PHE B 284 48.32 4.18 2.55
C PHE B 284 49.31 4.83 1.60
N THR B 285 50.12 3.99 0.95
CA THR B 285 51.13 4.45 -0.01
C THR B 285 50.48 5.08 -1.27
N ASP B 286 49.46 4.42 -1.81
CA ASP B 286 48.90 4.75 -3.12
C ASP B 286 47.57 5.49 -3.03
N LEU B 287 47.36 6.43 -3.94
CA LEU B 287 46.09 7.18 -4.01
C LEU B 287 44.89 6.27 -4.26
N ARG B 288 45.06 5.28 -5.15
CA ARG B 288 44.03 4.28 -5.42
C ARG B 288 43.57 3.58 -4.13
N THR B 289 44.52 3.27 -3.26
CA THR B 289 44.25 2.59 -1.99
C THR B 289 43.37 3.43 -1.04
N ALA B 290 43.69 4.72 -0.93
CA ALA B 290 42.88 5.66 -0.16
C ALA B 290 41.43 5.65 -0.63
N ILE B 291 41.22 5.65 -1.95
CA ILE B 291 39.88 5.57 -2.53
C ILE B 291 39.22 4.22 -2.22
N LEU B 292 39.95 3.13 -2.48
CA LEU B 292 39.47 1.77 -2.19
C LEU B 292 39.06 1.58 -0.72
N PHE B 293 39.73 2.28 0.19
CA PHE B 293 39.38 2.25 1.60
C PHE B 293 37.90 2.54 1.83
N TYR B 294 37.32 3.48 1.09
CA TYR B 294 35.92 3.87 1.28
C TYR B 294 34.92 2.76 0.93
N ASN B 295 35.31 1.88 0.01
CA ASN B 295 34.51 0.69 -0.35
C ASN B 295 34.29 -0.30 0.79
N LYS B 296 35.12 -0.25 1.83
CA LYS B 296 34.94 -1.17 2.97
C LYS B 296 33.57 -0.96 3.64
N TYR B 297 33.05 0.26 3.54
CA TYR B 297 31.77 0.61 4.15
C TYR B 297 30.56 0.27 3.28
N THR B 298 30.81 -0.08 2.01
CA THR B 298 29.73 -0.21 1.04
C THR B 298 29.72 -1.53 0.26
N SER B 299 30.90 -1.98 -0.16
CA SER B 299 31.01 -3.20 -0.96
C SER B 299 30.84 -4.45 -0.10
N ARG B 300 30.24 -5.48 -0.69
CA ARG B 300 30.05 -6.76 -0.02
C ARG B 300 31.06 -7.81 -0.50
N ARG B 301 31.83 -7.46 -1.53
CA ARG B 301 32.86 -8.35 -2.05
C ARG B 301 33.96 -8.56 -1.00
N PRO B 302 34.50 -9.79 -0.93
CA PRO B 302 35.53 -10.12 0.06
C PRO B 302 36.74 -9.21 -0.07
N GLU B 303 37.02 -8.78 -1.29
CA GLU B 303 38.20 -7.95 -1.59
C GLU B 303 38.11 -6.55 -0.96
N ALA B 304 36.89 -6.09 -0.67
CA ALA B 304 36.65 -4.78 -0.08
C ALA B 304 37.17 -4.64 1.34
N LYS B 305 37.38 -5.78 2.01
CA LYS B 305 37.86 -5.87 3.39
C LYS B 305 39.39 -5.84 3.44
N ILE B 306 40.01 -6.01 2.27
CA ILE B 306 41.44 -6.27 2.18
C ILE B 306 42.21 -5.08 1.66
N ASN B 307 43.22 -4.65 2.41
CA ASN B 307 44.17 -3.63 1.95
C ASN B 307 45.04 -4.21 0.83
N PRO B 308 44.90 -3.70 -0.41
CA PRO B 308 45.63 -4.29 -1.54
C PRO B 308 47.15 -4.11 -1.45
N GLU B 309 47.60 -3.13 -0.68
CA GLU B 309 49.03 -2.90 -0.46
C GLU B 309 49.65 -3.97 0.45
N THR B 310 48.83 -4.65 1.25
CA THR B 310 49.35 -5.66 2.19
C THR B 310 48.83 -7.08 1.95
N GLY B 311 47.62 -7.19 1.39
CA GLY B 311 46.94 -8.48 1.27
C GLY B 311 46.21 -8.89 2.55
N ALA B 312 46.26 -8.03 3.56
CA ALA B 312 45.67 -8.29 4.87
C ALA B 312 44.48 -7.36 5.08
N PRO B 313 43.58 -7.69 6.04
CA PRO B 313 42.45 -6.78 6.29
C PRO B 313 42.91 -5.36 6.63
N TRP B 314 42.12 -4.36 6.27
CA TRP B 314 42.42 -2.95 6.55
C TRP B 314 42.87 -2.77 8.00
N GLY B 315 42.18 -3.44 8.91
CA GLY B 315 42.52 -3.39 10.31
C GLY B 315 41.40 -2.80 11.14
N GLU B 316 41.45 -3.12 12.44
CA GLU B 316 40.54 -2.58 13.42
C GLU B 316 40.76 -1.07 13.49
N PRO B 317 39.67 -0.27 13.57
CA PRO B 317 39.83 1.18 13.71
C PRO B 317 40.63 1.51 14.96
N GLU B 318 41.54 2.49 14.86
CA GLU B 318 42.25 2.97 16.04
C GLU B 318 41.25 3.48 17.07
N VAL B 319 40.23 4.18 16.59
CA VAL B 319 39.09 4.59 17.41
C VAL B 319 37.81 4.03 16.76
N ALA B 320 37.25 3.01 17.41
CA ALA B 320 36.10 2.29 16.87
C ALA B 320 34.78 2.87 17.37
N ARG B 321 34.73 4.20 17.50
CA ARG B 321 33.51 4.91 17.88
C ARG B 321 33.47 6.27 17.19
N ASN B 322 32.27 6.86 17.08
CA ASN B 322 32.04 8.14 16.41
C ASN B 322 32.36 8.14 14.91
N LEU B 323 32.30 6.97 14.28
CA LEU B 323 32.52 6.86 12.83
C LEU B 323 31.41 7.59 12.09
N SER B 324 31.74 8.28 11.01
CA SER B 324 30.74 8.97 10.20
C SER B 324 30.03 7.97 9.28
N LEU B 325 29.30 7.04 9.87
CA LEU B 325 28.67 5.94 9.14
C LEU B 325 27.56 6.41 8.20
N ALA B 326 26.84 7.45 8.63
CA ALA B 326 25.78 8.04 7.80
C ALA B 326 26.31 8.45 6.43
N GLU B 327 27.47 9.10 6.43
CA GLU B 327 28.09 9.54 5.18
C GLU B 327 28.81 8.39 4.46
N LEU B 328 29.47 7.53 5.22
CA LEU B 328 30.31 6.46 4.65
C LEU B 328 29.53 5.27 4.11
N GLN B 329 28.44 4.90 4.78
CA GLN B 329 27.59 3.79 4.35
C GLN B 329 26.59 4.26 3.27
N SER B 330 27.13 4.53 2.09
CA SER B 330 26.39 5.13 0.96
C SER B 330 25.44 4.16 0.25
N GLY B 331 25.65 2.87 0.45
CA GLY B 331 24.86 1.85 -0.24
C GLY B 331 25.41 1.48 -1.61
N LEU B 332 26.39 2.24 -2.08
CA LEU B 332 26.93 2.06 -3.43
C LEU B 332 28.42 1.80 -3.47
N MET B 333 28.80 0.76 -4.21
CA MET B 333 30.18 0.32 -4.36
C MET B 333 30.83 0.99 -5.56
N LEU B 334 32.05 1.48 -5.36
CA LEU B 334 32.83 2.00 -6.47
C LEU B 334 33.48 0.84 -7.22
N ASP B 335 33.09 0.64 -8.47
CA ASP B 335 33.75 -0.34 -9.34
C ASP B 335 35.11 0.20 -9.80
N ASP B 336 35.93 -0.66 -10.41
CA ASP B 336 37.28 -0.26 -10.86
C ASP B 336 37.27 0.92 -11.83
N GLY B 337 36.29 0.95 -12.74
CA GLY B 337 36.10 2.05 -13.69
C GLY B 337 35.91 3.41 -13.03
N ARG B 338 35.13 3.44 -11.94
CA ARG B 338 34.88 4.68 -11.22
C ARG B 338 36.06 5.07 -10.32
N VAL B 339 36.77 4.07 -9.80
CA VAL B 339 38.04 4.31 -9.09
C VAL B 339 39.06 4.92 -10.08
N ASP B 340 39.18 4.32 -11.26
CA ASP B 340 39.99 4.91 -12.34
C ASP B 340 39.62 6.36 -12.63
N ALA B 341 38.33 6.62 -12.77
CA ALA B 341 37.84 7.96 -13.04
C ALA B 341 38.20 8.92 -11.91
N LEU B 342 37.96 8.49 -10.67
CA LEU B 342 38.26 9.31 -9.50
C LEU B 342 39.75 9.63 -9.36
N VAL B 343 40.61 8.64 -9.64
CA VAL B 343 42.06 8.88 -9.66
C VAL B 343 42.36 9.99 -10.67
N ALA B 344 41.80 9.86 -11.87
CA ALA B 344 42.03 10.81 -12.96
C ALA B 344 41.50 12.21 -12.64
N PHE B 345 40.36 12.27 -11.96
CA PHE B 345 39.84 13.57 -11.51
C PHE B 345 40.75 14.23 -10.47
N LEU B 346 41.18 13.47 -9.47
CA LEU B 346 42.00 14.02 -8.39
C LEU B 346 43.38 14.47 -8.89
N GLU B 347 43.86 13.82 -9.94
CA GLU B 347 45.07 14.24 -10.62
C GLU B 347 44.92 15.63 -11.28
N THR B 348 43.70 16.03 -11.62
CA THR B 348 43.45 17.38 -12.16
C THR B 348 43.54 18.45 -11.07
N LEU B 349 43.67 18.02 -9.84
CA LEU B 349 43.75 18.94 -8.69
C LEU B 349 45.20 19.29 -8.35
N THR B 350 46.11 18.84 -9.20
CA THR B 350 47.52 19.14 -9.08
C THR B 350 47.84 20.53 -9.65
N ASP B 351 48.48 21.38 -8.83
CA ASP B 351 48.96 22.70 -9.30
C ASP B 351 49.90 22.52 -10.49
N ARG B 352 49.92 23.53 -11.37
CA ARG B 352 50.64 23.45 -12.63
C ARG B 352 52.10 23.09 -12.47
N ARG B 353 52.78 23.68 -11.49
CA ARG B 353 54.20 23.45 -11.26
C ARG B 353 54.54 22.01 -10.84
N TYR B 354 53.54 21.28 -10.33
CA TYR B 354 53.74 19.90 -9.88
C TYR B 354 53.27 18.86 -10.87
N GLU B 355 52.70 19.32 -11.99
CA GLU B 355 52.29 18.42 -13.06
C GLU B 355 53.41 17.46 -13.51
N PRO B 356 54.68 17.94 -13.59
CA PRO B 356 55.77 17.02 -13.91
C PRO B 356 55.93 15.86 -12.92
N LEU B 357 55.57 16.08 -11.67
CA LEU B 357 55.61 15.03 -10.62
C LEU B 357 54.58 13.93 -10.86
N LEU B 358 53.51 14.27 -11.57
CA LEU B 358 52.39 13.37 -11.83
C LEU B 358 52.80 12.04 -12.49
N GLU B 359 53.91 12.05 -13.22
CA GLU B 359 54.44 10.84 -13.87
C GLU B 359 54.87 9.75 -12.86
N GLU B 360 55.63 10.15 -11.85
CA GLU B 360 56.13 9.22 -10.83
C GLU B 360 55.04 8.81 -9.84
N THR C 7 -26.35 13.52 -14.19
CA THR C 7 -25.14 14.30 -13.77
C THR C 7 -25.39 15.25 -12.61
N ASP C 8 -26.64 15.70 -12.44
CA ASP C 8 -27.00 16.50 -11.26
C ASP C 8 -27.00 15.58 -10.03
N PRO C 9 -25.97 15.71 -9.18
CA PRO C 9 -25.74 14.74 -8.09
C PRO C 9 -26.87 14.69 -7.06
N ARG C 10 -27.51 15.85 -6.84
CA ARG C 10 -28.51 16.02 -5.79
C ARG C 10 -29.92 15.63 -6.22
N ALA C 11 -30.12 15.48 -7.53
CA ALA C 11 -31.43 15.14 -8.09
C ALA C 11 -31.82 13.69 -7.77
N LYS C 12 -33.13 13.46 -7.72
CA LYS C 12 -33.66 12.13 -7.47
C LYS C 12 -33.12 11.15 -8.50
N TRP C 13 -32.47 10.10 -7.99
CA TRP C 13 -31.78 9.09 -8.80
C TRP C 13 -32.77 8.39 -9.71
N VAL C 14 -32.37 8.19 -10.97
CA VAL C 14 -33.26 7.57 -11.95
C VAL C 14 -32.68 6.25 -12.45
N PRO C 15 -33.31 5.13 -12.09
CA PRO C 15 -32.84 3.81 -12.53
C PRO C 15 -33.04 3.55 -14.03
N GLN C 16 -32.10 2.81 -14.61
CA GLN C 16 -32.24 2.24 -15.96
C GLN C 16 -31.93 0.75 -15.89
N ASP C 17 -32.28 0.05 -16.96
CA ASP C 17 -32.05 -1.39 -17.07
C ASP C 17 -31.41 -1.68 -18.43
N ASN C 18 -30.43 -0.87 -18.81
CA ASN C 18 -29.80 -1.01 -20.13
C ASN C 18 -28.28 -1.10 -20.13
N ASP C 19 -27.65 -0.83 -18.99
CA ASP C 19 -26.18 -0.87 -18.87
C ASP C 19 -25.74 -1.08 -17.41
N ILE C 20 -25.17 -2.25 -17.12
CA ILE C 20 -24.80 -2.61 -15.75
C ILE C 20 -23.50 -1.97 -15.26
N GLN C 21 -22.75 -1.34 -16.16
CA GLN C 21 -21.50 -0.69 -15.79
C GLN C 21 -21.67 0.79 -15.45
N ALA C 22 -22.87 1.31 -15.70
CA ALA C 22 -23.20 2.69 -15.32
C ALA C 22 -23.79 2.74 -13.91
N CYS C 23 -23.58 3.86 -13.22
CA CYS C 23 -24.00 3.99 -11.83
C CYS C 23 -25.49 4.17 -11.64
N ASP C 24 -26.21 4.40 -12.75
CA ASP C 24 -27.66 4.51 -12.70
C ASP C 24 -28.39 3.20 -13.07
N TYR C 25 -27.65 2.10 -13.11
CA TYR C 25 -28.27 0.79 -13.31
C TYR C 25 -29.13 0.44 -12.08
N TRP C 26 -30.30 -0.13 -12.32
CA TRP C 26 -31.33 -0.19 -11.27
C TRP C 26 -30.92 -0.98 -10.01
N ARG C 27 -30.13 -2.03 -10.19
CA ARG C 27 -29.71 -2.89 -9.07
C ARG C 27 -28.67 -2.23 -8.16
N HIS C 28 -28.03 -1.17 -8.64
CA HIS C 28 -26.99 -0.50 -7.87
C HIS C 28 -27.57 0.62 -7.00
N CYS C 29 -28.86 0.56 -6.69
CA CYS C 29 -29.53 1.64 -5.96
C CYS C 29 -28.91 1.97 -4.59
N SER C 30 -28.21 1.03 -3.98
CA SER C 30 -27.47 1.32 -2.74
C SER C 30 -26.06 0.72 -2.72
N ILE C 31 -25.42 0.71 -3.88
CA ILE C 31 -24.06 0.22 -4.01
C ILE C 31 -23.07 1.27 -3.49
N ASP C 32 -21.94 0.81 -2.97
CA ASP C 32 -20.86 1.69 -2.57
C ASP C 32 -19.51 1.02 -2.87
N GLY C 33 -18.76 1.66 -3.74
CA GLY C 33 -17.47 1.14 -4.18
C GLY C 33 -17.38 1.09 -5.68
N ASN C 34 -17.18 -0.12 -6.20
CA ASN C 34 -16.91 -0.37 -7.61
C ASN C 34 -17.72 -1.56 -8.12
N ILE C 35 -18.23 -1.44 -9.35
CA ILE C 35 -18.99 -2.52 -10.01
C ILE C 35 -18.04 -3.63 -10.45
N CYS C 36 -18.24 -4.84 -9.91
CA CYS C 36 -17.33 -5.98 -10.20
C CYS C 36 -17.23 -6.36 -11.67
N ASP C 37 -18.25 -6.01 -12.47
CA ASP C 37 -18.23 -6.33 -13.89
C ASP C 37 -17.11 -5.60 -14.64
N CYS C 38 -16.57 -4.55 -14.01
CA CYS C 38 -15.52 -3.72 -14.61
C CYS C 38 -14.08 -4.12 -14.24
N SER C 39 -13.92 -5.18 -13.45
CA SER C 39 -12.57 -5.69 -13.15
C SER C 39 -12.44 -7.21 -13.26
N GLY C 40 -13.28 -7.82 -14.10
CA GLY C 40 -13.16 -9.25 -14.38
C GLY C 40 -14.19 -10.15 -13.73
N GLY C 41 -15.08 -9.57 -12.94
CA GLY C 41 -16.23 -10.30 -12.41
C GLY C 41 -17.40 -10.21 -13.38
N SER C 42 -18.62 -10.22 -12.83
CA SER C 42 -19.83 -9.94 -13.60
C SER C 42 -20.83 -9.29 -12.64
N LEU C 43 -22.08 -9.15 -13.07
CA LEU C 43 -23.09 -8.53 -12.22
C LEU C 43 -23.17 -9.22 -10.85
N THR C 44 -23.14 -10.55 -10.87
CA THR C 44 -23.35 -11.34 -9.65
C THR C 44 -22.18 -12.26 -9.32
N ASN C 45 -21.02 -12.04 -9.93
CA ASN C 45 -19.82 -12.85 -9.67
C ASN C 45 -18.56 -12.02 -9.41
N CYS C 46 -17.67 -12.57 -8.59
CA CYS C 46 -16.39 -11.96 -8.23
C CYS C 46 -15.27 -12.19 -9.28
N PRO C 47 -14.30 -11.26 -9.35
CA PRO C 47 -13.15 -11.43 -10.23
C PRO C 47 -12.19 -12.50 -9.71
N PRO C 48 -11.46 -13.18 -10.61
CA PRO C 48 -10.49 -14.19 -10.19
C PRO C 48 -9.49 -13.61 -9.17
N GLY C 49 -9.09 -14.43 -8.21
CA GLY C 49 -8.11 -13.99 -7.21
C GLY C 49 -8.71 -13.29 -6.01
N THR C 50 -9.98 -12.87 -6.11
CA THR C 50 -10.68 -12.25 -4.98
C THR C 50 -11.49 -13.29 -4.22
N LYS C 51 -12.03 -12.89 -3.08
CA LYS C 51 -12.78 -13.78 -2.20
C LYS C 51 -14.19 -13.22 -1.97
N LEU C 52 -15.19 -14.07 -2.16
CA LEU C 52 -16.59 -13.68 -1.99
C LEU C 52 -17.03 -13.68 -0.53
N ALA C 53 -17.47 -12.53 -0.05
CA ALA C 53 -17.98 -12.39 1.31
C ALA C 53 -19.35 -13.07 1.44
N THR C 54 -19.73 -13.42 2.66
CA THR C 54 -21.08 -13.94 2.89
C THR C 54 -21.99 -12.88 3.48
N ALA C 55 -21.40 -11.93 4.21
CA ALA C 55 -22.14 -10.80 4.74
C ALA C 55 -22.68 -9.99 3.58
N SER C 56 -23.79 -9.31 3.82
CA SER C 56 -24.38 -8.48 2.78
C SER C 56 -25.05 -7.22 3.29
N 0AF C 57 -25.27 -6.27 2.44
CA 0AF C 57 -26.13 -5.19 2.90
C 0AF C 57 -27.22 -5.25 1.90
O 0AF C 57 -27.07 -5.79 0.87
CB 0AF C 57 -25.52 -3.86 3.25
CG 0AF C 57 -25.05 -3.08 2.07
CD1 0AF C 57 -25.75 -2.12 1.44
CD2 0AF C 57 -23.85 -3.19 1.39
NE1 0AF C 57 -25.02 -1.68 0.43
CE2 0AF C 57 -23.88 -2.32 0.38
CE3 0AF C 57 -22.78 -4.02 1.54
CZ2 0AF C 57 -22.80 -2.25 -0.45
O1 0AF C 57 -22.87 -1.39 -1.42
CZ3 0AF C 57 -21.70 -3.95 0.68
CH2 0AF C 57 -21.69 -3.04 -0.34
N VAL C 58 -28.36 -4.75 2.30
CA VAL C 58 -29.62 -4.83 1.55
C VAL C 58 -30.25 -3.47 1.23
N ALA C 59 -30.89 -3.43 0.06
CA ALA C 59 -31.79 -2.34 -0.31
C ALA C 59 -32.92 -2.88 -1.18
N SER C 60 -34.05 -2.19 -1.17
CA SER C 60 -35.11 -2.50 -2.12
C SER C 60 -34.92 -1.58 -3.31
N CYS C 61 -34.56 -2.16 -4.44
CA CYS C 61 -34.34 -1.40 -5.66
C CYS C 61 -35.49 -1.62 -6.64
N TYR C 62 -36.09 -0.50 -7.08
CA TYR C 62 -37.16 -0.53 -8.07
C TYR C 62 -36.57 -0.79 -9.44
N ASN C 63 -37.12 -1.80 -10.12
CA ASN C 63 -36.77 -2.09 -11.51
C ASN C 63 -37.79 -1.42 -12.44
N PRO C 64 -37.35 -0.42 -13.22
CA PRO C 64 -38.21 0.32 -14.14
C PRO C 64 -38.79 -0.54 -15.26
N THR C 65 -38.15 -1.68 -15.53
CA THR C 65 -38.59 -2.56 -16.61
C THR C 65 -39.92 -3.26 -16.29
N ASP C 66 -39.95 -4.00 -15.19
CA ASP C 66 -41.15 -4.77 -14.82
C ASP C 66 -42.00 -4.12 -13.72
N GLY C 67 -41.58 -2.94 -13.27
CA GLY C 67 -42.33 -2.17 -12.26
C GLY C 67 -42.27 -2.77 -10.87
N GLN C 68 -41.42 -3.79 -10.70
CA GLN C 68 -41.30 -4.51 -9.44
C GLN C 68 -40.11 -4.02 -8.63
N SER C 69 -40.22 -4.15 -7.30
CA SER C 69 -39.13 -3.82 -6.42
C SER C 69 -38.49 -5.08 -5.86
N TYR C 70 -37.17 -5.19 -6.02
CA TYR C 70 -36.43 -6.38 -5.59
C TYR C 70 -35.46 -6.07 -4.46
N LEU C 71 -35.23 -7.07 -3.61
CA LEU C 71 -34.16 -6.99 -2.63
C LEU C 71 -32.83 -7.36 -3.27
N ILE C 72 -31.92 -6.38 -3.30
CA ILE C 72 -30.56 -6.60 -3.76
C ILE C 72 -29.68 -6.72 -2.53
N ALA C 73 -29.10 -7.92 -2.36
CA ALA C 73 -28.16 -8.18 -1.28
C ALA C 73 -26.76 -7.97 -1.81
N TYR C 74 -26.22 -6.78 -1.58
CA TYR C 74 -24.89 -6.43 -2.05
C TYR C 74 -23.85 -7.23 -1.29
N ARG C 75 -23.02 -7.94 -2.03
CA ARG C 75 -21.94 -8.68 -1.42
C ARG C 75 -20.63 -8.18 -2.01
N ASP C 76 -19.61 -8.11 -1.16
CA ASP C 76 -18.30 -7.62 -1.54
C ASP C 76 -17.39 -8.73 -2.04
N CYS C 77 -16.51 -8.37 -2.97
CA CYS C 77 -15.41 -9.23 -3.37
C CYS C 77 -14.16 -8.64 -2.73
N CYS C 78 -13.46 -9.47 -1.96
CA CYS C 78 -12.46 -8.99 -1.02
C CYS C 78 -11.07 -9.62 -1.22
N GLY C 79 -10.05 -8.99 -0.66
CA GLY C 79 -8.70 -9.52 -0.72
C GLY C 79 -7.84 -8.87 -1.78
N TYR C 80 -8.43 -7.90 -2.47
CA TYR C 80 -7.72 -7.10 -3.47
C TYR C 80 -7.84 -5.63 -3.09
N ASN C 81 -6.90 -4.84 -3.58
CA ASN C 81 -6.96 -3.39 -3.48
C ASN C 81 -8.14 -2.91 -4.34
N VAL C 82 -8.75 -1.79 -3.97
CA VAL C 82 -9.93 -1.30 -4.69
C VAL C 82 -9.67 -1.27 -6.21
N SER C 83 -10.63 -1.73 -7.01
CA SER C 83 -10.40 -1.88 -8.45
C SER C 83 -10.08 -0.56 -9.16
N GLY C 84 -10.71 0.52 -8.71
CA GLY C 84 -10.62 1.82 -9.37
C GLY C 84 -11.34 1.91 -10.72
N ARG C 85 -12.10 0.88 -11.08
CA ARG C 85 -12.93 0.93 -12.30
C ARG C 85 -14.42 0.94 -11.97
N CYS C 86 -15.18 1.76 -12.70
CA CYS C 86 -16.63 1.93 -12.47
C CYS C 86 -17.01 2.27 -11.02
N PRO C 87 -16.46 3.38 -10.48
CA PRO C 87 -16.82 3.73 -9.10
C PRO C 87 -18.21 4.33 -9.02
N CYS C 88 -18.98 3.93 -8.01
CA CYS C 88 -20.34 4.43 -7.80
C CYS C 88 -20.64 4.53 -6.31
N LEU C 89 -21.44 5.52 -5.96
CA LEU C 89 -22.06 5.63 -4.63
C LEU C 89 -23.53 6.06 -4.75
N ASN C 90 -24.43 5.14 -4.43
CA ASN C 90 -25.85 5.45 -4.35
C ASN C 90 -26.40 5.05 -3.00
N THR C 91 -27.46 5.72 -2.57
CA THR C 91 -27.93 5.54 -1.21
C THR C 91 -29.46 5.47 -1.09
N GLU C 92 -30.11 4.74 -1.99
CA GLU C 92 -31.57 4.60 -1.96
C GLU C 92 -32.00 3.75 -0.76
N GLY C 93 -32.66 4.39 0.21
CA GLY C 93 -33.07 3.73 1.44
C GLY C 93 -31.94 3.48 2.45
N GLU C 94 -30.75 4.00 2.15
CA GLU C 94 -29.56 3.75 2.98
C GLU C 94 -29.68 4.47 4.32
N LEU C 95 -29.44 3.72 5.39
CA LEU C 95 -29.59 4.25 6.74
C LEU C 95 -28.25 4.30 7.48
N PRO C 96 -28.17 5.10 8.56
CA PRO C 96 -26.91 5.25 9.28
C PRO C 96 -26.41 3.93 9.90
N VAL C 97 -25.14 3.94 10.31
CA VAL C 97 -24.42 2.75 10.77
C VAL C 97 -25.15 1.93 11.86
N TYR C 98 -25.95 2.59 12.69
CA TYR C 98 -26.66 1.90 13.76
C TYR C 98 -27.81 1.03 13.24
N ARG C 99 -28.06 1.13 11.93
CA ARG C 99 -28.97 0.23 11.24
C ARG C 99 -28.16 -0.50 10.16
N PRO C 100 -27.20 -1.34 10.58
CA PRO C 100 -26.15 -1.83 9.67
C PRO C 100 -26.67 -2.60 8.46
N GLU C 101 -27.74 -3.36 8.64
CA GLU C 101 -28.38 -4.08 7.55
C GLU C 101 -28.68 -3.21 6.33
N PHE C 102 -28.88 -1.91 6.56
CA PHE C 102 -29.15 -0.95 5.49
C PHE C 102 -28.00 0.06 5.24
N ALA C 103 -26.87 -0.11 5.94
CA ALA C 103 -25.75 0.83 5.86
C ALA C 103 -24.69 0.38 4.87
N ASN C 104 -24.14 1.31 4.09
CA ASN C 104 -23.16 0.94 3.04
C ASN C 104 -21.77 1.61 3.06
N ASP C 105 -21.40 2.24 4.17
CA ASP C 105 -20.01 2.65 4.35
C ASP C 105 -19.18 1.48 4.89
N ILE C 106 -19.89 0.50 5.47
CA ILE C 106 -19.28 -0.68 6.06
C ILE C 106 -18.65 -1.56 4.99
N ILE C 107 -17.41 -2.00 5.25
CA ILE C 107 -16.79 -3.00 4.40
C ILE C 107 -17.40 -4.36 4.78
N TRP C 108 -18.33 -4.81 3.94
CA TRP C 108 -19.03 -6.07 4.15
C TRP C 108 -18.25 -7.26 3.59
N CYS C 109 -17.06 -7.47 4.15
CA CYS C 109 -16.19 -8.56 3.72
C CYS C 109 -16.23 -9.76 4.65
N PHE C 110 -17.05 -9.68 5.70
CA PHE C 110 -17.18 -10.75 6.68
C PHE C 110 -17.53 -12.10 6.04
N GLY C 111 -16.91 -13.16 6.53
CA GLY C 111 -17.16 -14.51 6.00
C GLY C 111 -16.42 -14.82 4.70
N ALA C 112 -15.63 -13.88 4.19
CA ALA C 112 -14.81 -14.11 3.02
C ALA C 112 -13.72 -15.12 3.35
N GLU C 113 -13.42 -15.97 2.38
CA GLU C 113 -12.36 -16.96 2.49
C GLU C 113 -11.01 -16.30 2.83
N ASP C 114 -10.17 -17.02 3.57
CA ASP C 114 -8.83 -16.55 3.97
C ASP C 114 -8.84 -15.26 4.81
N ASP C 115 -9.96 -15.00 5.49
CA ASP C 115 -10.18 -13.78 6.26
C ASP C 115 -9.97 -12.48 5.47
N ALA C 116 -10.22 -12.54 4.15
CA ALA C 116 -10.07 -11.37 3.29
C ALA C 116 -10.99 -10.26 3.78
N MET C 117 -10.43 -9.06 3.95
CA MET C 117 -11.18 -7.92 4.49
C MET C 117 -10.96 -6.60 3.74
N THR C 118 -10.09 -6.59 2.74
CA THR C 118 -9.91 -5.42 1.88
C THR C 118 -10.97 -5.35 0.78
N TYR C 119 -11.41 -4.14 0.43
CA TYR C 119 -12.47 -3.99 -0.55
C TYR C 119 -11.92 -3.92 -2.00
N HIS C 120 -12.47 -4.77 -2.88
CA HIS C 120 -12.15 -4.68 -4.30
C HIS C 120 -13.35 -4.13 -5.08
N CYS C 121 -14.48 -4.80 -4.95
CA CYS C 121 -15.69 -4.44 -5.68
C CYS C 121 -16.91 -5.11 -5.06
N THR C 122 -18.10 -4.69 -5.52
CA THR C 122 -19.39 -5.17 -4.99
C THR C 122 -20.24 -5.79 -6.10
N ILE C 123 -20.91 -6.90 -5.80
CA ILE C 123 -21.84 -7.51 -6.75
C ILE C 123 -23.29 -7.16 -6.40
N SER C 124 -24.21 -7.37 -7.34
CA SER C 124 -25.58 -6.90 -7.15
C SER C 124 -26.66 -7.96 -7.39
N PRO C 125 -26.61 -9.08 -6.65
CA PRO C 125 -27.60 -10.14 -6.89
C PRO C 125 -28.96 -9.85 -6.26
N ILE C 126 -30.01 -10.24 -6.97
CA ILE C 126 -31.38 -10.24 -6.45
C ILE C 126 -31.52 -11.44 -5.53
N VAL C 127 -32.03 -11.22 -4.31
CA VAL C 127 -32.25 -12.33 -3.38
C VAL C 127 -33.71 -12.42 -2.90
N GLY C 128 -34.57 -11.58 -3.45
CA GLY C 128 -36.00 -11.64 -3.17
C GLY C 128 -36.77 -10.43 -3.63
N LYS C 129 -38.11 -10.51 -3.50
CA LYS C 129 -38.99 -9.37 -3.72
C LYS C 129 -39.08 -8.54 -2.45
N ALA C 130 -39.26 -7.23 -2.62
CA ALA C 130 -39.35 -6.30 -1.50
C ALA C 130 -40.61 -6.55 -0.66
N SER C 131 -40.66 -5.86 0.49
CA SER C 131 -41.75 -5.91 1.48
C SER C 131 -41.32 -6.61 2.76
N GLN D 10 -0.36 39.09 -3.24
CA GLN D 10 -0.61 38.35 -4.51
C GLN D 10 0.48 37.31 -4.80
N GLU D 11 1.63 37.47 -4.14
CA GLU D 11 2.78 36.59 -4.34
C GLU D 11 2.51 35.21 -3.72
N THR D 12 2.66 34.17 -4.52
CA THR D 12 2.44 32.81 -4.05
C THR D 12 3.65 32.32 -3.26
N GLN D 13 3.49 31.18 -2.58
CA GLN D 13 4.57 30.63 -1.76
C GLN D 13 5.72 30.15 -2.63
N GLY D 14 5.41 29.51 -3.76
CA GLY D 14 6.42 29.08 -4.73
C GLY D 14 7.21 30.22 -5.32
N GLN D 15 6.53 31.33 -5.59
CA GLN D 15 7.19 32.55 -6.07
C GLN D 15 8.09 33.17 -5.00
N ALA D 16 7.56 33.35 -3.80
CA ALA D 16 8.36 33.84 -2.68
C ALA D 16 9.57 32.94 -2.42
N ALA D 17 9.37 31.62 -2.58
CA ALA D 17 10.45 30.65 -2.41
C ALA D 17 11.53 30.76 -3.49
N ALA D 18 11.12 31.10 -4.70
CA ALA D 18 12.07 31.30 -5.81
C ALA D 18 12.99 32.51 -5.56
N ARG D 19 12.41 33.60 -5.06
N ARG D 19 12.40 33.59 -5.05
CA ARG D 19 13.16 34.81 -4.74
CA ARG D 19 13.16 34.80 -4.75
C ARG D 19 14.20 34.54 -3.65
C ARG D 19 14.19 34.56 -3.64
N ALA D 20 13.77 33.87 -2.59
CA ALA D 20 14.64 33.53 -1.45
C ALA D 20 15.80 32.64 -1.88
N ALA D 21 15.51 31.64 -2.71
CA ALA D 21 16.53 30.78 -3.29
C ALA D 21 17.50 31.55 -4.21
N ALA D 22 16.96 32.47 -5.02
CA ALA D 22 17.75 33.29 -5.93
C ALA D 22 18.68 34.22 -5.14
N ALA D 23 18.14 34.85 -4.10
CA ALA D 23 18.91 35.74 -3.22
C ALA D 23 19.99 34.98 -2.45
N ASP D 24 19.68 33.76 -1.99
CA ASP D 24 20.69 32.93 -1.31
C ASP D 24 21.85 32.65 -2.26
N LEU D 25 21.53 32.26 -3.50
CA LEU D 25 22.54 31.99 -4.51
C LEU D 25 23.40 33.22 -4.83
N ALA D 26 22.76 34.36 -4.99
CA ALA D 26 23.45 35.62 -5.27
C ALA D 26 24.39 36.03 -4.13
N ALA D 27 23.92 35.91 -2.90
CA ALA D 27 24.69 36.30 -1.72
C ALA D 27 25.76 35.27 -1.30
N GLY D 28 25.69 34.08 -1.88
CA GLY D 28 26.62 32.99 -1.53
C GLY D 28 26.30 32.37 -0.18
N GLN D 29 25.02 32.43 0.21
CA GLN D 29 24.53 31.85 1.45
C GLN D 29 24.48 30.33 1.32
N ASP D 30 25.08 29.64 2.30
CA ASP D 30 25.05 28.18 2.37
C ASP D 30 23.96 27.75 3.34
N ASP D 31 23.54 26.49 3.23
CA ASP D 31 22.46 25.92 4.02
C ASP D 31 22.57 24.41 3.85
N GLU D 32 22.44 23.66 4.93
CA GLU D 32 22.57 22.22 4.83
C GLU D 32 21.25 21.54 4.44
N PRO D 33 21.25 20.78 3.34
CA PRO D 33 20.10 19.95 3.00
C PRO D 33 19.77 19.01 4.17
N ARG D 34 18.55 19.11 4.67
CA ARG D 34 18.19 18.42 5.91
C ARG D 34 16.70 18.01 5.93
N ILE D 35 16.28 17.36 7.00
CA ILE D 35 14.87 17.04 7.21
C ILE D 35 14.27 18.19 8.00
N LEU D 36 13.22 18.79 7.46
CA LEU D 36 12.56 19.90 8.13
C LEU D 36 11.68 19.41 9.26
N GLU D 37 11.49 20.28 10.25
CA GLU D 37 10.49 20.09 11.28
C GLU D 37 9.26 20.83 10.82
N ALA D 38 8.09 20.25 11.05
CA ALA D 38 6.84 21.01 10.89
C ALA D 38 6.83 22.10 11.94
N PRO D 39 6.23 23.27 11.63
CA PRO D 39 6.10 24.32 12.64
C PRO D 39 5.19 23.89 13.79
N ALA D 40 5.40 24.48 14.96
CA ALA D 40 4.62 24.15 16.16
C ALA D 40 3.13 24.09 15.85
N PRO D 41 2.46 23.03 16.32
CA PRO D 41 0.99 22.94 16.26
C PRO D 41 0.36 24.21 16.82
N ASP D 42 -0.57 24.78 16.06
CA ASP D 42 -1.36 25.93 16.53
C ASP D 42 -2.83 25.74 16.18
N ALA D 43 -3.66 26.73 16.51
CA ALA D 43 -5.11 26.67 16.30
C ALA D 43 -5.49 26.56 14.83
N ARG D 44 -4.60 26.98 13.95
CA ARG D 44 -4.89 27.03 12.51
C ARG D 44 -4.27 25.89 11.71
N ARG D 45 -3.64 24.94 12.39
CA ARG D 45 -3.23 23.67 11.77
C ARG D 45 -4.46 22.80 11.52
N VAL D 46 -4.51 22.20 10.33
CA VAL D 46 -5.66 21.41 9.93
C VAL D 46 -5.21 20.13 9.22
N TYR D 47 -5.82 19.01 9.62
CA TYR D 47 -5.46 17.71 9.09
C TYR D 47 -6.54 17.28 8.13
N VAL D 48 -6.12 16.80 6.96
CA VAL D 48 -7.03 16.27 5.96
C VAL D 48 -6.68 14.81 5.70
N ASN D 49 -7.62 13.92 5.99
CA ASN D 49 -7.43 12.49 5.71
C ASN D 49 -8.04 12.03 4.40
N ASP D 50 -7.30 11.20 3.68
CA ASP D 50 -7.71 10.67 2.40
C ASP D 50 -7.91 9.14 2.46
N PRO D 51 -9.15 8.68 2.72
CA PRO D 51 -9.48 7.24 2.71
C PRO D 51 -9.35 6.63 1.32
N ALA D 52 -9.16 7.50 0.33
CA ALA D 52 -8.76 7.14 -1.03
C ALA D 52 -9.71 6.16 -1.69
N HIS D 53 -11.01 6.34 -1.44
CA HIS D 53 -12.06 5.50 -2.02
C HIS D 53 -11.80 4.00 -1.80
N PHE D 54 -11.43 3.65 -0.56
CA PHE D 54 -11.19 2.26 -0.10
C PHE D 54 -9.87 1.62 -0.54
N ALA D 55 -8.90 2.44 -0.98
CA ALA D 55 -7.58 1.93 -1.34
C ALA D 55 -6.86 1.37 -0.12
N ALA D 56 -6.00 0.39 -0.38
CA ALA D 56 -5.33 -0.40 0.67
C ALA D 56 -4.33 0.43 1.49
N VAL D 57 -3.84 1.52 0.90
CA VAL D 57 -3.01 2.49 1.63
C VAL D 57 -3.56 3.90 1.42
N THR D 58 -3.24 4.80 2.35
CA THR D 58 -3.89 6.10 2.40
C THR D 58 -2.89 7.16 2.87
N GLN D 59 -3.32 8.42 2.84
CA GLN D 59 -2.49 9.54 3.26
C GLN D 59 -3.24 10.53 4.13
N GLN D 60 -2.52 11.14 5.07
CA GLN D 60 -3.01 12.27 5.84
C GLN D 60 -2.19 13.50 5.48
N PHE D 61 -2.85 14.65 5.38
CA PHE D 61 -2.17 15.91 5.05
C PHE D 61 -2.23 16.87 6.23
N VAL D 62 -1.06 17.33 6.66
CA VAL D 62 -0.96 18.30 7.72
C VAL D 62 -0.81 19.64 7.04
N ILE D 63 -1.73 20.55 7.32
CA ILE D 63 -1.81 21.81 6.60
C ILE D 63 -1.83 22.97 7.58
N ASP D 64 -1.03 23.99 7.29
CA ASP D 64 -1.13 25.28 7.95
C ASP D 64 -2.29 25.99 7.25
N GLY D 65 -3.42 26.10 7.95
CA GLY D 65 -4.63 26.70 7.39
C GLY D 65 -4.50 28.18 7.08
N GLU D 66 -3.69 28.89 7.87
CA GLU D 66 -3.50 30.33 7.72
C GLU D 66 -2.72 30.66 6.44
N ALA D 67 -1.68 29.86 6.18
CA ALA D 67 -0.83 30.07 5.02
C ALA D 67 -1.32 29.31 3.80
N GLY D 68 -2.20 28.34 4.03
CA GLY D 68 -2.68 27.46 2.95
C GLY D 68 -1.54 26.63 2.40
N ARG D 69 -0.79 26.01 3.31
CA ARG D 69 0.41 25.26 2.95
C ARG D 69 0.46 23.88 3.60
N VAL D 70 0.81 22.87 2.81
CA VAL D 70 1.03 21.53 3.32
C VAL D 70 2.35 21.56 4.07
N ILE D 71 2.31 21.24 5.35
CA ILE D 71 3.50 21.27 6.21
C ILE D 71 3.96 19.88 6.60
N GLY D 72 3.22 18.86 6.16
CA GLY D 72 3.62 17.50 6.39
C GLY D 72 2.59 16.48 5.95
N MET D 73 3.03 15.23 5.96
CA MET D 73 2.17 14.09 5.65
C MET D 73 2.41 12.89 6.58
N ILE D 74 1.39 12.03 6.66
CA ILE D 74 1.47 10.76 7.39
C ILE D 74 0.84 9.69 6.51
N ASP D 75 1.56 8.60 6.29
CA ASP D 75 0.99 7.42 5.62
C ASP D 75 0.14 6.58 6.56
N GLY D 76 -0.90 5.98 6.00
CA GLY D 76 -1.78 5.06 6.71
C GLY D 76 -2.05 3.84 5.83
N GLY D 77 -2.59 2.79 6.43
CA GLY D 77 -2.99 1.61 5.70
C GLY D 77 -4.44 1.69 5.27
N PHE D 78 -5.18 0.61 5.52
CA PHE D 78 -6.57 0.50 5.07
C PHE D 78 -7.55 1.21 6.00
N LEU D 79 -8.29 2.17 5.45
CA LEU D 79 -9.26 3.01 6.20
C LEU D 79 -8.86 3.33 7.65
N PRO D 80 -7.74 4.07 7.84
CA PRO D 80 -7.29 4.44 9.17
C PRO D 80 -8.20 5.45 9.83
N ASN D 81 -8.24 5.42 11.16
CA ASN D 81 -8.95 6.41 11.96
C ASN D 81 -7.95 7.42 12.54
N PRO D 82 -8.02 8.69 12.13
CA PRO D 82 -7.14 9.68 12.73
C PRO D 82 -7.70 10.25 14.04
N VAL D 83 -6.80 10.61 14.94
CA VAL D 83 -7.15 11.40 16.13
C VAL D 83 -6.07 12.43 16.35
N VAL D 84 -6.49 13.60 16.81
CA VAL D 84 -5.57 14.70 17.08
C VAL D 84 -5.80 15.15 18.52
N ALA D 85 -4.74 15.16 19.33
CA ALA D 85 -4.83 15.63 20.71
C ALA D 85 -5.07 17.12 20.73
N ASP D 86 -6.10 17.53 21.48
CA ASP D 86 -6.55 18.91 21.50
C ASP D 86 -5.49 19.90 21.96
N ASP D 87 -4.59 19.48 22.85
CA ASP D 87 -3.55 20.35 23.36
C ASP D 87 -2.33 20.43 22.45
N GLY D 88 -2.37 19.68 21.35
CA GLY D 88 -1.33 19.71 20.33
C GLY D 88 -0.09 18.90 20.64
N SER D 89 -0.13 18.13 21.72
CA SER D 89 1.03 17.37 22.19
C SER D 89 1.42 16.19 21.30
N PHE D 90 0.44 15.66 20.56
CA PHE D 90 0.66 14.53 19.67
C PHE D 90 -0.52 14.30 18.73
N ILE D 91 -0.28 13.51 17.69
CA ILE D 91 -1.35 12.97 16.85
C ILE D 91 -1.24 11.45 16.85
N ALA D 92 -2.30 10.80 16.43
CA ALA D 92 -2.33 9.34 16.36
C ALA D 92 -3.35 8.85 15.36
N HIS D 93 -3.14 7.65 14.84
CA HIS D 93 -4.17 6.95 14.10
C HIS D 93 -4.21 5.47 14.47
N ALA D 94 -5.37 4.85 14.27
CA ALA D 94 -5.47 3.40 14.27
C ALA D 94 -5.51 2.95 12.81
N SER D 95 -4.68 2.00 12.46
CA SER D 95 -4.47 1.63 11.06
C SER D 95 -4.43 0.12 10.84
N THR D 96 -4.40 -0.27 9.57
CA THR D 96 -4.54 -1.67 9.16
C THR D 96 -3.65 -1.98 7.94
N VAL D 97 -2.75 -2.95 8.09
CA VAL D 97 -1.94 -3.42 6.95
C VAL D 97 -2.00 -4.92 6.78
N PHE D 98 -1.60 -5.38 5.60
CA PHE D 98 -1.61 -6.79 5.24
C PHE D 98 -0.24 -7.13 4.69
N SER D 99 0.15 -8.40 4.82
CA SER D 99 1.50 -8.83 4.43
C SER D 99 1.78 -8.81 2.92
N ARG D 100 0.74 -8.91 2.10
CA ARG D 100 0.87 -8.81 0.65
C ARG D 100 -0.11 -7.81 0.09
N ILE D 101 0.16 -6.54 0.36
CA ILE D 101 -0.67 -5.39 -0.07
C ILE D 101 -2.09 -5.43 0.53
N ALA D 102 -2.97 -6.25 -0.03
CA ALA D 102 -4.36 -6.28 0.39
C ALA D 102 -4.78 -7.68 0.79
N ARG D 103 -3.83 -8.60 0.72
CA ARG D 103 -4.04 -10.03 1.00
C ARG D 103 -3.02 -10.51 2.04
N GLY D 104 -3.30 -11.64 2.68
CA GLY D 104 -2.37 -12.24 3.64
C GLY D 104 -2.68 -11.88 5.09
N GLU D 105 -1.65 -11.87 5.92
CA GLU D 105 -1.81 -11.64 7.35
C GLU D 105 -2.15 -10.17 7.64
N ARG D 106 -3.25 -9.98 8.36
CA ARG D 106 -3.70 -8.64 8.76
C ARG D 106 -3.02 -8.24 10.07
N THR D 107 -2.50 -7.01 10.10
CA THR D 107 -2.00 -6.42 11.34
C THR D 107 -2.73 -5.10 11.61
N ASP D 108 -3.46 -5.04 12.71
CA ASP D 108 -4.03 -3.77 13.17
C ASP D 108 -3.07 -3.18 14.20
N TYR D 109 -2.98 -1.86 14.22
CA TYR D 109 -2.02 -1.19 15.08
C TYR D 109 -2.39 0.27 15.31
N VAL D 110 -1.92 0.82 16.43
CA VAL D 110 -1.99 2.25 16.69
C VAL D 110 -0.58 2.82 16.60
N GLU D 111 -0.46 3.95 15.91
CA GLU D 111 0.75 4.74 15.93
C GLU D 111 0.48 6.09 16.59
N VAL D 112 1.42 6.52 17.42
CA VAL D 112 1.40 7.86 17.96
C VAL D 112 2.57 8.59 17.31
N PHE D 113 2.35 9.83 16.91
CA PHE D 113 3.38 10.61 16.22
C PHE D 113 3.68 11.89 16.98
N ASP D 114 4.96 12.25 17.00
CA ASP D 114 5.36 13.60 17.38
C ASP D 114 4.80 14.58 16.33
N PRO D 115 4.22 15.70 16.79
CA PRO D 115 3.53 16.57 15.84
C PRO D 115 4.42 17.59 15.11
N VAL D 116 5.72 17.64 15.41
CA VAL D 116 6.64 18.47 14.63
C VAL D 116 7.60 17.65 13.76
N THR D 117 8.10 16.53 14.27
CA THR D 117 8.97 15.64 13.49
C THR D 117 8.17 14.63 12.66
N LEU D 118 6.92 14.41 13.09
CA LEU D 118 6.01 13.40 12.51
C LEU D 118 6.55 11.97 12.64
N LEU D 119 7.54 11.79 13.51
CA LEU D 119 8.11 10.48 13.80
C LEU D 119 7.19 9.66 14.68
N PRO D 120 7.04 8.36 14.37
CA PRO D 120 6.26 7.48 15.24
C PRO D 120 6.96 7.33 16.58
N THR D 121 6.25 7.62 17.66
CA THR D 121 6.80 7.51 19.02
C THR D 121 6.25 6.27 19.74
N ALA D 122 5.17 5.72 19.19
CA ALA D 122 4.63 4.45 19.63
C ALA D 122 4.04 3.69 18.44
N ASP D 123 4.27 2.38 18.41
CA ASP D 123 3.64 1.49 17.45
C ASP D 123 3.07 0.31 18.25
N ILE D 124 1.76 0.35 18.44
CA ILE D 124 1.06 -0.57 19.34
C ILE D 124 0.14 -1.51 18.56
N GLU D 125 0.52 -2.78 18.48
CA GLU D 125 -0.28 -3.74 17.74
C GLU D 125 -1.56 -4.10 18.50
N LEU D 126 -2.66 -4.16 17.78
CA LEU D 126 -3.96 -4.56 18.33
C LEU D 126 -4.19 -6.05 18.02
N PRO D 127 -4.29 -6.91 19.06
CA PRO D 127 -4.41 -8.36 18.82
C PRO D 127 -5.73 -8.76 18.17
N ASP D 128 -5.67 -9.81 17.34
CA ASP D 128 -6.85 -10.41 16.70
C ASP D 128 -7.60 -9.48 15.75
N ALA D 129 -6.86 -8.61 15.07
CA ALA D 129 -7.41 -7.72 14.04
C ALA D 129 -8.76 -7.12 14.44
N PRO D 130 -8.78 -6.28 15.50
CA PRO D 130 -10.05 -5.90 16.08
C PRO D 130 -10.71 -4.64 15.51
N ARG D 131 -10.07 -3.96 14.54
CA ARG D 131 -10.62 -2.70 14.01
C ARG D 131 -11.89 -2.87 13.17
N PHE D 132 -12.82 -1.92 13.33
CA PHE D 132 -13.99 -1.79 12.47
C PHE D 132 -13.59 -1.09 11.18
N LEU D 133 -13.67 -1.83 10.08
CA LEU D 133 -13.29 -1.31 8.77
C LEU D 133 -14.51 -0.72 8.07
N VAL D 134 -14.49 0.61 7.92
CA VAL D 134 -15.66 1.37 7.48
C VAL D 134 -15.24 2.74 6.91
N GLY D 135 -16.07 3.28 6.02
CA GLY D 135 -15.96 4.69 5.61
C GLY D 135 -15.70 5.52 6.84
N THR D 136 -14.70 6.38 6.77
CA THR D 136 -14.13 6.99 7.97
C THR D 136 -15.09 7.91 8.72
N TYR D 137 -15.44 7.50 9.93
CA TYR D 137 -16.18 8.32 10.87
C TYR D 137 -15.24 8.73 11.99
N PRO D 138 -15.05 10.04 12.21
CA PRO D 138 -14.15 10.54 13.26
C PRO D 138 -14.35 9.91 14.64
N TRP D 139 -15.59 9.66 15.02
CA TRP D 139 -15.84 9.20 16.39
C TRP D 139 -16.02 7.69 16.50
N MET D 140 -15.42 6.96 15.57
CA MET D 140 -15.27 5.50 15.69
C MET D 140 -13.96 5.14 16.40
N THR D 141 -13.10 6.15 16.58
CA THR D 141 -11.84 6.03 17.30
C THR D 141 -11.61 7.36 18.03
N SER D 142 -11.27 7.30 19.31
CA SER D 142 -11.37 8.49 20.16
C SER D 142 -10.38 8.53 21.29
N LEU D 143 -9.85 9.72 21.56
CA LEU D 143 -8.95 9.94 22.69
C LEU D 143 -9.73 10.36 23.93
N THR D 144 -9.28 9.90 25.09
CA THR D 144 -9.81 10.41 26.36
C THR D 144 -9.27 11.82 26.60
N PRO D 145 -10.02 12.67 27.35
CA PRO D 145 -9.62 14.08 27.53
C PRO D 145 -8.19 14.25 28.05
N ASP D 146 -7.73 13.31 28.86
CA ASP D 146 -6.37 13.34 29.39
C ASP D 146 -5.34 12.95 28.35
N GLY D 147 -5.80 12.28 27.28
CA GLY D 147 -4.94 11.88 26.16
C GLY D 147 -4.11 10.64 26.39
N LYS D 148 -4.35 9.92 27.49
CA LYS D 148 -3.52 8.76 27.83
C LYS D 148 -4.10 7.44 27.31
N THR D 149 -5.34 7.52 26.82
CA THR D 149 -6.07 6.34 26.38
C THR D 149 -6.73 6.59 25.02
N LEU D 150 -6.58 5.63 24.12
CA LEU D 150 -7.24 5.65 22.82
C LEU D 150 -8.32 4.58 22.84
N LEU D 151 -9.49 4.92 22.32
CA LEU D 151 -10.61 3.98 22.28
C LEU D 151 -11.07 3.77 20.84
N PHE D 152 -11.09 2.52 20.39
CA PHE D 152 -11.51 2.20 19.02
C PHE D 152 -12.72 1.27 19.03
N TYR D 153 -13.56 1.41 18.01
CA TYR D 153 -14.78 0.64 17.91
C TYR D 153 -14.53 -0.65 17.12
N GLN D 154 -15.13 -1.73 17.59
CA GLN D 154 -15.12 -3.02 16.90
C GLN D 154 -16.57 -3.34 16.56
N PHE D 155 -16.79 -3.86 15.36
CA PHE D 155 -18.14 -4.25 14.95
C PHE D 155 -18.30 -5.77 14.83
N SER D 156 -17.21 -6.46 14.54
CA SER D 156 -17.22 -7.91 14.32
C SER D 156 -16.42 -8.62 15.40
N PRO D 157 -16.97 -9.68 16.03
CA PRO D 157 -18.28 -10.29 15.78
C PRO D 157 -19.48 -9.48 16.31
N ALA D 158 -19.21 -8.57 17.24
CA ALA D 158 -20.26 -7.78 17.86
C ALA D 158 -19.74 -6.39 18.23
N PRO D 159 -20.64 -5.39 18.33
CA PRO D 159 -20.20 -4.10 18.86
C PRO D 159 -19.39 -4.29 20.14
N ALA D 160 -18.23 -3.67 20.18
CA ALA D 160 -17.28 -3.76 21.29
C ALA D 160 -16.35 -2.55 21.22
N VAL D 161 -15.70 -2.22 22.32
CA VAL D 161 -14.79 -1.07 22.35
C VAL D 161 -13.45 -1.42 22.95
N GLY D 162 -12.38 -1.17 22.17
CA GLY D 162 -11.03 -1.50 22.56
C GLY D 162 -10.34 -0.41 23.35
N VAL D 163 -9.63 -0.81 24.40
CA VAL D 163 -8.93 0.12 25.28
C VAL D 163 -7.43 0.06 25.05
N VAL D 164 -6.89 1.15 24.51
CA VAL D 164 -5.46 1.24 24.22
C VAL D 164 -4.81 2.27 25.14
N ASP D 165 -3.83 1.80 25.90
CA ASP D 165 -3.05 2.64 26.81
C ASP D 165 -1.88 3.25 26.04
N LEU D 166 -1.99 4.55 25.77
CA LEU D 166 -0.96 5.27 25.05
C LEU D 166 0.25 5.59 25.92
N GLU D 167 0.01 5.80 27.21
CA GLU D 167 1.06 6.09 28.20
C GLU D 167 2.01 4.89 28.36
N GLY D 168 1.43 3.70 28.55
CA GLY D 168 2.22 2.48 28.70
C GLY D 168 2.51 1.78 27.38
N LYS D 169 2.01 2.36 26.28
CA LYS D 169 2.19 1.82 24.92
C LYS D 169 1.79 0.34 24.79
N ALA D 170 0.55 0.03 25.17
CA ALA D 170 0.05 -1.34 25.16
C ALA D 170 -1.46 -1.40 24.98
N PHE D 171 -1.91 -2.42 24.27
CA PHE D 171 -3.33 -2.75 24.24
C PHE D 171 -3.73 -3.34 25.58
N LYS D 172 -4.88 -2.94 26.09
CA LYS D 172 -5.34 -3.43 27.39
C LYS D 172 -6.38 -4.54 27.29
N ARG D 173 -7.51 -4.24 26.65
CA ARG D 173 -8.63 -5.19 26.52
C ARG D 173 -9.77 -4.66 25.66
N MET D 174 -10.69 -5.56 25.28
CA MET D 174 -11.95 -5.19 24.62
C MET D 174 -13.06 -5.05 25.67
N LEU D 175 -13.88 -4.01 25.53
CA LEU D 175 -15.09 -3.86 26.34
C LEU D 175 -16.30 -4.36 25.60
N ASP D 176 -17.05 -5.25 26.25
CA ASP D 176 -18.34 -5.68 25.75
C ASP D 176 -19.32 -4.52 25.92
N VAL D 177 -20.08 -4.22 24.89
CA VAL D 177 -21.07 -3.15 24.91
C VAL D 177 -22.39 -3.66 24.31
N PRO D 178 -23.49 -2.90 24.48
CA PRO D 178 -24.74 -3.33 23.82
C PRO D 178 -24.71 -3.04 22.31
N ASP D 179 -25.86 -3.04 21.66
CA ASP D 179 -25.91 -2.78 20.23
C ASP D 179 -25.84 -1.27 20.03
N CYS D 180 -24.65 -0.72 20.21
CA CYS D 180 -24.43 0.73 20.15
C CYS D 180 -23.21 1.08 19.28
N TYR D 181 -23.10 2.36 18.94
CA TYR D 181 -22.19 2.85 17.91
C TYR D 181 -21.60 4.21 18.29
N HIS D 182 -20.41 4.50 17.76
CA HIS D 182 -19.64 5.73 18.05
C HIS D 182 -19.13 5.80 19.51
N ILE D 183 -18.06 6.54 19.75
CA ILE D 183 -17.40 6.60 21.06
C ILE D 183 -17.09 8.04 21.43
N PHE D 184 -17.80 8.57 22.43
CA PHE D 184 -17.62 9.95 22.88
C PHE D 184 -17.11 9.99 24.33
N PRO D 185 -15.78 10.10 24.50
CA PRO D 185 -15.19 10.11 25.85
C PRO D 185 -15.44 11.41 26.60
N THR D 186 -15.59 11.31 27.92
CA THR D 186 -15.96 12.43 28.77
C THR D 186 -15.05 12.51 29.99
N ALA D 187 -14.32 11.42 30.24
CA ALA D 187 -13.42 11.30 31.37
C ALA D 187 -12.37 10.24 31.04
N PRO D 188 -11.30 10.13 31.85
CA PRO D 188 -10.29 9.09 31.61
C PRO D 188 -10.88 7.69 31.57
N ASP D 189 -12.07 7.50 32.16
CA ASP D 189 -12.66 6.18 32.36
C ASP D 189 -14.10 6.05 31.87
N THR D 190 -14.58 7.04 31.12
CA THR D 190 -15.99 7.11 30.74
C THR D 190 -16.19 7.62 29.31
N PHE D 191 -17.07 6.96 28.57
CA PHE D 191 -17.47 7.40 27.23
C PHE D 191 -18.93 7.07 26.94
N PHE D 192 -19.51 7.77 25.98
CA PHE D 192 -20.87 7.53 25.55
C PHE D 192 -20.92 6.90 24.14
N MET D 193 -21.97 6.14 23.88
CA MET D 193 -22.24 5.58 22.58
C MET D 193 -23.69 5.89 22.20
N HIS D 194 -24.01 5.79 20.92
CA HIS D 194 -25.39 5.90 20.47
C HIS D 194 -25.90 4.54 20.04
N CYS D 195 -27.03 4.15 20.63
CA CYS D 195 -27.56 2.79 20.48
C CYS D 195 -28.69 2.71 19.46
N ARG D 196 -28.90 1.50 18.95
CA ARG D 196 -29.95 1.21 17.97
C ARG D 196 -31.35 1.52 18.54
N ASP D 197 -31.55 1.22 19.82
CA ASP D 197 -32.85 1.47 20.47
C ASP D 197 -33.18 2.95 20.64
N GLY D 198 -32.26 3.82 20.26
CA GLY D 198 -32.50 5.27 20.30
C GLY D 198 -32.08 5.97 21.59
N SER D 199 -31.43 5.23 22.48
CA SER D 199 -30.85 5.81 23.69
C SER D 199 -29.36 6.11 23.49
N LEU D 200 -28.79 6.87 24.43
CA LEU D 200 -27.35 6.92 24.57
C LEU D 200 -26.95 5.93 25.66
N ALA D 201 -25.81 5.26 25.48
CA ALA D 201 -25.26 4.42 26.54
C ALA D 201 -24.05 5.10 27.18
N LYS D 202 -24.05 5.17 28.52
CA LYS D 202 -22.89 5.58 29.29
C LYS D 202 -22.08 4.33 29.63
N VAL D 203 -20.78 4.35 29.35
CA VAL D 203 -19.93 3.22 29.67
C VAL D 203 -18.76 3.63 30.57
N ALA D 204 -18.78 3.14 31.81
CA ALA D 204 -17.74 3.42 32.79
C ALA D 204 -16.86 2.20 32.97
N PHE D 205 -15.58 2.34 32.65
CA PHE D 205 -14.65 1.21 32.69
C PHE D 205 -13.47 1.47 33.62
N GLY D 206 -13.03 0.43 34.31
CA GLY D 206 -11.97 0.57 35.31
C GLY D 206 -10.68 -0.11 34.89
N THR D 207 -9.88 -0.49 35.88
CA THR D 207 -8.62 -1.19 35.65
C THR D 207 -8.89 -2.59 35.11
N GLU D 208 -9.94 -3.23 35.62
CA GLU D 208 -10.34 -4.58 35.21
C GLU D 208 -11.85 -4.78 35.43
N GLY D 209 -12.42 -5.74 34.72
CA GLY D 209 -13.81 -6.16 34.94
C GLY D 209 -14.80 -5.70 33.89
N THR D 210 -16.06 -6.10 34.06
CA THR D 210 -17.16 -5.67 33.21
C THR D 210 -17.41 -4.17 33.41
N PRO D 211 -17.62 -3.42 32.31
CA PRO D 211 -17.94 -2.00 32.45
C PRO D 211 -19.32 -1.77 33.06
N GLU D 212 -19.47 -0.63 33.74
CA GLU D 212 -20.77 -0.18 34.23
C GLU D 212 -21.47 0.57 33.11
N ILE D 213 -22.54 -0.02 32.58
CA ILE D 213 -23.26 0.55 31.44
C ILE D 213 -24.67 1.05 31.82
N THR D 214 -24.89 2.34 31.58
CA THR D 214 -26.15 3.01 31.87
C THR D 214 -26.75 3.50 30.56
N HIS D 215 -28.07 3.41 30.44
CA HIS D 215 -28.75 3.95 29.28
C HIS D 215 -29.54 5.18 29.68
N THR D 216 -29.56 6.17 28.79
CA THR D 216 -30.47 7.30 28.92
C THR D 216 -31.85 6.88 28.44
N GLU D 217 -32.82 7.77 28.60
CA GLU D 217 -34.10 7.64 27.94
C GLU D 217 -33.92 7.80 26.43
N VAL D 218 -34.69 7.04 25.64
CA VAL D 218 -34.69 7.17 24.18
C VAL D 218 -34.98 8.64 23.83
N PHE D 219 -34.15 9.23 22.97
CA PHE D 219 -34.28 10.65 22.64
C PHE D 219 -34.72 10.94 21.20
N HIS D 220 -34.93 9.88 20.41
CA HIS D 220 -35.44 10.02 19.06
C HIS D 220 -36.19 8.76 18.63
N PRO D 221 -37.20 8.91 17.74
CA PRO D 221 -37.92 7.76 17.22
C PRO D 221 -37.13 6.95 16.18
N GLU D 222 -37.66 5.78 15.83
CA GLU D 222 -37.06 4.88 14.83
C GLU D 222 -37.02 5.48 13.42
N ASP D 223 -37.99 6.34 13.10
CA ASP D 223 -38.09 6.95 11.76
C ASP D 223 -37.27 8.25 11.63
N GLU D 224 -36.53 8.60 12.67
CA GLU D 224 -35.67 9.77 12.68
C GLU D 224 -34.21 9.32 12.62
N PHE D 225 -33.54 9.60 11.50
CA PHE D 225 -32.22 9.04 11.22
C PHE D 225 -31.08 10.01 11.51
N LEU D 226 -30.21 9.61 12.45
CA LEU D 226 -29.10 10.44 12.94
C LEU D 226 -27.80 10.11 12.21
N ILE D 227 -27.17 11.13 11.64
CA ILE D 227 -26.07 10.93 10.69
C ILE D 227 -24.81 10.29 11.28
N ASN D 228 -23.98 9.76 10.40
CA ASN D 228 -22.76 9.05 10.81
C ASN D 228 -21.65 9.99 11.29
N HIS D 229 -21.84 11.29 11.04
CA HIS D 229 -20.83 12.29 11.38
C HIS D 229 -21.33 13.43 12.27
N PRO D 230 -21.72 13.12 13.52
CA PRO D 230 -21.99 14.23 14.45
C PRO D 230 -20.70 14.94 14.86
N ALA D 231 -20.83 16.19 15.29
CA ALA D 231 -19.71 16.94 15.84
C ALA D 231 -19.72 16.80 17.36
N TYR D 232 -18.54 16.54 17.93
CA TYR D 232 -18.40 16.43 19.37
C TYR D 232 -17.25 17.30 19.83
N SER D 233 -17.57 18.24 20.72
CA SER D 233 -16.56 19.03 21.41
C SER D 233 -16.30 18.36 22.76
N GLN D 234 -15.15 17.72 22.90
CA GLN D 234 -14.78 17.07 24.17
C GLN D 234 -14.59 18.08 25.32
N LYS D 235 -14.06 19.25 24.99
CA LYS D 235 -13.83 20.31 25.98
C LYS D 235 -15.13 20.97 26.46
N ALA D 236 -16.15 20.96 25.61
CA ALA D 236 -17.47 21.50 25.96
C ALA D 236 -18.41 20.39 26.40
N GLY D 237 -18.06 19.15 26.06
CA GLY D 237 -18.94 18.00 26.29
C GLY D 237 -20.21 18.12 25.48
N ARG D 238 -20.14 18.86 24.38
CA ARG D 238 -21.27 19.09 23.49
C ARG D 238 -21.29 18.10 22.33
N LEU D 239 -22.32 17.27 22.31
CA LEU D 239 -22.58 16.37 21.20
C LEU D 239 -23.70 16.95 20.33
N VAL D 240 -23.34 17.32 19.10
CA VAL D 240 -24.27 17.97 18.15
C VAL D 240 -24.60 16.97 17.05
N TRP D 241 -25.82 16.46 17.08
CA TRP D 241 -26.20 15.38 16.17
C TRP D 241 -27.38 15.76 15.27
N PRO D 242 -27.10 16.00 13.97
CA PRO D 242 -28.15 16.30 13.00
C PRO D 242 -28.82 15.06 12.45
N THR D 243 -30.08 15.21 12.05
CA THR D 243 -30.80 14.16 11.37
C THR D 243 -30.71 14.39 9.87
N TYR D 244 -31.27 13.45 9.10
CA TYR D 244 -31.39 13.56 7.63
C TYR D 244 -32.14 14.81 7.17
N THR D 245 -33.04 15.32 8.02
CA THR D 245 -33.83 16.51 7.72
C THR D 245 -33.19 17.81 8.21
N GLY D 246 -32.10 17.68 8.97
CA GLY D 246 -31.41 18.85 9.52
C GLY D 246 -31.87 19.21 10.91
N LYS D 247 -32.78 18.42 11.48
CA LYS D 247 -33.11 18.53 12.90
C LYS D 247 -31.84 18.27 13.68
N ILE D 248 -31.56 19.13 14.67
CA ILE D 248 -30.32 19.03 15.42
C ILE D 248 -30.55 18.68 16.90
N HIS D 249 -30.10 17.49 17.26
CA HIS D 249 -30.05 17.06 18.65
C HIS D 249 -28.79 17.61 19.29
N GLN D 250 -28.95 18.17 20.49
CA GLN D 250 -27.81 18.62 21.27
C GLN D 250 -27.84 17.96 22.64
N ILE D 251 -26.74 17.29 22.99
CA ILE D 251 -26.62 16.62 24.27
C ILE D 251 -25.42 17.18 25.03
N ASP D 252 -25.70 17.71 26.21
CA ASP D 252 -24.66 18.22 27.12
C ASP D 252 -24.16 17.07 27.99
N LEU D 253 -22.86 16.78 27.89
CA LEU D 253 -22.25 15.69 28.67
C LEU D 253 -21.26 16.23 29.72
N SER D 254 -21.26 17.55 29.93
CA SER D 254 -20.27 18.21 30.80
C SER D 254 -20.31 17.79 32.27
N SER D 255 -21.50 17.46 32.78
CA SER D 255 -21.64 17.03 34.18
C SER D 255 -21.25 15.55 34.36
N GLY D 256 -20.86 14.90 33.27
CA GLY D 256 -20.53 13.48 33.30
C GLY D 256 -21.74 12.60 33.02
N ASP D 257 -22.94 13.19 33.11
CA ASP D 257 -24.18 12.54 32.70
C ASP D 257 -24.84 13.30 31.55
N ALA D 258 -25.63 12.61 30.74
CA ALA D 258 -26.28 13.19 29.57
C ALA D 258 -27.50 14.02 29.93
N LYS D 259 -27.46 15.30 29.56
CA LYS D 259 -28.64 16.16 29.65
C LYS D 259 -28.97 16.66 28.25
N PHE D 260 -30.21 16.47 27.84
CA PHE D 260 -30.64 16.82 26.48
C PHE D 260 -31.10 18.25 26.37
N LEU D 261 -30.48 18.99 25.46
CA LEU D 261 -30.82 20.39 25.22
C LEU D 261 -32.06 20.47 24.32
N PRO D 262 -32.78 21.62 24.35
CA PRO D 262 -33.89 21.80 23.41
C PRO D 262 -33.43 21.46 22.00
N ALA D 263 -34.21 20.60 21.32
CA ALA D 263 -33.95 20.26 19.93
C ALA D 263 -34.13 21.51 19.06
N VAL D 264 -33.32 21.62 18.01
CA VAL D 264 -33.37 22.78 17.12
C VAL D 264 -33.38 22.40 15.63
N GLU D 265 -34.05 23.22 14.83
CA GLU D 265 -34.16 23.01 13.38
C GLU D 265 -33.18 23.90 12.62
N ALA D 266 -32.27 23.26 11.88
CA ALA D 266 -31.26 23.97 11.09
C ALA D 266 -31.83 24.56 9.80
N LEU D 267 -32.99 24.03 9.41
CA LEU D 267 -33.71 24.54 8.24
C LEU D 267 -35.11 24.92 8.66
N THR D 268 -35.71 25.90 7.98
CA THR D 268 -37.10 26.26 8.26
C THR D 268 -38.03 25.27 7.58
N GLU D 269 -39.28 25.24 8.04
CA GLU D 269 -40.33 24.40 7.48
C GLU D 269 -40.52 24.64 5.97
N ALA D 270 -40.39 25.89 5.56
CA ALA D 270 -40.53 26.26 4.15
C ALA D 270 -39.40 25.67 3.30
N GLU D 271 -38.16 25.79 3.79
CA GLU D 271 -37.00 25.23 3.10
C GLU D 271 -37.10 23.71 2.96
N ARG D 272 -37.52 23.06 4.04
CA ARG D 272 -37.73 21.61 4.05
C ARG D 272 -38.77 21.15 3.01
N ALA D 273 -39.85 21.92 2.85
CA ALA D 273 -40.86 21.64 1.83
C ALA D 273 -40.32 21.91 0.43
N ASP D 274 -39.33 22.79 0.34
CA ASP D 274 -38.64 23.08 -0.92
C ASP D 274 -37.49 22.11 -1.22
N GLY D 275 -37.35 21.08 -0.38
CA GLY D 275 -36.39 20.01 -0.60
C GLY D 275 -34.99 20.30 -0.09
N TRP D 276 -34.88 21.27 0.81
CA TRP D 276 -33.60 21.58 1.45
C TRP D 276 -33.27 20.51 2.50
N ARG D 277 -32.09 19.91 2.35
CA ARG D 277 -31.65 18.84 3.24
C ARG D 277 -30.13 18.89 3.39
N PRO D 278 -29.63 18.54 4.59
CA PRO D 278 -28.18 18.43 4.71
C PRO D 278 -27.69 17.29 3.82
N GLY D 279 -26.43 17.35 3.42
CA GLY D 279 -25.85 16.27 2.65
C GLY D 279 -24.35 16.41 2.52
N GLY D 280 -23.66 15.27 2.56
CA GLY D 280 -22.20 15.23 2.46
C GLY D 280 -21.62 14.16 3.34
N TRP D 281 -20.46 14.44 3.89
CA TRP D 281 -19.79 13.52 4.79
C TRP D 281 -19.80 14.16 6.18
N GLN D 282 -18.78 14.95 6.49
CA GLN D 282 -18.80 15.78 7.69
C GLN D 282 -19.73 16.96 7.44
N GLN D 283 -21.02 16.74 7.65
CA GLN D 283 -22.04 17.75 7.37
C GLN D 283 -22.16 18.82 8.45
N VAL D 284 -21.60 18.55 9.64
CA VAL D 284 -21.78 19.46 10.77
C VAL D 284 -20.46 19.84 11.44
N ALA D 285 -20.36 21.10 11.86
CA ALA D 285 -19.24 21.58 12.65
C ALA D 285 -19.76 22.34 13.87
N TYR D 286 -18.96 22.33 14.93
CA TYR D 286 -19.30 23.06 16.15
C TYR D 286 -18.12 23.89 16.64
N HIS D 287 -18.33 25.19 16.79
CA HIS D 287 -17.33 26.09 17.36
C HIS D 287 -17.64 26.28 18.84
N ARG D 288 -16.69 25.87 19.70
CA ARG D 288 -16.93 25.88 21.13
C ARG D 288 -17.07 27.29 21.73
N ALA D 289 -16.09 28.15 21.46
CA ALA D 289 -16.08 29.50 22.04
C ALA D 289 -17.33 30.30 21.68
N LEU D 290 -17.71 30.24 20.40
CA LEU D 290 -18.88 30.99 19.91
C LEU D 290 -20.21 30.26 20.14
N ASP D 291 -20.15 29.00 20.59
CA ASP D 291 -21.33 28.16 20.81
C ASP D 291 -22.21 28.19 19.55
N ARG D 292 -21.62 27.76 18.44
CA ARG D 292 -22.16 28.00 17.11
C ARG D 292 -22.16 26.70 16.29
N ILE D 293 -23.22 26.47 15.52
CA ILE D 293 -23.34 25.27 14.70
C ILE D 293 -23.28 25.63 13.21
N TYR D 294 -22.53 24.84 12.44
CA TYR D 294 -22.39 25.03 11.01
C TYR D 294 -22.84 23.76 10.29
N LEU D 295 -23.72 23.88 9.29
CA LEU D 295 -24.25 22.70 8.63
C LEU D 295 -24.26 22.79 7.09
N LEU D 296 -23.77 21.72 6.45
CA LEU D 296 -23.78 21.60 4.99
C LEU D 296 -25.17 21.25 4.50
N VAL D 297 -25.73 22.12 3.67
CA VAL D 297 -27.12 21.98 3.21
C VAL D 297 -27.21 22.28 1.73
N ASP D 298 -28.28 21.79 1.10
CA ASP D 298 -28.53 22.00 -0.32
C ASP D 298 -29.91 21.43 -0.66
N GLN D 299 -30.44 21.81 -1.84
CA GLN D 299 -31.67 21.23 -2.35
C GLN D 299 -31.34 19.89 -2.99
N ARG D 300 -32.01 18.83 -2.52
CA ARG D 300 -31.69 17.45 -2.92
C ARG D 300 -32.85 16.51 -2.63
N ASP D 301 -32.88 15.38 -3.34
CA ASP D 301 -33.79 14.28 -3.03
C ASP D 301 -33.41 13.65 -1.69
N GLU D 302 -34.39 13.08 -0.99
CA GLU D 302 -34.18 12.57 0.36
C GLU D 302 -33.13 11.44 0.48
N TRP D 303 -32.91 10.70 -0.61
CA TRP D 303 -31.91 9.63 -0.60
C TRP D 303 -30.60 10.00 -1.30
N ARG D 304 -30.34 11.31 -1.42
CA ARG D 304 -29.05 11.78 -1.91
C ARG D 304 -28.29 12.44 -0.76
N HIS D 305 -28.31 11.78 0.39
CA HIS D 305 -27.76 12.30 1.64
C HIS D 305 -26.24 12.30 1.75
N LYS D 306 -25.55 11.64 0.80
CA LYS D 306 -24.09 11.56 0.84
C LYS D 306 -23.40 12.41 -0.23
N THR D 307 -24.20 13.10 -1.03
CA THR D 307 -23.67 13.97 -2.08
C THR D 307 -23.15 15.29 -1.50
N ALA D 308 -22.29 15.96 -2.26
CA ALA D 308 -21.77 17.28 -1.90
C ALA D 308 -22.88 18.32 -1.80
N SER D 309 -22.65 19.32 -0.95
CA SER D 309 -23.55 20.46 -0.78
C SER D 309 -22.81 21.73 -1.13
N ARG D 310 -23.56 22.75 -1.57
CA ARG D 310 -22.97 24.01 -2.01
C ARG D 310 -23.24 25.14 -1.03
N PHE D 311 -23.97 24.84 0.04
CA PHE D 311 -24.35 25.86 1.02
C PHE D 311 -24.03 25.42 2.43
N VAL D 312 -23.69 26.41 3.27
CA VAL D 312 -23.52 26.17 4.70
C VAL D 312 -24.40 27.17 5.43
N VAL D 313 -25.20 26.66 6.36
CA VAL D 313 -25.95 27.52 7.26
C VAL D 313 -25.26 27.57 8.62
N VAL D 314 -25.35 28.72 9.27
CA VAL D 314 -24.74 28.93 10.58
C VAL D 314 -25.83 29.38 11.56
N LEU D 315 -25.88 28.76 12.73
CA LEU D 315 -26.94 29.04 13.72
C LEU D 315 -26.43 29.05 15.16
N ASP D 316 -27.13 29.81 16.01
CA ASP D 316 -26.85 29.86 17.44
C ASP D 316 -27.30 28.56 18.11
N ALA D 317 -26.41 27.95 18.89
CA ALA D 317 -26.72 26.67 19.52
C ALA D 317 -27.81 26.80 20.59
N LYS D 318 -27.75 27.89 21.35
CA LYS D 318 -28.66 28.08 22.48
C LYS D 318 -30.11 28.38 22.07
N THR D 319 -30.27 29.10 20.96
CA THR D 319 -31.59 29.56 20.54
C THR D 319 -32.04 28.94 19.22
N GLY D 320 -31.07 28.68 18.34
CA GLY D 320 -31.35 28.09 17.04
C GLY D 320 -31.66 29.09 15.94
N GLU D 321 -31.43 30.37 16.22
CA GLU D 321 -31.59 31.41 15.20
C GLU D 321 -30.46 31.31 14.18
N ARG D 322 -30.83 31.35 12.91
CA ARG D 322 -29.84 31.37 11.84
C ARG D 322 -29.04 32.67 11.90
N LEU D 323 -27.72 32.52 11.89
CA LEU D 323 -26.81 33.66 11.92
C LEU D 323 -26.28 34.01 10.53
N ALA D 324 -26.26 33.01 9.64
CA ALA D 324 -25.81 33.20 8.26
C ALA D 324 -26.15 32.02 7.38
N LYS D 325 -26.24 32.29 6.07
CA LYS D 325 -26.30 31.26 5.05
C LYS D 325 -25.27 31.59 3.98
N PHE D 326 -24.28 30.69 3.82
CA PHE D 326 -23.17 30.92 2.90
C PHE D 326 -23.30 30.10 1.63
N GLU D 327 -23.20 30.77 0.49
CA GLU D 327 -23.05 30.08 -0.80
C GLU D 327 -21.57 29.76 -0.98
N MET D 328 -21.23 28.48 -0.83
CA MET D 328 -19.83 28.05 -0.73
C MET D 328 -19.00 28.17 -2.02
N GLY D 329 -19.68 28.04 -3.17
CA GLY D 329 -19.02 28.21 -4.47
C GLY D 329 -18.30 26.99 -5.01
N HIS D 330 -18.38 25.87 -4.30
CA HIS D 330 -17.79 24.60 -4.72
C HIS D 330 -18.63 23.43 -4.24
N GLU D 331 -18.36 22.24 -4.77
CA GLU D 331 -19.04 21.03 -4.35
C GLU D 331 -18.38 20.53 -3.07
N ILE D 332 -18.98 20.85 -1.92
CA ILE D 332 -18.38 20.60 -0.60
C ILE D 332 -18.93 19.36 0.12
N ASP D 333 -18.03 18.49 0.57
CA ASP D 333 -18.42 17.23 1.22
C ASP D 333 -18.33 17.28 2.73
N SER D 334 -17.26 17.90 3.23
CA SER D 334 -17.01 17.96 4.64
C SER D 334 -16.71 19.38 5.10
N ILE D 335 -17.15 19.71 6.31
CA ILE D 335 -16.78 20.96 6.94
C ILE D 335 -16.24 20.73 8.35
N ASN D 336 -15.43 21.70 8.79
CA ASN D 336 -14.99 21.80 10.16
C ASN D 336 -14.54 23.24 10.37
N VAL D 337 -14.30 23.61 11.63
CA VAL D 337 -13.83 24.96 11.97
C VAL D 337 -12.57 24.91 12.81
N SER D 338 -11.76 25.96 12.75
CA SER D 338 -10.70 26.16 13.74
C SER D 338 -11.37 26.66 15.03
N GLN D 339 -10.79 26.33 16.18
CA GLN D 339 -11.41 26.63 17.48
C GLN D 339 -10.98 27.95 18.13
N ASP D 340 -10.18 28.73 17.40
CA ASP D 340 -9.74 30.05 17.86
C ASP D 340 -10.77 31.15 17.52
N GLU D 341 -10.48 32.37 17.96
CA GLU D 341 -11.27 33.55 17.60
C GLU D 341 -11.10 33.88 16.12
N LYS D 342 -12.13 34.50 15.53
CA LYS D 342 -12.17 34.79 14.10
C LYS D 342 -11.86 33.53 13.28
N PRO D 343 -12.58 32.42 13.58
CA PRO D 343 -12.26 31.09 13.05
C PRO D 343 -12.27 30.99 11.53
N LEU D 344 -11.53 30.02 11.02
CA LEU D 344 -11.62 29.64 9.61
C LEU D 344 -12.69 28.58 9.48
N LEU D 345 -13.46 28.64 8.39
CA LEU D 345 -14.35 27.56 8.02
C LEU D 345 -13.67 26.72 6.93
N TYR D 346 -13.46 25.45 7.23
CA TYR D 346 -12.82 24.54 6.29
C TYR D 346 -13.87 23.81 5.48
N ALA D 347 -13.66 23.75 4.17
CA ALA D 347 -14.61 23.12 3.28
C ALA D 347 -13.87 22.23 2.30
N LEU D 348 -13.94 20.92 2.55
CA LEU D 348 -13.22 19.94 1.76
C LEU D 348 -14.11 19.32 0.69
N SER D 349 -13.63 19.40 -0.55
CA SER D 349 -14.27 18.77 -1.69
C SER D 349 -13.55 17.45 -2.01
N THR D 350 -14.28 16.33 -1.91
CA THR D 350 -13.78 15.01 -2.27
C THR D 350 -13.49 14.95 -3.78
N GLY D 351 -14.43 15.48 -4.56
CA GLY D 351 -14.33 15.48 -6.02
C GLY D 351 -13.13 16.27 -6.54
N ASP D 352 -12.96 17.48 -6.00
CA ASP D 352 -11.84 18.35 -6.39
C ASP D 352 -10.51 17.99 -5.70
N LYS D 353 -10.55 17.11 -4.70
CA LYS D 353 -9.37 16.80 -3.87
C LYS D 353 -8.74 18.09 -3.34
N THR D 354 -9.57 19.01 -2.87
CA THR D 354 -9.11 20.34 -2.49
C THR D 354 -9.79 20.81 -1.20
N LEU D 355 -8.98 21.35 -0.28
CA LEU D 355 -9.49 22.02 0.90
C LEU D 355 -9.64 23.52 0.62
N TYR D 356 -10.87 24.00 0.66
CA TYR D 356 -11.12 25.42 0.51
C TYR D 356 -11.21 26.04 1.90
N ILE D 357 -10.47 27.11 2.09
CA ILE D 357 -10.32 27.72 3.40
C ILE D 357 -11.04 29.06 3.40
N HIS D 358 -12.07 29.15 4.25
CA HIS D 358 -12.97 30.30 4.26
C HIS D 358 -12.92 31.04 5.59
N ASP D 359 -13.27 32.32 5.56
CA ASP D 359 -13.54 33.08 6.79
C ASP D 359 -14.91 32.67 7.31
N ALA D 360 -14.96 32.26 8.57
CA ALA D 360 -16.20 31.71 9.13
C ALA D 360 -17.28 32.77 9.42
N GLU D 361 -16.86 34.03 9.56
CA GLU D 361 -17.79 35.13 9.78
C GLU D 361 -18.50 35.56 8.49
N SER D 362 -17.73 35.76 7.42
CA SER D 362 -18.27 36.25 6.15
C SER D 362 -18.54 35.13 5.14
N GLY D 363 -17.93 33.97 5.34
CA GLY D 363 -18.06 32.85 4.41
C GLY D 363 -17.23 32.99 3.14
N GLU D 364 -16.52 34.11 3.00
CA GLU D 364 -15.68 34.36 1.83
C GLU D 364 -14.51 33.37 1.76
N GLU D 365 -14.21 32.90 0.55
CA GLU D 365 -13.06 32.03 0.31
C GLU D 365 -11.76 32.84 0.33
N LEU D 366 -10.83 32.43 1.19
CA LEU D 366 -9.56 33.13 1.36
C LEU D 366 -8.43 32.49 0.56
N ARG D 367 -8.42 31.16 0.54
CA ARG D 367 -7.36 30.38 -0.09
C ARG D 367 -7.79 28.91 -0.20
N SER D 368 -6.99 28.13 -0.92
CA SER D 368 -7.30 26.70 -1.11
C SER D 368 -6.03 25.87 -1.19
N VAL D 369 -6.16 24.58 -0.85
CA VAL D 369 -5.04 23.63 -0.93
C VAL D 369 -5.50 22.41 -1.72
N ASN D 370 -4.94 22.25 -2.92
CA ASN D 370 -5.39 21.20 -3.83
C ASN D 370 -4.51 19.95 -3.76
N GLN D 371 -4.74 19.02 -4.70
CA GLN D 371 -3.93 17.81 -4.86
C GLN D 371 -3.82 16.94 -3.58
N LEU D 372 -4.89 16.93 -2.79
CA LEU D 372 -4.94 16.19 -1.53
C LEU D 372 -5.44 14.74 -1.70
N GLY D 373 -4.68 13.93 -2.39
CA GLY D 373 -4.96 12.50 -2.47
C GLY D 373 -5.99 12.15 -3.53
N HIS D 374 -6.69 11.05 -3.31
CA HIS D 374 -7.59 10.51 -4.32
C HIS D 374 -9.05 10.78 -3.99
N GLY D 375 -9.37 10.79 -2.69
CA GLY D 375 -10.73 11.08 -2.25
C GLY D 375 -10.77 11.58 -0.84
N PRO D 376 -10.18 12.77 -0.58
CA PRO D 376 -10.11 13.28 0.79
C PRO D 376 -11.51 13.51 1.36
N GLN D 377 -11.69 13.18 2.64
CA GLN D 377 -13.02 13.20 3.24
C GLN D 377 -13.08 13.74 4.66
N VAL D 378 -11.99 13.63 5.41
CA VAL D 378 -12.03 13.93 6.85
C VAL D 378 -11.13 15.08 7.28
N ILE D 379 -11.74 16.09 7.89
CA ILE D 379 -11.05 17.27 8.40
C ILE D 379 -10.97 17.18 9.92
N THR D 380 -9.76 17.32 10.46
CA THR D 380 -9.57 17.35 11.90
C THR D 380 -8.75 18.58 12.34
N THR D 381 -9.17 19.20 13.44
CA THR D 381 -8.48 20.34 14.04
C THR D 381 -8.42 20.14 15.54
N ALA D 382 -7.40 20.70 16.18
CA ALA D 382 -7.26 20.63 17.62
C ALA D 382 -7.95 21.81 18.28
N ASP D 383 -8.62 21.56 19.39
CA ASP D 383 -9.16 22.63 20.22
C ASP D 383 -8.11 22.98 21.28
N MET D 384 -7.33 24.03 21.01
CA MET D 384 -6.20 24.36 21.87
C MET D 384 -6.48 25.51 22.84
N GLY D 385 -7.51 26.30 22.55
CA GLY D 385 -7.88 27.45 23.39
C GLY D 385 -8.50 27.08 24.73
N THR E 7 2.71 23.87 -21.86
CA THR E 7 1.45 23.16 -22.27
C THR E 7 1.62 22.33 -23.56
N ASP E 8 2.72 22.56 -24.28
CA ASP E 8 3.12 21.67 -25.35
C ASP E 8 4.17 20.73 -24.77
N PRO E 9 3.80 19.46 -24.55
CA PRO E 9 4.72 18.53 -23.88
C PRO E 9 5.99 18.26 -24.68
N ARG E 10 5.91 18.38 -26.01
CA ARG E 10 7.03 18.05 -26.87
C ARG E 10 7.95 19.23 -27.24
N ALA E 11 7.51 20.44 -26.91
CA ALA E 11 8.31 21.65 -27.13
C ALA E 11 9.56 21.68 -26.25
N LYS E 12 10.58 22.41 -26.73
CA LYS E 12 11.80 22.61 -25.96
C LYS E 12 11.45 23.19 -24.59
N TRP E 13 12.05 22.62 -23.56
CA TRP E 13 11.76 23.00 -22.19
C TRP E 13 12.27 24.43 -21.95
N VAL E 14 11.42 25.27 -21.36
CA VAL E 14 11.75 26.68 -21.14
C VAL E 14 11.88 26.98 -19.64
N PRO E 15 13.13 27.10 -19.15
CA PRO E 15 13.39 27.38 -17.74
C PRO E 15 12.93 28.77 -17.31
N GLN E 16 12.47 28.87 -16.06
CA GLN E 16 12.16 30.15 -15.44
C GLN E 16 12.77 30.19 -14.06
N ASP E 17 12.92 31.39 -13.50
CA ASP E 17 13.42 31.55 -12.14
C ASP E 17 12.47 32.41 -11.30
N ASN E 18 11.19 32.04 -11.30
CA ASN E 18 10.19 32.82 -10.57
C ASN E 18 9.20 32.02 -9.70
N ASP E 19 9.14 30.71 -9.91
CA ASP E 19 8.25 29.84 -9.14
C ASP E 19 8.82 28.41 -9.01
N ILE E 20 9.18 28.01 -7.79
CA ILE E 20 9.79 26.68 -7.56
C ILE E 20 8.81 25.49 -7.56
N GLN E 21 7.51 25.78 -7.49
CA GLN E 21 6.49 24.72 -7.51
C GLN E 21 6.05 24.35 -8.93
N ALA E 22 6.51 25.12 -9.91
CA ALA E 22 6.16 24.85 -11.30
C ALA E 22 7.21 23.94 -11.95
N CYS E 23 6.74 23.08 -12.84
CA CYS E 23 7.60 22.10 -13.52
C CYS E 23 8.63 22.71 -14.46
N ASP E 24 8.48 23.98 -14.79
CA ASP E 24 9.46 24.68 -15.63
C ASP E 24 10.49 25.49 -14.83
N TYR E 25 10.44 25.40 -13.50
CA TYR E 25 11.47 26.02 -12.67
C TYR E 25 12.86 25.49 -13.07
N TRP E 26 13.82 26.41 -13.22
CA TRP E 26 15.10 26.06 -13.86
C TRP E 26 15.84 24.87 -13.20
N ARG E 27 15.82 24.78 -11.88
CA ARG E 27 16.56 23.72 -11.19
C ARG E 27 15.91 22.35 -11.38
N HIS E 28 14.67 22.33 -11.88
CA HIS E 28 13.97 21.07 -12.10
C HIS E 28 14.21 20.47 -13.50
N CYS E 29 15.31 20.84 -14.15
CA CYS E 29 15.54 20.46 -15.55
C CYS E 29 15.67 18.96 -15.79
N SER E 30 16.10 18.21 -14.78
CA SER E 30 16.09 16.74 -14.90
C SER E 30 15.45 16.07 -13.67
N ILE E 31 14.39 16.69 -13.16
CA ILE E 31 13.66 16.11 -12.04
C ILE E 31 12.70 15.02 -12.50
N ASP E 32 12.54 13.98 -11.70
CA ASP E 32 11.54 12.95 -11.96
C ASP E 32 10.84 12.58 -10.67
N GLY E 33 9.58 12.99 -10.55
CA GLY E 33 8.78 12.64 -9.38
C GLY E 33 7.94 13.79 -8.89
N ASN E 34 8.25 14.28 -7.69
CA ASN E 34 7.46 15.32 -7.06
C ASN E 34 8.34 16.40 -6.44
N ILE E 35 7.92 17.65 -6.51
CA ILE E 35 8.67 18.75 -5.89
C ILE E 35 8.41 18.76 -4.38
N CYS E 36 9.49 18.55 -3.61
CA CYS E 36 9.43 18.47 -2.15
C CYS E 36 8.80 19.65 -1.44
N ASP E 37 8.99 20.85 -2.00
CA ASP E 37 8.34 22.06 -1.48
C ASP E 37 6.83 21.91 -1.30
N CYS E 38 6.21 21.03 -2.09
CA CYS E 38 4.75 20.88 -2.12
C CYS E 38 4.19 19.87 -1.10
N SER E 39 5.04 19.27 -0.28
CA SER E 39 4.54 18.36 0.76
C SER E 39 5.22 18.57 2.12
N GLY E 40 5.59 19.81 2.41
CA GLY E 40 6.14 20.17 3.71
C GLY E 40 7.65 20.30 3.77
N GLY E 41 8.32 20.03 2.65
CA GLY E 41 9.75 20.31 2.53
C GLY E 41 10.02 21.73 2.06
N SER E 42 11.16 21.91 1.40
CA SER E 42 11.46 23.16 0.71
C SER E 42 12.23 22.79 -0.54
N LEU E 43 12.80 23.79 -1.21
CA LEU E 43 13.57 23.55 -2.43
C LEU E 43 14.74 22.60 -2.22
N THR E 44 15.42 22.77 -1.08
CA THR E 44 16.60 21.96 -0.77
C THR E 44 16.50 21.12 0.51
N ASN E 45 15.31 21.04 1.09
CA ASN E 45 15.12 20.24 2.31
C ASN E 45 13.95 19.26 2.19
N CYS E 46 14.05 18.16 2.94
CA CYS E 46 13.01 17.14 2.98
C CYS E 46 11.88 17.48 3.94
N PRO E 47 10.68 16.92 3.70
CA PRO E 47 9.55 17.10 4.61
C PRO E 47 9.71 16.28 5.90
N PRO E 48 9.06 16.70 6.99
CA PRO E 48 9.13 15.93 8.25
C PRO E 48 8.74 14.46 8.06
N GLY E 49 9.50 13.56 8.69
CA GLY E 49 9.18 12.14 8.69
C GLY E 49 9.86 11.35 7.59
N THR E 50 10.37 12.05 6.57
CA THR E 50 11.08 11.42 5.47
C THR E 50 12.58 11.35 5.76
N LYS E 51 13.31 10.62 4.93
CA LYS E 51 14.74 10.39 5.13
C LYS E 51 15.52 10.86 3.90
N LEU E 52 16.53 11.69 4.14
CA LEU E 52 17.29 12.29 3.05
C LEU E 52 18.33 11.30 2.54
N ALA E 53 18.26 11.04 1.24
CA ALA E 53 19.24 10.21 0.57
C ALA E 53 20.55 10.96 0.44
N THR E 54 21.65 10.21 0.37
CA THR E 54 22.96 10.81 0.13
C THR E 54 23.31 10.67 -1.34
N ALA E 55 22.81 9.60 -1.98
CA ALA E 55 22.97 9.38 -3.42
C ALA E 55 22.29 10.47 -4.24
N SER E 56 22.76 10.67 -5.46
CA SER E 56 22.20 11.70 -6.31
C SER E 56 22.14 11.38 -7.80
N 0AF E 57 21.30 12.04 -8.55
CA 0AF E 57 21.52 12.13 -9.99
C 0AF E 57 21.73 13.57 -10.26
O 0AF E 57 21.20 14.42 -9.62
CB 0AF E 57 20.63 11.38 -10.97
CG 0AF E 57 19.35 12.09 -11.11
CD1 0AF E 57 18.99 12.99 -12.04
CD2 0AF E 57 18.29 11.96 -10.29
NE1 0AF E 57 17.76 13.36 -11.78
CE2 0AF E 57 17.31 12.74 -10.72
CE3 0AF E 57 18.14 11.18 -9.16
CZ2 0AF E 57 16.14 12.77 -10.03
O1 0AF E 57 15.18 13.57 -10.45
CZ3 0AF E 57 16.95 11.23 -8.45
CH2 0AF E 57 15.93 12.03 -8.89
N VAL E 58 22.59 13.81 -11.24
CA VAL E 58 23.01 15.14 -11.71
C VAL E 58 22.52 15.58 -13.10
N ALA E 59 22.36 16.89 -13.23
CA ALA E 59 22.08 17.55 -14.50
C ALA E 59 22.66 18.95 -14.49
N SER E 60 23.11 19.38 -15.66
CA SER E 60 23.46 20.77 -15.88
C SER E 60 22.18 21.52 -16.24
N CYS E 61 21.77 22.45 -15.38
CA CYS E 61 20.55 23.22 -15.60
C CYS E 61 20.89 24.68 -15.78
N TYR E 62 20.42 25.27 -16.88
CA TYR E 62 20.65 26.67 -17.19
C TYR E 62 19.79 27.57 -16.30
N ASN E 63 20.44 28.53 -15.66
CA ASN E 63 19.73 29.51 -14.85
C ASN E 63 19.50 30.80 -15.65
N PRO E 64 18.22 31.09 -16.00
CA PRO E 64 17.90 32.30 -16.77
C PRO E 64 18.05 33.62 -16.01
N THR E 65 18.30 33.54 -14.70
CA THR E 65 18.57 34.75 -13.92
C THR E 65 19.98 35.26 -14.16
N ASP E 66 20.96 34.36 -14.20
CA ASP E 66 22.35 34.77 -14.31
C ASP E 66 23.10 34.23 -15.52
N GLY E 67 22.43 33.43 -16.35
CA GLY E 67 23.05 32.86 -17.54
C GLY E 67 24.09 31.80 -17.27
N GLN E 68 24.17 31.31 -16.03
CA GLN E 68 25.09 30.24 -15.70
C GLN E 68 24.38 28.88 -15.74
N SER E 69 25.14 27.85 -16.07
CA SER E 69 24.64 26.48 -15.96
C SER E 69 25.22 25.87 -14.70
N TYR E 70 24.32 25.38 -13.84
CA TYR E 70 24.73 24.79 -12.58
C TYR E 70 24.47 23.30 -12.57
N LEU E 71 25.35 22.57 -11.88
CA LEU E 71 25.11 21.17 -11.62
C LEU E 71 24.12 21.05 -10.48
N ILE E 72 23.01 20.40 -10.77
CA ILE E 72 22.00 20.13 -9.77
C ILE E 72 22.11 18.66 -9.43
N ALA E 73 22.45 18.39 -8.17
CA ALA E 73 22.52 17.03 -7.69
C ALA E 73 21.22 16.72 -7.00
N TYR E 74 20.31 16.06 -7.72
CA TYR E 74 19.00 15.76 -7.18
C TYR E 74 19.16 14.75 -6.07
N ARG E 75 18.38 14.90 -5.01
CA ARG E 75 18.41 13.97 -3.91
C ARG E 75 16.97 13.65 -3.55
N ASP E 76 16.70 12.37 -3.31
CA ASP E 76 15.36 11.95 -2.95
C ASP E 76 15.11 12.03 -1.45
N CYS E 77 13.86 12.32 -1.09
CA CYS E 77 13.41 12.19 0.28
C CYS E 77 12.58 10.91 0.31
N CYS E 78 12.89 10.03 1.24
CA CYS E 78 12.51 8.64 1.12
C CYS E 78 11.81 8.12 2.39
N GLY E 79 11.11 7.00 2.26
CA GLY E 79 10.45 6.38 3.42
C GLY E 79 8.98 6.71 3.57
N TYR E 80 8.44 7.46 2.60
CA TYR E 80 7.03 7.81 2.53
C TYR E 80 6.50 7.44 1.14
N ASN E 81 5.23 7.09 1.05
CA ASN E 81 4.58 6.92 -0.23
C ASN E 81 4.65 8.24 -1.00
N VAL E 82 4.69 8.14 -2.33
CA VAL E 82 4.83 9.33 -3.18
C VAL E 82 3.84 10.43 -2.78
N SER E 83 4.32 11.66 -2.73
CA SER E 83 3.51 12.78 -2.21
C SER E 83 2.22 13.02 -3.01
N GLY E 84 2.30 12.84 -4.33
CA GLY E 84 1.15 13.11 -5.20
C GLY E 84 0.89 14.59 -5.42
N ARG E 85 1.79 15.44 -4.95
CA ARG E 85 1.67 16.89 -5.13
C ARG E 85 2.81 17.44 -5.98
N CYS E 86 2.48 18.36 -6.89
CA CYS E 86 3.42 18.91 -7.87
C CYS E 86 4.24 17.82 -8.58
N PRO E 87 3.54 16.90 -9.29
CA PRO E 87 4.30 15.92 -10.07
C PRO E 87 4.98 16.59 -11.27
N CYS E 88 6.23 16.21 -11.54
CA CYS E 88 6.96 16.73 -12.70
CA CYS E 88 7.01 16.76 -12.64
C CYS E 88 7.92 15.69 -13.24
N LEU E 89 8.17 15.77 -14.54
CA LEU E 89 9.18 14.93 -15.21
C LEU E 89 9.84 15.71 -16.35
N ASN E 90 11.12 16.00 -16.16
CA ASN E 90 11.92 16.67 -17.16
C ASN E 90 13.18 15.85 -17.34
N THR E 91 13.82 16.00 -18.49
CA THR E 91 14.94 15.11 -18.84
C THR E 91 16.03 15.82 -19.64
N GLU E 92 16.34 17.06 -19.26
CA GLU E 92 17.39 17.83 -19.95
C GLU E 92 18.73 17.18 -19.65
N GLY E 93 19.38 16.66 -20.69
CA GLY E 93 20.66 15.97 -20.56
C GLY E 93 20.55 14.54 -20.02
N GLU E 94 19.32 14.10 -19.73
CA GLU E 94 19.11 12.80 -19.09
C GLU E 94 19.49 11.64 -20.02
N LEU E 95 20.37 10.78 -19.51
CA LEU E 95 20.89 9.67 -20.29
C LEU E 95 20.28 8.35 -19.84
N PRO E 96 20.42 7.30 -20.66
CA PRO E 96 19.85 6.00 -20.28
C PRO E 96 20.52 5.42 -19.02
N VAL E 97 19.93 4.35 -18.49
CA VAL E 97 20.33 3.77 -17.22
C VAL E 97 21.81 3.37 -17.12
N TYR E 98 22.41 2.99 -18.25
CA TYR E 98 23.81 2.56 -18.25
C TYR E 98 24.80 3.71 -18.02
N ARG E 99 24.26 4.93 -18.02
CA ARG E 99 24.98 6.12 -17.57
C ARG E 99 24.23 6.68 -16.34
N PRO E 100 24.21 5.92 -15.23
CA PRO E 100 23.28 6.16 -14.11
C PRO E 100 23.41 7.52 -13.42
N GLU E 101 24.61 8.10 -13.47
CA GLU E 101 24.84 9.41 -12.87
C GLU E 101 24.01 10.49 -13.58
N PHE E 102 23.51 10.16 -14.76
CA PHE E 102 22.63 11.05 -15.51
C PHE E 102 21.21 10.51 -15.71
N ALA E 103 20.93 9.33 -15.16
CA ALA E 103 19.64 8.65 -15.34
C ALA E 103 18.64 8.95 -14.22
N ASN E 104 17.39 9.30 -14.57
CA ASN E 104 16.40 9.72 -13.54
C ASN E 104 15.18 8.82 -13.27
N ASP E 105 15.15 7.61 -13.81
CA ASP E 105 14.10 6.64 -13.45
C ASP E 105 14.48 5.89 -12.18
N ILE E 106 15.78 5.89 -11.87
CA ILE E 106 16.32 5.21 -10.68
C ILE E 106 15.83 5.90 -9.43
N ILE E 107 15.40 5.10 -8.46
CA ILE E 107 15.04 5.65 -7.16
C ILE E 107 16.35 5.87 -6.42
N TRP E 108 16.73 7.14 -6.32
CA TRP E 108 18.01 7.50 -5.74
C TRP E 108 17.88 7.73 -4.24
N CYS E 109 17.47 6.67 -3.54
CA CYS E 109 17.25 6.72 -2.10
C CYS E 109 18.40 6.14 -1.29
N PHE E 110 19.42 5.63 -1.98
CA PHE E 110 20.59 5.01 -1.33
C PHE E 110 21.23 5.96 -0.32
N GLY E 111 21.63 5.40 0.82
CA GLY E 111 22.21 6.17 1.91
C GLY E 111 21.23 6.87 2.83
N ALA E 112 19.94 6.81 2.50
CA ALA E 112 18.90 7.34 3.38
C ALA E 112 18.90 6.64 4.73
N GLU E 113 18.68 7.40 5.80
CA GLU E 113 18.58 6.86 7.16
C GLU E 113 17.50 5.78 7.24
N ASP E 114 17.73 4.79 8.10
CA ASP E 114 16.81 3.68 8.34
C ASP E 114 16.61 2.79 7.11
N ASP E 115 17.59 2.79 6.20
CA ASP E 115 17.53 2.04 4.93
C ASP E 115 16.27 2.33 4.10
N ALA E 116 15.72 3.54 4.25
CA ALA E 116 14.53 4.00 3.51
C ALA E 116 14.78 3.98 2.00
N MET E 117 13.88 3.34 1.27
CA MET E 117 14.03 3.20 -0.18
C MET E 117 12.79 3.58 -0.99
N THR E 118 11.67 3.90 -0.35
CA THR E 118 10.49 4.38 -1.09
C THR E 118 10.66 5.82 -1.53
N TYR E 119 10.04 6.17 -2.65
CA TYR E 119 10.09 7.55 -3.16
C TYR E 119 8.94 8.43 -2.68
N HIS E 120 9.28 9.58 -2.09
CA HIS E 120 8.28 10.58 -1.70
C HIS E 120 8.34 11.85 -2.55
N CYS E 121 9.53 12.44 -2.64
CA CYS E 121 9.77 13.64 -3.45
C CYS E 121 11.27 13.85 -3.66
N THR E 122 11.63 14.85 -4.46
CA THR E 122 13.01 15.17 -4.82
C THR E 122 13.33 16.63 -4.50
N ILE E 123 14.52 16.88 -3.97
CA ILE E 123 15.02 18.24 -3.77
C ILE E 123 15.99 18.65 -4.87
N SER E 124 16.19 19.96 -5.05
CA SER E 124 17.01 20.48 -6.15
C SER E 124 18.16 21.40 -5.68
N PRO E 125 19.15 20.84 -4.96
CA PRO E 125 20.26 21.69 -4.53
C PRO E 125 21.33 21.84 -5.60
N ILE E 126 21.93 23.02 -5.67
CA ILE E 126 23.12 23.26 -6.49
C ILE E 126 24.35 22.68 -5.79
N VAL E 127 25.16 21.91 -6.51
CA VAL E 127 26.45 21.41 -5.96
C VAL E 127 27.68 21.96 -6.67
N GLY E 128 27.47 22.71 -7.75
CA GLY E 128 28.57 23.31 -8.47
C GLY E 128 28.17 23.94 -9.79
N LYS E 129 29.16 24.47 -10.50
CA LYS E 129 28.95 25.00 -11.84
C LYS E 129 29.20 23.92 -12.88
N ALA E 130 28.56 24.06 -14.03
CA ALA E 130 28.61 23.03 -15.07
C ALA E 130 29.89 23.07 -15.88
N SER E 131 30.54 21.90 -15.97
CA SER E 131 31.60 21.62 -16.95
C SER E 131 32.03 20.15 -16.87
N GLN F 10 -22.00 -2.66 -32.14
CA GLN F 10 -22.22 -1.32 -31.54
C GLN F 10 -22.62 -1.42 -30.06
N GLU F 11 -23.22 -2.56 -29.69
CA GLU F 11 -23.65 -2.81 -28.31
C GLU F 11 -22.44 -3.01 -27.38
N THR F 12 -22.41 -2.25 -26.28
CA THR F 12 -21.31 -2.32 -25.32
C THR F 12 -21.44 -3.53 -24.41
N GLN F 13 -20.33 -3.91 -23.76
CA GLN F 13 -20.34 -5.06 -22.85
C GLN F 13 -21.29 -4.87 -21.67
N GLY F 14 -21.41 -3.63 -21.19
CA GLY F 14 -22.36 -3.29 -20.14
C GLY F 14 -23.81 -3.40 -20.57
N GLN F 15 -24.05 -3.12 -21.85
CA GLN F 15 -25.39 -3.26 -22.43
C GLN F 15 -25.75 -4.72 -22.66
N ALA F 16 -24.81 -5.49 -23.21
CA ALA F 16 -25.03 -6.93 -23.42
C ALA F 16 -25.32 -7.63 -22.10
N ALA F 17 -24.58 -7.28 -21.05
CA ALA F 17 -24.76 -7.87 -19.72
C ALA F 17 -26.11 -7.47 -19.09
N ALA F 18 -26.49 -6.21 -19.26
CA ALA F 18 -27.82 -5.75 -18.84
C ALA F 18 -28.92 -6.54 -19.54
N ARG F 19 -28.77 -6.74 -20.85
CA ARG F 19 -29.70 -7.58 -21.64
C ARG F 19 -29.79 -8.99 -21.06
N ALA F 20 -28.64 -9.65 -20.91
CA ALA F 20 -28.56 -11.02 -20.39
C ALA F 20 -29.16 -11.15 -18.99
N ALA F 21 -28.86 -10.20 -18.10
CA ALA F 21 -29.38 -10.19 -16.74
C ALA F 21 -30.90 -10.08 -16.71
N ALA F 22 -31.44 -9.23 -17.57
CA ALA F 22 -32.90 -9.03 -17.68
C ALA F 22 -33.58 -10.30 -18.18
N ALA F 23 -32.99 -10.95 -19.17
CA ALA F 23 -33.52 -12.21 -19.69
C ALA F 23 -33.53 -13.32 -18.62
N ASP F 24 -32.44 -13.41 -17.85
CA ASP F 24 -32.33 -14.39 -16.76
C ASP F 24 -33.43 -14.18 -15.73
N LEU F 25 -33.62 -12.93 -15.33
CA LEU F 25 -34.62 -12.55 -14.34
C LEU F 25 -36.05 -12.84 -14.82
N ALA F 26 -36.30 -12.59 -16.10
CA ALA F 26 -37.62 -12.83 -16.68
C ALA F 26 -37.88 -14.31 -16.88
N ALA F 27 -36.81 -15.09 -17.06
CA ALA F 27 -36.91 -16.53 -17.26
C ALA F 27 -36.84 -17.31 -15.94
N GLY F 28 -36.50 -16.63 -14.85
CA GLY F 28 -36.31 -17.26 -13.54
C GLY F 28 -35.09 -18.15 -13.51
N GLN F 29 -34.06 -17.76 -14.27
CA GLN F 29 -32.81 -18.51 -14.37
C GLN F 29 -31.98 -18.28 -13.11
N ASP F 30 -31.50 -19.38 -12.52
CA ASP F 30 -30.63 -19.30 -11.33
C ASP F 30 -29.16 -19.46 -11.71
N ASP F 31 -28.29 -19.03 -10.79
CA ASP F 31 -26.85 -19.02 -10.98
C ASP F 31 -26.27 -18.80 -9.59
N GLU F 32 -25.13 -19.42 -9.30
CA GLU F 32 -24.49 -19.25 -7.99
C GLU F 32 -23.45 -18.14 -8.01
N PRO F 33 -23.59 -17.14 -7.13
CA PRO F 33 -22.53 -16.14 -6.98
C PRO F 33 -21.24 -16.85 -6.58
N ARG F 34 -20.16 -16.61 -7.33
CA ARG F 34 -18.91 -17.35 -7.15
C ARG F 34 -17.70 -16.54 -7.61
N ILE F 35 -16.52 -17.14 -7.52
CA ILE F 35 -15.30 -16.55 -8.05
C ILE F 35 -15.09 -17.04 -9.48
N LEU F 36 -15.12 -16.11 -10.41
CA LEU F 36 -14.92 -16.43 -11.82
C LEU F 36 -13.48 -16.84 -12.11
N GLU F 37 -13.31 -17.62 -13.17
CA GLU F 37 -12.00 -17.89 -13.72
C GLU F 37 -11.83 -16.98 -14.91
N ALA F 38 -10.62 -16.43 -15.09
CA ALA F 38 -10.29 -15.72 -16.30
C ALA F 38 -10.30 -16.73 -17.45
N PRO F 39 -10.74 -16.31 -18.66
CA PRO F 39 -10.67 -17.15 -19.86
C PRO F 39 -9.24 -17.64 -20.11
N ALA F 40 -9.09 -18.81 -20.71
CA ALA F 40 -7.77 -19.38 -21.00
C ALA F 40 -6.88 -18.34 -21.66
N PRO F 41 -5.60 -18.27 -21.23
CA PRO F 41 -4.63 -17.40 -21.88
C PRO F 41 -4.57 -17.66 -23.39
N ASP F 42 -4.68 -16.59 -24.17
CA ASP F 42 -4.54 -16.69 -25.63
C ASP F 42 -3.62 -15.60 -26.18
N ALA F 43 -3.42 -15.60 -27.49
CA ALA F 43 -2.50 -14.66 -28.16
C ALA F 43 -2.90 -13.21 -27.95
N ARG F 44 -4.20 -12.98 -27.73
CA ARG F 44 -4.74 -11.64 -27.66
C ARG F 44 -4.98 -11.19 -26.22
N ARG F 45 -4.48 -11.96 -25.27
CA ARG F 45 -4.40 -11.47 -23.89
C ARG F 45 -3.29 -10.43 -23.80
N VAL F 46 -3.56 -9.38 -23.05
CA VAL F 46 -2.58 -8.32 -22.86
C VAL F 46 -2.57 -7.88 -21.39
N TYR F 47 -1.37 -7.69 -20.87
CA TYR F 47 -1.20 -7.29 -19.48
C TYR F 47 -0.78 -5.84 -19.46
N VAL F 48 -1.42 -5.04 -18.61
CA VAL F 48 -1.02 -3.65 -18.41
C VAL F 48 -0.66 -3.40 -16.95
N ASN F 49 0.58 -3.00 -16.72
CA ASN F 49 1.05 -2.68 -15.39
C ASN F 49 1.04 -1.19 -15.11
N ASP F 50 0.71 -0.84 -13.88
CA ASP F 50 0.58 0.56 -13.45
C ASP F 50 1.54 0.83 -12.30
N PRO F 51 2.78 1.28 -12.59
CA PRO F 51 3.74 1.66 -11.55
C PRO F 51 3.25 2.87 -10.73
N ALA F 52 2.16 3.49 -11.19
CA ALA F 52 1.37 4.45 -10.40
C ALA F 52 2.16 5.66 -9.93
N HIS F 53 3.12 6.06 -10.77
CA HIS F 53 4.00 7.20 -10.48
C HIS F 53 4.72 7.06 -9.14
N PHE F 54 5.31 5.88 -8.94
CA PHE F 54 6.13 5.56 -7.76
C PHE F 54 5.32 5.40 -6.49
N ALA F 55 4.02 5.06 -6.60
CA ALA F 55 3.23 4.77 -5.41
C ALA F 55 3.74 3.46 -4.81
N ALA F 56 3.59 3.33 -3.49
CA ALA F 56 4.15 2.19 -2.75
C ALA F 56 3.45 0.88 -3.10
N VAL F 57 2.21 0.98 -3.57
CA VAL F 57 1.48 -0.20 -4.08
C VAL F 57 0.95 0.05 -5.50
N THR F 58 0.81 -1.02 -6.27
CA THR F 58 0.53 -0.94 -7.70
C THR F 58 -0.42 -2.03 -8.16
N GLN F 59 -0.86 -1.94 -9.42
CA GLN F 59 -1.80 -2.90 -9.99
C GLN F 59 -1.44 -3.33 -11.40
N GLN F 60 -1.72 -4.60 -11.71
CA GLN F 60 -1.63 -5.10 -13.06
C GLN F 60 -3.04 -5.41 -13.57
N PHE F 61 -3.31 -5.04 -14.81
CA PHE F 61 -4.60 -5.31 -15.43
C PHE F 61 -4.45 -6.41 -16.48
N VAL F 62 -5.22 -7.48 -16.34
CA VAL F 62 -5.23 -8.55 -17.33
C VAL F 62 -6.40 -8.27 -18.26
N ILE F 63 -6.11 -8.12 -19.55
CA ILE F 63 -7.11 -7.68 -20.52
C ILE F 63 -7.24 -8.63 -21.72
N ASP F 64 -8.48 -8.90 -22.09
CA ASP F 64 -8.79 -9.54 -23.35
C ASP F 64 -8.75 -8.43 -24.39
N GLY F 65 -7.75 -8.46 -25.27
CA GLY F 65 -7.58 -7.43 -26.29
C GLY F 65 -8.61 -7.49 -27.41
N GLU F 66 -9.14 -8.69 -27.65
CA GLU F 66 -10.13 -8.88 -28.71
C GLU F 66 -11.48 -8.27 -28.30
N ALA F 67 -11.85 -8.41 -27.04
CA ALA F 67 -13.08 -7.84 -26.53
C ALA F 67 -12.87 -6.44 -25.95
N GLY F 68 -11.61 -6.11 -25.64
CA GLY F 68 -11.32 -4.90 -24.86
C GLY F 68 -12.03 -4.95 -23.52
N ARG F 69 -11.81 -6.04 -22.79
CA ARG F 69 -12.42 -6.28 -21.48
C ARG F 69 -11.36 -6.64 -20.43
N VAL F 70 -11.48 -6.06 -19.23
CA VAL F 70 -10.64 -6.48 -18.11
C VAL F 70 -11.14 -7.85 -17.68
N ILE F 71 -10.24 -8.82 -17.65
CA ILE F 71 -10.60 -10.18 -17.25
C ILE F 71 -10.01 -10.57 -15.90
N GLY F 72 -9.14 -9.71 -15.38
CA GLY F 72 -8.50 -9.94 -14.10
C GLY F 72 -7.56 -8.81 -13.71
N MET F 73 -7.15 -8.83 -12.45
CA MET F 73 -6.15 -7.92 -11.92
C MET F 73 -5.22 -8.66 -10.95
N ILE F 74 -4.02 -8.09 -10.76
CA ILE F 74 -3.01 -8.60 -9.84
C ILE F 74 -2.42 -7.43 -9.07
N ASP F 75 -2.43 -7.50 -7.74
CA ASP F 75 -1.80 -6.47 -6.91
C ASP F 75 -0.27 -6.64 -6.83
N GLY F 76 0.44 -5.52 -6.74
CA GLY F 76 1.88 -5.51 -6.52
C GLY F 76 2.26 -4.43 -5.53
N GLY F 77 3.54 -4.40 -5.14
CA GLY F 77 4.04 -3.39 -4.20
C GLY F 77 4.79 -2.29 -4.93
N PHE F 78 5.96 -1.93 -4.43
CA PHE F 78 6.71 -0.81 -4.98
C PHE F 78 7.44 -1.21 -6.27
N LEU F 79 7.12 -0.50 -7.35
CA LEU F 79 7.69 -0.72 -8.69
C LEU F 79 8.00 -2.18 -9.04
N PRO F 80 6.97 -3.03 -9.12
CA PRO F 80 7.28 -4.41 -9.44
C PRO F 80 7.62 -4.62 -10.92
N ASN F 81 8.36 -5.69 -11.20
CA ASN F 81 8.67 -6.12 -12.55
C ASN F 81 7.81 -7.31 -12.94
N PRO F 82 6.91 -7.11 -13.94
CA PRO F 82 6.09 -8.20 -14.46
C PRO F 82 6.81 -9.03 -15.52
N VAL F 83 6.58 -10.34 -15.50
CA VAL F 83 6.98 -11.20 -16.60
C VAL F 83 5.79 -12.08 -16.93
N VAL F 84 5.77 -12.59 -18.17
CA VAL F 84 4.71 -13.43 -18.67
C VAL F 84 5.39 -14.56 -19.46
N ALA F 85 5.10 -15.80 -19.09
CA ALA F 85 5.60 -16.95 -19.83
C ALA F 85 4.99 -16.93 -21.22
N ASP F 86 5.85 -17.03 -22.23
CA ASP F 86 5.42 -17.00 -23.63
C ASP F 86 4.44 -18.09 -23.99
N ASP F 87 4.56 -19.25 -23.34
CA ASP F 87 3.64 -20.37 -23.58
C ASP F 87 2.31 -20.26 -22.81
N GLY F 88 2.13 -19.16 -22.07
CA GLY F 88 0.86 -18.90 -21.38
C GLY F 88 0.58 -19.72 -20.14
N SER F 89 1.59 -20.40 -19.61
CA SER F 89 1.41 -21.34 -18.51
C SER F 89 1.38 -20.69 -17.14
N PHE F 90 2.02 -19.53 -17.02
CA PHE F 90 2.02 -18.78 -15.77
C PHE F 90 2.44 -17.34 -16.02
N ILE F 91 2.12 -16.47 -15.07
CA ILE F 91 2.74 -15.17 -15.02
C ILE F 91 3.40 -14.99 -13.65
N ALA F 92 4.30 -14.02 -13.55
CA ALA F 92 5.02 -13.80 -12.31
C ALA F 92 5.39 -12.34 -12.18
N HIS F 93 5.73 -11.93 -10.97
CA HIS F 93 6.41 -10.64 -10.78
C HIS F 93 7.42 -10.70 -9.65
N ALA F 94 8.40 -9.80 -9.73
CA ALA F 94 9.29 -9.52 -8.61
C ALA F 94 8.78 -8.22 -8.01
N SER F 95 8.58 -8.21 -6.70
CA SER F 95 7.82 -7.15 -6.06
C SER F 95 8.47 -6.79 -4.71
N THR F 96 8.02 -5.67 -4.13
CA THR F 96 8.63 -5.13 -2.91
C THR F 96 7.55 -4.58 -2.00
N VAL F 97 7.57 -5.02 -0.75
CA VAL F 97 6.66 -4.47 0.28
C VAL F 97 7.42 -4.05 1.54
N PHE F 98 6.75 -3.23 2.37
CA PHE F 98 7.31 -2.71 3.62
C PHE F 98 6.31 -2.91 4.77
N SER F 99 6.82 -3.08 5.98
CA SER F 99 5.98 -3.45 7.12
C SER F 99 5.00 -2.35 7.58
N ARG F 100 5.29 -1.11 7.18
CA ARG F 100 4.47 0.04 7.53
C ARG F 100 4.22 0.93 6.30
N ILE F 101 3.58 0.34 5.29
CA ILE F 101 3.26 1.01 4.01
C ILE F 101 4.51 1.30 3.16
N ALA F 102 5.25 2.36 3.48
CA ALA F 102 6.46 2.73 2.72
C ALA F 102 7.70 2.81 3.60
N ARG F 103 7.55 2.40 4.86
CA ARG F 103 8.59 2.52 5.87
C ARG F 103 8.68 1.24 6.69
N GLY F 104 9.80 1.03 7.35
CA GLY F 104 9.99 -0.16 8.17
C GLY F 104 10.66 -1.24 7.34
N GLU F 105 10.52 -2.48 7.76
CA GLU F 105 11.26 -3.60 7.16
C GLU F 105 10.81 -3.89 5.73
N ARG F 106 11.79 -4.02 4.84
CA ARG F 106 11.55 -4.27 3.41
C ARG F 106 11.59 -5.76 3.14
N THR F 107 10.60 -6.24 2.38
CA THR F 107 10.60 -7.62 1.92
C THR F 107 10.50 -7.60 0.39
N ASP F 108 11.55 -8.07 -0.26
CA ASP F 108 11.53 -8.35 -1.70
C ASP F 108 11.17 -9.81 -1.93
N TYR F 109 10.37 -10.07 -2.96
CA TYR F 109 9.80 -11.41 -3.19
C TYR F 109 9.33 -11.60 -4.62
N VAL F 110 9.26 -12.87 -5.03
CA VAL F 110 8.70 -13.25 -6.32
C VAL F 110 7.44 -14.05 -6.08
N GLU F 111 6.37 -13.69 -6.79
CA GLU F 111 5.16 -14.49 -6.85
C GLU F 111 4.94 -15.03 -8.25
N VAL F 112 4.57 -16.31 -8.33
CA VAL F 112 4.14 -16.94 -9.56
C VAL F 112 2.62 -17.13 -9.47
N PHE F 113 1.91 -16.85 -10.54
CA PHE F 113 0.43 -16.92 -10.54
C PHE F 113 -0.09 -17.90 -11.57
N ASP F 114 -1.15 -18.61 -11.18
CA ASP F 114 -1.93 -19.39 -12.14
C ASP F 114 -2.64 -18.39 -13.07
N PRO F 115 -2.56 -18.62 -14.39
CA PRO F 115 -3.04 -17.64 -15.36
C PRO F 115 -4.56 -17.52 -15.50
N VAL F 116 -5.33 -18.45 -14.94
CA VAL F 116 -6.79 -18.33 -15.00
C VAL F 116 -7.46 -18.03 -13.64
N THR F 117 -6.95 -18.63 -12.56
CA THR F 117 -7.44 -18.30 -11.21
C THR F 117 -6.75 -17.05 -10.65
N LEU F 118 -5.56 -16.75 -11.18
CA LEU F 118 -4.72 -15.63 -10.70
C LEU F 118 -4.25 -15.78 -9.25
N LEU F 119 -4.42 -16.99 -8.70
CA LEU F 119 -3.94 -17.33 -7.35
C LEU F 119 -2.44 -17.48 -7.38
N PRO F 120 -1.75 -17.02 -6.32
CA PRO F 120 -0.30 -17.26 -6.24
C PRO F 120 0.01 -18.74 -6.03
N THR F 121 0.92 -19.28 -6.83
CA THR F 121 1.33 -20.66 -6.73
C THR F 121 2.73 -20.78 -6.12
N ALA F 122 3.41 -19.64 -6.03
CA ALA F 122 4.70 -19.53 -5.34
C ALA F 122 4.88 -18.13 -4.77
N ASP F 123 5.50 -18.07 -3.59
CA ASP F 123 5.91 -16.82 -2.97
C ASP F 123 7.34 -17.03 -2.46
N ILE F 124 8.30 -16.54 -3.24
CA ILE F 124 9.73 -16.81 -3.02
C ILE F 124 10.44 -15.54 -2.52
N GLU F 125 10.91 -15.58 -1.27
CA GLU F 125 11.51 -14.40 -0.67
C GLU F 125 12.91 -14.18 -1.21
N LEU F 126 13.22 -12.91 -1.52
CA LEU F 126 14.55 -12.56 -2.00
C LEU F 126 15.37 -11.95 -0.87
N PRO F 127 16.41 -12.68 -0.40
CA PRO F 127 17.18 -12.26 0.77
C PRO F 127 17.99 -10.99 0.57
N ASP F 128 18.03 -10.15 1.61
CA ASP F 128 18.84 -8.92 1.62
C ASP F 128 18.34 -7.84 0.63
N ALA F 129 17.03 -7.83 0.39
CA ALA F 129 16.35 -6.80 -0.43
C ALA F 129 17.12 -6.40 -1.71
N PRO F 130 17.30 -7.36 -2.65
CA PRO F 130 18.23 -7.19 -3.75
C PRO F 130 17.66 -6.54 -5.04
N ARG F 131 16.35 -6.26 -5.06
CA ARG F 131 15.73 -5.68 -6.26
C ARG F 131 16.21 -4.27 -6.58
N PHE F 132 16.39 -4.01 -7.87
CA PHE F 132 16.65 -2.68 -8.39
C PHE F 132 15.34 -1.91 -8.42
N LEU F 133 15.28 -0.81 -7.68
CA LEU F 133 14.10 0.04 -7.65
C LEU F 133 14.21 1.15 -8.69
N VAL F 134 13.42 1.01 -9.75
CA VAL F 134 13.51 1.90 -10.88
C VAL F 134 12.15 1.99 -11.58
N GLY F 135 11.90 3.12 -12.24
CA GLY F 135 10.85 3.19 -13.25
C GLY F 135 10.89 1.94 -14.09
N THR F 136 9.74 1.32 -14.30
CA THR F 136 9.69 -0.05 -14.78
C THR F 136 10.25 -0.32 -16.19
N TYR F 137 11.31 -1.15 -16.22
CA TYR F 137 11.90 -1.66 -17.45
C TYR F 137 11.65 -3.16 -17.52
N PRO F 138 10.88 -3.62 -18.53
CA PRO F 138 10.56 -5.04 -18.68
C PRO F 138 11.78 -5.96 -18.59
N TRP F 139 12.89 -5.55 -19.21
CA TRP F 139 14.06 -6.45 -19.29
C TRP F 139 15.05 -6.25 -18.13
N MET F 140 14.54 -5.74 -17.02
CA MET F 140 15.27 -5.72 -15.75
C MET F 140 14.90 -6.93 -14.91
N THR F 141 13.95 -7.71 -15.41
CA THR F 141 13.59 -9.00 -14.85
C THR F 141 13.09 -9.87 -16.00
N SER F 142 13.53 -11.12 -16.04
CA SER F 142 13.39 -11.93 -17.24
C SER F 142 13.38 -13.43 -16.98
N LEU F 143 12.49 -14.11 -17.70
CA LEU F 143 12.39 -15.57 -17.62
C LEU F 143 13.34 -16.21 -18.63
N THR F 144 13.89 -17.36 -18.25
CA THR F 144 14.64 -18.19 -19.19
C THR F 144 13.64 -18.84 -20.17
N PRO F 145 14.12 -19.24 -21.37
CA PRO F 145 13.19 -19.79 -22.38
C PRO F 145 12.35 -20.97 -21.88
N ASP F 146 12.93 -21.80 -21.01
CA ASP F 146 12.23 -22.96 -20.44
C ASP F 146 11.25 -22.57 -19.33
N GLY F 147 11.30 -21.31 -18.92
CA GLY F 147 10.42 -20.78 -17.88
C GLY F 147 10.70 -21.29 -16.48
N LYS F 148 11.84 -21.97 -16.32
CA LYS F 148 12.23 -22.56 -15.04
C LYS F 148 12.96 -21.58 -14.12
N THR F 149 13.55 -20.53 -14.71
CA THR F 149 14.35 -19.58 -13.96
C THR F 149 13.91 -18.15 -14.21
N LEU F 150 13.84 -17.36 -13.14
CA LEU F 150 13.63 -15.92 -13.21
C LEU F 150 14.93 -15.22 -12.88
N LEU F 151 15.25 -14.20 -13.66
CA LEU F 151 16.48 -13.43 -13.50
C LEU F 151 16.12 -11.99 -13.21
N PHE F 152 16.65 -11.44 -12.12
CA PHE F 152 16.39 -10.04 -11.79
C PHE F 152 17.68 -9.25 -11.61
N TYR F 153 17.62 -7.97 -11.98
CA TYR F 153 18.78 -7.09 -11.85
C TYR F 153 18.87 -6.45 -10.48
N GLN F 154 20.10 -6.34 -9.98
CA GLN F 154 20.42 -5.59 -8.78
C GLN F 154 21.37 -4.47 -9.19
N PHE F 155 21.12 -3.26 -8.69
CA PHE F 155 22.01 -2.14 -8.97
C PHE F 155 22.92 -1.82 -7.80
N SER F 156 22.37 -1.93 -6.60
CA SER F 156 23.08 -1.61 -5.37
C SER F 156 23.42 -2.89 -4.58
N PRO F 157 24.64 -3.00 -4.03
CA PRO F 157 25.76 -2.04 -4.08
C PRO F 157 26.53 -1.98 -5.40
N ALA F 158 26.33 -2.97 -6.27
CA ALA F 158 26.97 -3.00 -7.59
C ALA F 158 26.07 -3.78 -8.56
N PRO F 159 26.24 -3.57 -9.88
CA PRO F 159 25.51 -4.42 -10.83
C PRO F 159 25.66 -5.90 -10.50
N ALA F 160 24.53 -6.59 -10.36
CA ALA F 160 24.48 -8.02 -10.10
C ALA F 160 23.18 -8.57 -10.68
N VAL F 161 23.13 -9.89 -10.87
CA VAL F 161 21.92 -10.55 -11.36
C VAL F 161 21.50 -11.68 -10.42
N GLY F 162 20.28 -11.58 -9.88
CA GLY F 162 19.76 -12.62 -9.01
C GLY F 162 19.13 -13.77 -9.77
N VAL F 163 19.40 -14.99 -9.32
CA VAL F 163 18.88 -16.21 -9.96
C VAL F 163 17.82 -16.84 -9.06
N VAL F 164 16.59 -16.94 -9.56
CA VAL F 164 15.48 -17.53 -8.82
C VAL F 164 14.97 -18.76 -9.55
N ASP F 165 15.00 -19.89 -8.85
CA ASP F 165 14.52 -21.17 -9.37
C ASP F 165 13.01 -21.27 -9.17
N LEU F 166 12.26 -21.05 -10.25
CA LEU F 166 10.80 -21.10 -10.22
C LEU F 166 10.27 -22.53 -10.03
N GLU F 167 10.98 -23.51 -10.59
CA GLU F 167 10.63 -24.92 -10.48
C GLU F 167 10.68 -25.40 -9.02
N GLY F 168 11.82 -25.15 -8.37
CA GLY F 168 12.00 -25.53 -6.95
C GLY F 168 11.52 -24.47 -5.97
N LYS F 169 10.95 -23.39 -6.50
CA LYS F 169 10.41 -22.29 -5.69
C LYS F 169 11.40 -21.79 -4.63
N ALA F 170 12.64 -21.50 -5.06
CA ALA F 170 13.66 -20.99 -4.15
C ALA F 170 14.61 -20.02 -4.84
N PHE F 171 15.08 -19.01 -4.09
CA PHE F 171 16.19 -18.17 -4.52
C PHE F 171 17.47 -19.00 -4.57
N LYS F 172 18.24 -18.84 -5.65
CA LYS F 172 19.48 -19.59 -5.82
C LYS F 172 20.69 -18.79 -5.37
N ARG F 173 20.99 -17.71 -6.08
CA ARG F 173 22.23 -16.97 -5.87
C ARG F 173 22.23 -15.61 -6.56
N MET F 174 23.17 -14.76 -6.16
CA MET F 174 23.45 -13.51 -6.86
C MET F 174 24.64 -13.73 -7.78
N LEU F 175 24.61 -13.12 -8.96
CA LEU F 175 25.76 -13.18 -9.88
C LEU F 175 26.46 -11.82 -10.01
N ASP F 176 27.74 -11.78 -9.69
CA ASP F 176 28.57 -10.59 -9.95
C ASP F 176 28.71 -10.40 -11.46
N VAL F 177 28.35 -9.21 -11.94
CA VAL F 177 28.53 -8.86 -13.36
C VAL F 177 29.40 -7.60 -13.52
N PRO F 178 29.90 -7.36 -14.75
CA PRO F 178 30.60 -6.10 -14.97
C PRO F 178 29.61 -4.94 -14.99
N ASP F 179 30.08 -3.74 -15.34
CA ASP F 179 29.21 -2.57 -15.33
C ASP F 179 28.25 -2.64 -16.52
N CYS F 180 27.22 -3.47 -16.38
CA CYS F 180 26.28 -3.75 -17.45
C CYS F 180 24.83 -3.75 -16.94
N TYR F 181 23.88 -3.75 -17.87
CA TYR F 181 22.49 -3.43 -17.56
C TYR F 181 21.55 -4.25 -18.44
N HIS F 182 20.38 -4.58 -17.90
CA HIS F 182 19.34 -5.36 -18.59
C HIS F 182 19.73 -6.84 -18.69
N ILE F 183 18.74 -7.70 -18.92
CA ILE F 183 18.92 -9.16 -18.90
C ILE F 183 18.08 -9.76 -20.01
N PHE F 184 18.74 -10.23 -21.07
CA PHE F 184 18.06 -10.86 -22.19
C PHE F 184 18.48 -12.34 -22.25
N PRO F 185 17.66 -13.24 -21.70
CA PRO F 185 18.00 -14.67 -21.63
C PRO F 185 17.99 -15.32 -23.00
N THR F 186 18.94 -16.23 -23.22
CA THR F 186 19.03 -16.92 -24.51
C THR F 186 18.98 -18.42 -24.33
N ALA F 187 19.26 -18.88 -23.13
CA ALA F 187 19.34 -20.29 -22.82
C ALA F 187 18.98 -20.49 -21.35
N PRO F 188 18.80 -21.75 -20.90
CA PRO F 188 18.55 -22.01 -19.48
C PRO F 188 19.63 -21.48 -18.54
N ASP F 189 20.85 -21.28 -19.07
CA ASP F 189 22.00 -20.92 -18.25
C ASP F 189 22.74 -19.68 -18.77
N THR F 190 22.10 -18.94 -19.68
CA THR F 190 22.78 -17.87 -20.40
C THR F 190 21.88 -16.66 -20.64
N PHE F 191 22.44 -15.47 -20.43
CA PHE F 191 21.79 -14.22 -20.76
C PHE F 191 22.81 -13.20 -21.22
N PHE F 192 22.32 -12.17 -21.92
CA PHE F 192 23.15 -11.05 -22.32
C PHE F 192 22.76 -9.80 -21.55
N MET F 193 23.73 -8.89 -21.40
CA MET F 193 23.51 -7.58 -20.81
C MET F 193 24.13 -6.52 -21.70
N HIS F 194 23.68 -5.27 -21.56
CA HIS F 194 24.29 -4.17 -22.30
C HIS F 194 25.22 -3.41 -21.37
N CYS F 195 26.46 -3.19 -21.82
CA CYS F 195 27.44 -2.56 -20.94
C CYS F 195 27.69 -1.07 -21.22
N ARG F 196 28.18 -0.36 -20.21
CA ARG F 196 28.58 1.05 -20.33
C ARG F 196 29.60 1.28 -21.45
N ASP F 197 30.48 0.31 -21.67
CA ASP F 197 31.52 0.43 -22.69
C ASP F 197 31.04 0.23 -24.14
N GLY F 198 29.74 0.01 -24.31
CA GLY F 198 29.14 -0.12 -25.66
C GLY F 198 29.17 -1.53 -26.23
N SER F 199 29.57 -2.50 -25.40
CA SER F 199 29.50 -3.91 -25.75
C SER F 199 28.26 -4.58 -25.14
N LEU F 200 27.97 -5.79 -25.61
CA LEU F 200 27.09 -6.66 -24.86
C LEU F 200 27.97 -7.61 -24.04
N ALA F 201 27.47 -8.01 -22.88
CA ALA F 201 28.13 -9.04 -22.08
C ALA F 201 27.30 -10.32 -22.10
N LYS F 202 27.92 -11.42 -22.52
CA LYS F 202 27.32 -12.74 -22.45
C LYS F 202 27.68 -13.38 -21.11
N VAL F 203 26.66 -13.71 -20.31
CA VAL F 203 26.88 -14.35 -19.01
C VAL F 203 26.36 -15.79 -19.01
N ALA F 204 27.29 -16.74 -18.88
CA ALA F 204 26.96 -18.17 -18.79
C ALA F 204 27.22 -18.69 -17.38
N PHE F 205 26.14 -18.99 -16.66
CA PHE F 205 26.23 -19.20 -15.21
C PHE F 205 25.89 -20.61 -14.74
N GLY F 206 26.37 -20.93 -13.54
CA GLY F 206 26.04 -22.18 -12.85
C GLY F 206 25.52 -21.91 -11.45
N THR F 207 25.29 -22.98 -10.68
CA THR F 207 24.76 -22.90 -9.32
C THR F 207 25.81 -22.36 -8.33
N GLU F 208 27.07 -22.58 -8.64
CA GLU F 208 28.18 -21.97 -7.91
C GLU F 208 29.35 -21.78 -8.87
N GLY F 209 30.22 -20.83 -8.53
CA GLY F 209 31.38 -20.52 -9.35
C GLY F 209 31.17 -19.25 -10.13
N THR F 210 32.26 -18.55 -10.42
CA THR F 210 32.23 -17.34 -11.23
C THR F 210 31.65 -17.71 -12.61
N PRO F 211 30.60 -16.98 -13.04
CA PRO F 211 30.03 -17.23 -14.37
C PRO F 211 31.02 -16.91 -15.49
N GLU F 212 30.84 -17.54 -16.65
CA GLU F 212 31.63 -17.27 -17.84
C GLU F 212 31.14 -15.98 -18.51
N ILE F 213 31.88 -14.90 -18.34
CA ILE F 213 31.49 -13.60 -18.88
C ILE F 213 32.39 -13.23 -20.06
N THR F 214 31.76 -13.03 -21.21
CA THR F 214 32.45 -12.70 -22.45
C THR F 214 31.79 -11.48 -23.08
N HIS F 215 32.59 -10.48 -23.43
CA HIS F 215 32.06 -9.30 -24.08
C HIS F 215 32.03 -9.49 -25.59
N THR F 216 30.97 -8.99 -26.22
CA THR F 216 30.95 -8.83 -27.66
C THR F 216 31.87 -7.66 -28.02
N GLU F 217 32.09 -7.42 -29.31
CA GLU F 217 32.75 -6.19 -29.72
C GLU F 217 31.82 -5.01 -29.41
N VAL F 218 32.39 -3.83 -29.23
CA VAL F 218 31.62 -2.59 -29.08
C VAL F 218 30.81 -2.35 -30.37
N PHE F 219 29.52 -2.03 -30.22
CA PHE F 219 28.66 -1.84 -31.40
C PHE F 219 28.09 -0.43 -31.62
N HIS F 220 28.38 0.50 -30.70
CA HIS F 220 27.89 1.87 -30.82
C HIS F 220 28.84 2.87 -30.13
N PRO F 221 28.86 4.13 -30.61
CA PRO F 221 29.65 5.19 -29.96
C PRO F 221 29.11 5.58 -28.58
N GLU F 222 29.94 6.28 -27.81
CA GLU F 222 29.55 6.72 -26.46
C GLU F 222 28.49 7.83 -26.46
N ASP F 223 28.26 8.46 -27.61
CA ASP F 223 27.25 9.51 -27.74
C ASP F 223 25.99 9.14 -28.55
N GLU F 224 25.86 7.87 -28.92
CA GLU F 224 24.56 7.30 -29.30
C GLU F 224 23.93 6.76 -28.03
N PHE F 225 22.71 7.19 -27.73
CA PHE F 225 22.04 6.79 -26.49
C PHE F 225 20.96 5.75 -26.73
N LEU F 226 21.19 4.57 -26.17
CA LEU F 226 20.30 3.44 -26.37
C LEU F 226 19.22 3.41 -25.28
N ILE F 227 17.97 3.47 -25.70
CA ILE F 227 16.83 3.64 -24.77
C ILE F 227 16.71 2.54 -23.73
N ASN F 228 16.11 2.88 -22.59
CA ASN F 228 15.92 1.95 -21.51
C ASN F 228 14.88 0.87 -21.81
N HIS F 229 14.13 1.02 -22.90
CA HIS F 229 13.13 0.03 -23.30
C HIS F 229 13.32 -0.60 -24.70
N PRO F 230 14.41 -1.37 -24.89
CA PRO F 230 14.52 -2.15 -26.12
C PRO F 230 13.42 -3.22 -26.20
N ALA F 231 13.07 -3.64 -27.42
CA ALA F 231 12.22 -4.80 -27.62
C ALA F 231 13.10 -6.02 -27.81
N TYR F 232 12.77 -7.10 -27.11
CA TYR F 232 13.49 -8.36 -27.23
C TYR F 232 12.51 -9.49 -27.48
N SER F 233 12.71 -10.21 -28.57
CA SER F 233 11.96 -11.42 -28.84
C SER F 233 12.84 -12.62 -28.50
N GLN F 234 12.47 -13.31 -27.42
CA GLN F 234 13.24 -14.47 -26.96
C GLN F 234 13.15 -15.64 -27.94
N LYS F 235 11.98 -15.84 -28.53
CA LYS F 235 11.77 -16.96 -29.45
C LYS F 235 12.50 -16.76 -30.77
N ALA F 236 12.70 -15.49 -31.14
CA ALA F 236 13.45 -15.13 -32.35
C ALA F 236 14.93 -14.89 -32.07
N GLY F 237 15.24 -14.59 -30.81
CA GLY F 237 16.60 -14.20 -30.40
C GLY F 237 16.97 -12.83 -30.96
N ARG F 238 15.97 -11.98 -31.11
CA ARG F 238 16.13 -10.66 -31.73
C ARG F 238 16.02 -9.52 -30.73
N LEU F 239 17.10 -8.77 -30.60
CA LEU F 239 17.16 -7.58 -29.76
C LEU F 239 17.06 -6.37 -30.69
N VAL F 240 16.02 -5.57 -30.50
CA VAL F 240 15.78 -4.37 -31.31
C VAL F 240 15.98 -3.18 -30.38
N TRP F 241 17.03 -2.41 -30.64
CA TRP F 241 17.42 -1.37 -29.70
C TRP F 241 17.53 -0.02 -30.36
N PRO F 242 16.52 0.84 -30.15
CA PRO F 242 16.57 2.19 -30.70
C PRO F 242 17.52 3.08 -29.91
N THR F 243 18.06 4.09 -30.60
CA THR F 243 18.75 5.19 -29.98
C THR F 243 17.78 6.37 -29.86
N TYR F 244 18.21 7.45 -29.21
CA TYR F 244 17.38 8.67 -29.09
C TYR F 244 16.93 9.26 -30.43
N THR F 245 17.65 8.97 -31.52
CA THR F 245 17.33 9.54 -32.84
C THR F 245 16.46 8.65 -33.72
N GLY F 246 16.15 7.44 -33.24
CA GLY F 246 15.35 6.49 -34.00
C GLY F 246 16.18 5.60 -34.90
N LYS F 247 17.51 5.76 -34.85
CA LYS F 247 18.39 4.74 -35.40
C LYS F 247 18.13 3.48 -34.61
N ILE F 248 18.10 2.33 -35.28
CA ILE F 248 17.83 1.08 -34.58
C ILE F 248 18.95 0.05 -34.74
N HIS F 249 19.50 -0.37 -33.60
CA HIS F 249 20.46 -1.46 -33.53
C HIS F 249 19.70 -2.77 -33.45
N GLN F 250 20.08 -3.72 -34.28
CA GLN F 250 19.53 -5.07 -34.21
C GLN F 250 20.64 -6.08 -33.98
N ILE F 251 20.47 -6.89 -32.94
CA ILE F 251 21.41 -7.93 -32.59
C ILE F 251 20.72 -9.27 -32.67
N ASP F 252 21.31 -10.17 -33.46
CA ASP F 252 20.82 -11.53 -33.61
C ASP F 252 21.52 -12.41 -32.58
N LEU F 253 20.73 -12.91 -31.63
CA LEU F 253 21.25 -13.80 -30.59
C LEU F 253 20.82 -15.26 -30.76
N SER F 254 20.18 -15.57 -31.89
CA SER F 254 19.61 -16.92 -32.12
C SER F 254 20.64 -18.06 -32.14
N SER F 255 21.90 -17.74 -32.41
CA SER F 255 22.97 -18.76 -32.46
C SER F 255 23.57 -19.07 -31.10
N GLY F 256 23.20 -18.29 -30.09
CA GLY F 256 23.82 -18.36 -28.77
C GLY F 256 24.89 -17.29 -28.62
N ASP F 257 25.34 -16.74 -29.75
CA ASP F 257 26.31 -15.64 -29.78
C ASP F 257 25.75 -14.43 -30.52
N ALA F 258 26.29 -13.25 -30.18
CA ALA F 258 25.81 -12.01 -30.77
C ALA F 258 26.27 -11.83 -32.22
N LYS F 259 25.30 -11.60 -33.08
CA LYS F 259 25.54 -11.27 -34.49
C LYS F 259 24.90 -9.92 -34.73
N PHE F 260 25.73 -8.95 -35.13
CA PHE F 260 25.24 -7.59 -35.34
C PHE F 260 24.68 -7.38 -36.74
N LEU F 261 23.41 -7.02 -36.77
CA LEU F 261 22.68 -6.82 -38.01
C LEU F 261 22.91 -5.40 -38.48
N PRO F 262 22.67 -5.14 -39.77
CA PRO F 262 22.76 -3.78 -40.30
C PRO F 262 21.79 -2.85 -39.58
N ALA F 263 22.28 -1.68 -39.19
CA ALA F 263 21.46 -0.68 -38.52
C ALA F 263 20.44 -0.11 -39.49
N VAL F 264 19.26 0.20 -38.99
CA VAL F 264 18.22 0.82 -39.80
C VAL F 264 17.79 2.15 -39.17
N GLU F 265 17.29 3.05 -39.99
CA GLU F 265 16.77 4.35 -39.53
C GLU F 265 15.25 4.34 -39.63
N ALA F 266 14.58 4.50 -38.48
CA ALA F 266 13.11 4.48 -38.44
C ALA F 266 12.52 5.76 -39.03
N LEU F 267 13.32 6.83 -39.00
CA LEU F 267 12.91 8.12 -39.53
C LEU F 267 13.80 8.53 -40.70
N THR F 268 13.21 9.19 -41.70
CA THR F 268 13.96 9.67 -42.85
C THR F 268 14.83 10.86 -42.45
N GLU F 269 15.83 11.17 -43.29
CA GLU F 269 16.72 12.31 -43.06
C GLU F 269 15.95 13.62 -42.98
N ALA F 270 14.96 13.78 -43.85
CA ALA F 270 14.09 14.95 -43.83
C ALA F 270 13.30 15.06 -42.52
N GLU F 271 12.71 13.95 -42.08
CA GLU F 271 11.96 13.93 -40.82
C GLU F 271 12.84 14.32 -39.63
N ARG F 272 14.06 13.78 -39.59
CA ARG F 272 15.03 14.12 -38.55
C ARG F 272 15.43 15.59 -38.62
N ALA F 273 15.62 16.11 -39.83
CA ALA F 273 15.89 17.54 -40.03
C ALA F 273 14.74 18.40 -39.51
N ASP F 274 13.53 17.82 -39.49
CA ASP F 274 12.34 18.56 -39.05
C ASP F 274 11.91 18.32 -37.59
N GLY F 275 12.69 17.54 -36.83
CA GLY F 275 12.43 17.36 -35.40
C GLY F 275 11.77 16.06 -34.97
N TRP F 276 11.62 15.12 -35.90
CA TRP F 276 11.07 13.81 -35.59
C TRP F 276 12.06 12.94 -34.82
N ARG F 277 11.64 12.52 -33.63
CA ARG F 277 12.42 11.63 -32.79
C ARG F 277 11.49 10.63 -32.14
N PRO F 278 12.01 9.45 -31.75
CA PRO F 278 11.19 8.60 -30.88
C PRO F 278 10.99 9.25 -29.53
N GLY F 279 9.94 8.84 -28.83
CA GLY F 279 9.67 9.36 -27.49
C GLY F 279 8.53 8.63 -26.79
N GLY F 280 8.65 8.53 -25.46
CA GLY F 280 7.66 7.89 -24.61
C GLY F 280 8.34 6.99 -23.59
N TRP F 281 7.75 5.80 -23.40
CA TRP F 281 8.24 4.82 -22.45
C TRP F 281 8.61 3.58 -23.27
N GLN F 282 7.66 2.66 -23.47
CA GLN F 282 7.87 1.54 -24.41
C GLN F 282 7.74 2.04 -25.85
N GLN F 283 8.83 2.58 -26.37
CA GLN F 283 8.84 3.24 -27.67
C GLN F 283 8.85 2.27 -28.84
N VAL F 284 9.26 1.03 -28.61
CA VAL F 284 9.47 0.06 -29.68
C VAL F 284 8.79 -1.28 -29.44
N ALA F 285 8.21 -1.82 -30.52
CA ALA F 285 7.66 -3.17 -30.49
C ALA F 285 8.24 -3.98 -31.66
N TYR F 286 8.18 -5.30 -31.51
CA TYR F 286 8.65 -6.21 -32.55
C TYR F 286 7.70 -7.38 -32.72
N HIS F 287 7.27 -7.62 -33.95
CA HIS F 287 6.45 -8.78 -34.29
C HIS F 287 7.33 -9.85 -34.91
N ARG F 288 7.44 -10.97 -34.20
CA ARG F 288 8.31 -12.06 -34.61
C ARG F 288 7.97 -12.63 -36.00
N ALA F 289 6.74 -13.12 -36.16
CA ALA F 289 6.34 -13.80 -37.40
C ALA F 289 6.38 -12.87 -38.61
N LEU F 290 6.03 -11.61 -38.42
CA LEU F 290 6.08 -10.64 -39.51
C LEU F 290 7.44 -9.98 -39.72
N ASP F 291 8.34 -10.12 -38.73
CA ASP F 291 9.67 -9.47 -38.75
C ASP F 291 9.52 -7.95 -38.96
N ARG F 292 8.68 -7.32 -38.13
CA ARG F 292 8.34 -5.91 -38.25
C ARG F 292 8.65 -5.13 -36.99
N ILE F 293 9.10 -3.89 -37.18
CA ILE F 293 9.44 -3.01 -36.06
C ILE F 293 8.45 -1.84 -36.00
N TYR F 294 7.98 -1.55 -34.80
CA TYR F 294 7.02 -0.49 -34.57
C TYR F 294 7.70 0.49 -33.63
N LEU F 295 7.61 1.78 -33.92
CA LEU F 295 8.29 2.80 -33.13
C LEU F 295 7.41 4.03 -32.93
N LEU F 296 7.22 4.41 -31.67
CA LEU F 296 6.57 5.66 -31.31
C LEU F 296 7.46 6.84 -31.63
N VAL F 297 6.96 7.72 -32.50
CA VAL F 297 7.69 8.90 -32.94
C VAL F 297 6.81 10.14 -32.97
N ASP F 298 7.43 11.30 -32.83
CA ASP F 298 6.72 12.57 -32.93
C ASP F 298 7.74 13.69 -33.16
N GLN F 299 7.23 14.87 -33.48
CA GLN F 299 8.05 16.07 -33.54
C GLN F 299 8.35 16.55 -32.12
N ARG F 300 9.62 16.56 -31.74
CA ARG F 300 10.01 16.92 -30.38
C ARG F 300 11.43 17.45 -30.28
N ASP F 301 11.65 18.25 -29.24
CA ASP F 301 13.00 18.60 -28.83
C ASP F 301 13.74 17.35 -28.38
N GLU F 302 15.04 17.34 -28.60
CA GLU F 302 15.89 16.17 -28.29
C GLU F 302 15.88 15.70 -26.84
N TRP F 303 15.58 16.59 -25.89
CA TRP F 303 15.53 16.20 -24.48
C TRP F 303 14.10 16.04 -23.96
N ARG F 304 13.18 15.75 -24.87
CA ARG F 304 11.82 15.41 -24.48
C ARG F 304 11.55 13.95 -24.86
N HIS F 305 12.56 13.11 -24.63
CA HIS F 305 12.54 11.71 -25.06
C HIS F 305 11.64 10.80 -24.25
N LYS F 306 11.10 11.30 -23.13
CA LYS F 306 10.15 10.53 -22.31
C LYS F 306 8.69 10.96 -22.45
N THR F 307 8.42 12.01 -23.23
CA THR F 307 7.04 12.45 -23.45
C THR F 307 6.29 11.53 -24.41
N ALA F 308 4.97 11.50 -24.27
CA ALA F 308 4.09 10.79 -25.20
C ALA F 308 4.32 11.14 -26.67
N SER F 309 3.93 10.23 -27.55
CA SER F 309 4.01 10.45 -28.99
C SER F 309 2.69 10.10 -29.64
N ARG F 310 2.39 10.77 -30.76
CA ARG F 310 1.11 10.58 -31.42
C ARG F 310 1.18 9.75 -32.71
N PHE F 311 2.36 9.20 -33.02
CA PHE F 311 2.56 8.47 -34.27
C PHE F 311 3.37 7.19 -34.07
N VAL F 312 3.03 6.16 -34.82
CA VAL F 312 3.84 4.95 -34.87
C VAL F 312 4.31 4.70 -36.31
N VAL F 313 5.62 4.54 -36.50
CA VAL F 313 6.13 4.09 -37.79
C VAL F 313 6.34 2.58 -37.77
N VAL F 314 5.94 1.93 -38.86
CA VAL F 314 6.11 0.49 -39.02
C VAL F 314 7.12 0.25 -40.13
N LEU F 315 8.13 -0.57 -39.86
CA LEU F 315 9.19 -0.81 -40.83
C LEU F 315 9.66 -2.27 -40.86
N ASP F 316 10.17 -2.67 -42.02
CA ASP F 316 10.68 -4.02 -42.23
C ASP F 316 12.03 -4.15 -41.54
N ALA F 317 12.20 -5.20 -40.73
CA ALA F 317 13.44 -5.39 -39.97
C ALA F 317 14.64 -5.69 -40.88
N LYS F 318 14.43 -6.50 -41.90
CA LYS F 318 15.49 -6.88 -42.84
C LYS F 318 15.97 -5.70 -43.68
N THR F 319 15.02 -4.95 -44.24
CA THR F 319 15.36 -3.91 -45.22
C THR F 319 15.41 -2.51 -44.62
N GLY F 320 14.66 -2.30 -43.54
CA GLY F 320 14.51 -0.97 -42.97
C GLY F 320 13.49 -0.13 -43.71
N GLU F 321 12.84 -0.74 -44.70
CA GLU F 321 11.83 -0.03 -45.50
C GLU F 321 10.57 0.24 -44.67
N ARG F 322 10.11 1.49 -44.72
CA ARG F 322 8.91 1.88 -44.00
C ARG F 322 7.66 1.29 -44.65
N LEU F 323 6.86 0.59 -43.85
CA LEU F 323 5.63 -0.03 -44.33
C LEU F 323 4.39 0.82 -44.06
N ALA F 324 4.44 1.63 -42.99
CA ALA F 324 3.33 2.50 -42.62
C ALA F 324 3.74 3.57 -41.62
N LYS F 325 2.95 4.63 -41.54
CA LYS F 325 3.06 5.62 -40.49
C LYS F 325 1.67 5.92 -39.97
N PHE F 326 1.38 5.47 -38.76
CA PHE F 326 0.04 5.60 -38.19
C PHE F 326 -0.12 6.86 -37.35
N GLU F 327 -1.22 7.56 -37.58
CA GLU F 327 -1.64 8.65 -36.72
C GLU F 327 -2.55 8.07 -35.64
N MET F 328 -2.02 8.03 -34.43
CA MET F 328 -2.66 7.30 -33.33
C MET F 328 -3.90 7.98 -32.78
N GLY F 329 -3.90 9.31 -32.82
CA GLY F 329 -5.05 10.08 -32.36
C GLY F 329 -5.12 10.27 -30.87
N HIS F 330 -4.09 9.83 -30.15
CA HIS F 330 -3.99 10.01 -28.70
C HIS F 330 -2.52 10.19 -28.28
N GLU F 331 -2.33 10.60 -27.03
CA GLU F 331 -1.01 10.78 -26.45
C GLU F 331 -0.48 9.43 -25.97
N ILE F 332 0.36 8.78 -26.78
CA ILE F 332 0.77 7.40 -26.51
C ILE F 332 2.19 7.31 -25.95
N ASP F 333 2.33 6.59 -24.84
CA ASP F 333 3.61 6.46 -24.15
C ASP F 333 4.25 5.11 -24.41
N SER F 334 3.42 4.07 -24.53
CA SER F 334 3.91 2.73 -24.73
C SER F 334 3.16 1.98 -25.82
N ILE F 335 3.89 1.23 -26.63
CA ILE F 335 3.30 0.30 -27.60
C ILE F 335 3.83 -1.12 -27.41
N ASN F 336 3.04 -2.09 -27.89
CA ASN F 336 3.45 -3.49 -28.01
C ASN F 336 2.48 -4.08 -29.03
N VAL F 337 2.71 -5.32 -29.43
CA VAL F 337 1.81 -5.98 -30.39
C VAL F 337 1.49 -7.38 -29.90
N SER F 338 0.35 -7.92 -30.33
CA SER F 338 0.10 -9.34 -30.17
C SER F 338 0.97 -10.07 -31.18
N GLN F 339 1.29 -11.34 -30.91
CA GLN F 339 2.27 -12.09 -31.69
C GLN F 339 1.64 -13.15 -32.61
N ASP F 340 0.38 -12.91 -32.98
CA ASP F 340 -0.36 -13.81 -33.85
C ASP F 340 -0.55 -13.18 -35.23
N GLU F 341 -1.22 -13.91 -36.12
CA GLU F 341 -1.64 -13.38 -37.42
C GLU F 341 -2.63 -12.24 -37.22
N LYS F 342 -2.63 -11.29 -38.16
CA LYS F 342 -3.46 -10.09 -38.09
C LYS F 342 -3.33 -9.44 -36.71
N PRO F 343 -2.09 -9.17 -36.26
CA PRO F 343 -1.88 -8.76 -34.87
C PRO F 343 -2.56 -7.45 -34.50
N LEU F 344 -2.76 -7.25 -33.21
CA LEU F 344 -3.21 -5.99 -32.67
C LEU F 344 -2.03 -5.10 -32.32
N LEU F 345 -2.17 -3.80 -32.57
CA LEU F 345 -1.22 -2.82 -32.04
C LEU F 345 -1.80 -2.18 -30.77
N TYR F 346 -1.15 -2.45 -29.65
CA TYR F 346 -1.52 -1.88 -28.37
C TYR F 346 -0.86 -0.52 -28.20
N ALA F 347 -1.65 0.44 -27.72
CA ALA F 347 -1.19 1.81 -27.55
C ALA F 347 -1.66 2.35 -26.21
N LEU F 348 -0.74 2.44 -25.26
CA LEU F 348 -1.07 2.83 -23.88
C LEU F 348 -0.78 4.29 -23.59
N SER F 349 -1.76 4.99 -23.04
CA SER F 349 -1.63 6.39 -22.64
C SER F 349 -1.60 6.53 -21.12
N THR F 350 -0.42 6.91 -20.61
CA THR F 350 -0.19 7.14 -19.19
C THR F 350 -1.09 8.28 -18.68
N GLY F 351 -1.23 9.34 -19.48
CA GLY F 351 -2.06 10.50 -19.13
C GLY F 351 -3.56 10.20 -19.12
N ASP F 352 -4.02 9.46 -20.14
CA ASP F 352 -5.42 9.06 -20.27
C ASP F 352 -5.80 7.88 -19.38
N LYS F 353 -4.77 7.20 -18.83
CA LYS F 353 -4.95 5.93 -18.11
C LYS F 353 -5.74 4.92 -18.95
N THR F 354 -5.41 4.84 -20.24
CA THR F 354 -6.21 4.10 -21.21
C THR F 354 -5.35 3.32 -22.19
N LEU F 355 -5.72 2.04 -22.37
CA LEU F 355 -5.14 1.21 -23.42
C LEU F 355 -6.01 1.32 -24.68
N TYR F 356 -5.43 1.86 -25.74
CA TYR F 356 -6.10 1.93 -27.02
C TYR F 356 -5.68 0.74 -27.86
N ILE F 357 -6.67 0.06 -28.44
CA ILE F 357 -6.44 -1.19 -29.16
C ILE F 357 -6.66 -0.99 -30.65
N HIS F 358 -5.56 -1.08 -31.41
CA HIS F 358 -5.55 -0.82 -32.83
C HIS F 358 -5.33 -2.07 -33.66
N ASP F 359 -5.82 -2.05 -34.90
CA ASP F 359 -5.47 -3.05 -35.90
C ASP F 359 -4.08 -2.68 -36.40
N ALA F 360 -3.11 -3.56 -36.20
CA ALA F 360 -1.72 -3.25 -36.52
C ALA F 360 -1.41 -3.14 -38.02
N GLU F 361 -2.35 -3.60 -38.85
CA GLU F 361 -2.16 -3.54 -40.31
C GLU F 361 -2.60 -2.18 -40.87
N SER F 362 -3.75 -1.69 -40.42
CA SER F 362 -4.34 -0.45 -40.91
C SER F 362 -4.11 0.74 -39.96
N GLY F 363 -3.70 0.44 -38.74
CA GLY F 363 -3.48 1.45 -37.71
C GLY F 363 -4.75 2.01 -37.07
N GLU F 364 -5.90 1.52 -37.54
CA GLU F 364 -7.21 1.99 -37.08
C GLU F 364 -7.51 1.61 -35.62
N GLU F 365 -7.99 2.57 -34.84
CA GLU F 365 -8.41 2.30 -33.47
C GLU F 365 -9.69 1.45 -33.46
N LEU F 366 -9.63 0.30 -32.79
CA LEU F 366 -10.76 -0.63 -32.76
C LEU F 366 -11.64 -0.47 -31.52
N ARG F 367 -10.98 -0.42 -30.36
CA ARG F 367 -11.67 -0.32 -29.07
C ARG F 367 -10.69 0.27 -28.07
N SER F 368 -11.15 0.48 -26.85
CA SER F 368 -10.29 1.01 -25.79
C SER F 368 -10.70 0.49 -24.42
N VAL F 369 -9.73 0.48 -23.51
CA VAL F 369 -9.95 0.05 -22.14
C VAL F 369 -9.41 1.13 -21.22
N ASN F 370 -10.32 1.83 -20.56
CA ASN F 370 -9.94 2.97 -19.73
C ASN F 370 -9.83 2.62 -18.24
N GLN F 371 -9.62 3.65 -17.42
CA GLN F 371 -9.53 3.54 -15.96
C GLN F 371 -8.48 2.53 -15.49
N LEU F 372 -7.31 2.57 -16.13
CA LEU F 372 -6.26 1.60 -15.84
C LEU F 372 -5.23 2.14 -14.83
N GLY F 373 -5.72 2.43 -13.63
CA GLY F 373 -4.85 2.83 -12.54
C GLY F 373 -4.51 4.31 -12.59
N HIS F 374 -3.31 4.63 -12.12
CA HIS F 374 -2.93 6.02 -11.91
C HIS F 374 -1.92 6.51 -12.93
N GLY F 375 -1.06 5.63 -13.40
CA GLY F 375 -0.06 6.00 -14.41
C GLY F 375 0.48 4.81 -15.16
N PRO F 376 -0.40 4.06 -15.87
CA PRO F 376 0.02 2.80 -16.50
C PRO F 376 1.09 3.04 -17.56
N GLN F 377 2.08 2.14 -17.62
CA GLN F 377 3.27 2.33 -18.44
C GLN F 377 3.75 1.08 -19.18
N VAL F 378 3.41 -0.10 -18.68
CA VAL F 378 4.03 -1.34 -19.18
C VAL F 378 3.01 -2.32 -19.76
N ILE F 379 3.20 -2.64 -21.04
CA ILE F 379 2.36 -3.58 -21.77
C ILE F 379 3.15 -4.86 -21.99
N THR F 380 2.56 -5.99 -21.62
CA THR F 380 3.18 -7.29 -21.88
C THR F 380 2.20 -8.24 -22.57
N THR F 381 2.69 -8.95 -23.60
CA THR F 381 1.93 -10.01 -24.27
C THR F 381 2.71 -11.33 -24.23
N ALA F 382 2.02 -12.46 -24.41
CA ALA F 382 2.70 -13.74 -24.55
C ALA F 382 2.90 -14.06 -26.03
N ASP F 383 4.06 -14.62 -26.37
CA ASP F 383 4.28 -15.14 -27.72
C ASP F 383 4.05 -16.65 -27.70
N MET F 384 2.83 -17.04 -28.06
CA MET F 384 2.39 -18.43 -27.96
C MET F 384 2.41 -19.12 -29.32
N GLY F 385 3.00 -18.46 -30.31
CA GLY F 385 2.93 -18.91 -31.69
C GLY F 385 3.94 -19.98 -32.08
NA NA G . -32.68 -34.88 25.44
N NO H . -42.05 -42.11 8.12
O NO H . -41.11 -42.78 8.98
FE HEC I . -42.98 -40.60 8.80
CHA HEC I . -40.03 -39.02 8.12
CHB HEC I . -44.30 -39.63 5.79
CHC HEC I . -45.44 -42.93 9.17
CHD HEC I . -42.17 -40.84 12.12
NA HEC I . -42.28 -39.47 7.19
C1A HEC I . -41.07 -38.89 7.06
C2A HEC I . -40.91 -38.17 5.77
C3A HEC I . -42.13 -38.35 5.12
C4A HEC I . -42.92 -39.18 6.06
CMA HEC I . -42.56 -37.85 3.77
CAA HEC I . -39.71 -37.40 5.26
CBA HEC I . -39.90 -35.90 5.47
CGA HEC I . -38.59 -35.14 5.37
O1A HEC I . -38.62 -33.90 5.24
O2A HEC I . -37.50 -35.75 5.43
NB HEC I . -44.62 -41.19 7.65
C1B HEC I . -45.01 -40.74 6.45
C2B HEC I . -46.20 -41.44 5.89
C3B HEC I . -46.52 -42.38 6.85
C4B HEC I . -45.51 -42.15 7.92
CMB HEC I . -46.87 -41.19 4.56
CAB HEC I . -47.63 -43.41 6.86
CBB HEC I . -47.32 -44.54 5.90
NC HEC I . -43.68 -41.75 10.41
C1C HEC I . -44.74 -42.55 10.43
C2C HEC I . -45.13 -43.02 11.78
C3C HEC I . -44.20 -42.43 12.62
C4C HEC I . -43.33 -41.65 11.70
CMC HEC I . -46.29 -43.92 12.12
CAC HEC I . -44.07 -42.50 14.12
CBC HEC I . -43.71 -43.89 14.62
ND HEC I . -41.36 -39.96 9.97
C1D HEC I . -41.11 -40.32 11.24
C2D HEC I . -39.69 -40.10 11.64
C3D HEC I . -39.10 -39.58 10.51
C4D HEC I . -40.18 -39.52 9.51
CMD HEC I . -39.06 -40.38 12.98
CAD HEC I . -37.65 -39.19 10.33
CBD HEC I . -36.91 -40.49 10.05
CGD HEC I . -35.52 -40.24 9.53
O1D HEC I . -34.70 -41.18 9.66
O2D HEC I . -35.24 -39.15 8.97
FE HEC J . -30.35 -23.67 9.89
CHA HEC J . -31.80 -26.52 11.16
CHB HEC J . -32.68 -21.73 11.45
CHC HEC J . -28.36 -20.95 9.36
CHD HEC J . -28.58 -25.50 7.60
NA HEC J . -32.00 -24.06 11.12
C1A HEC J . -32.46 -25.25 11.52
C2A HEC J . -33.65 -25.15 12.42
C3A HEC J . -33.90 -23.79 12.51
C4A HEC J . -32.82 -23.18 11.68
CMA HEC J . -34.98 -23.07 13.25
CAA HEC J . -34.43 -26.27 13.05
CBA HEC J . -35.63 -26.61 12.12
CGA HEC J . -36.20 -28.00 12.39
O1A HEC J . -35.61 -28.79 13.14
O2A HEC J . -37.26 -28.32 11.82
NB HEC J . -30.49 -21.64 10.35
C1B HEC J . -31.48 -21.02 10.97
C2B HEC J . -31.28 -19.56 11.14
C3B HEC J . -30.05 -19.32 10.56
C4B HEC J . -29.63 -20.67 10.06
CMB HEC J . -32.21 -18.59 11.83
CAB HEC J . -29.30 -18.02 10.45
CBB HEC J . -28.79 -17.60 11.80
NC HEC J . -28.71 -23.28 8.66
C1C HEC J . -28.01 -22.15 8.56
C2C HEC J . -26.89 -22.21 7.60
C3C HEC J . -26.95 -23.50 7.10
C4C HEC J . -28.11 -24.11 7.80
CMC HEC J . -25.93 -21.11 7.25
CAC HEC J . -26.06 -24.16 6.06
CBC HEC J . -24.69 -24.39 6.64
ND HEC J . -30.23 -25.69 9.42
C1D HEC J . -29.40 -26.29 8.55
C2D HEC J . -29.42 -27.77 8.62
C3D HEC J . -30.34 -28.05 9.62
C4D HEC J . -30.80 -26.72 10.09
CMD HEC J . -28.63 -28.73 7.78
CAD HEC J . -30.77 -29.38 10.18
CBD HEC J . -29.68 -29.72 11.19
CGD HEC J . -29.82 -31.12 11.68
O1D HEC J . -30.88 -31.46 12.25
O2D HEC J . -28.85 -31.89 11.51
CA CA K . -39.18 -30.88 15.07
NA NA L . 53.49 1.39 7.66
N NO M . 54.40 21.83 11.83
O NO M . 54.72 20.79 12.77
FE HEC N . 54.73 21.64 9.94
CHA HEC N . 51.55 20.49 10.29
CHB HEC N . 53.60 24.72 8.95
CHC HEC N . 57.87 22.90 10.48
CHD HEC N . 55.97 18.44 10.02
NA HEC N . 52.85 22.48 9.66
C1A HEC N . 51.66 21.88 9.80
C2A HEC N . 50.50 22.75 9.45
C3A HEC N . 51.09 23.95 9.09
C4A HEC N . 52.55 23.72 9.24
CMA HEC N . 50.42 25.22 8.61
CAA HEC N . 49.03 22.39 9.50
CBA HEC N . 48.56 21.99 8.10
CGA HEC N . 47.21 21.31 8.15
O1A HEC N . 46.57 21.11 7.09
O2A HEC N . 46.75 20.96 9.24
NB HEC N . 55.61 23.53 9.75
C1B HEC N . 55.01 24.68 9.38
C2B HEC N . 55.90 25.85 9.42
C3B HEC N . 57.13 25.33 9.85
C4B HEC N . 56.86 23.88 10.01
CMB HEC N . 55.53 27.28 9.07
CAB HEC N . 58.44 26.03 10.11
CBB HEC N . 58.32 26.86 11.39
NC HEC N . 56.62 20.79 10.23
C1C HEC N . 57.81 21.43 10.33
C2C HEC N . 58.99 20.54 10.31
C3C HEC N . 58.46 19.27 10.19
C4C HEC N . 56.98 19.50 10.15
CMC HEC N . 60.44 20.96 10.39
CAC HEC N . 59.20 17.94 10.08
CBC HEC N . 59.87 17.56 11.38
ND HEC N . 53.88 19.74 10.07
C1D HEC N . 54.52 18.58 10.27
C2D HEC N . 53.64 17.48 10.74
C3D HEC N . 52.38 18.06 10.82
C4D HEC N . 52.60 19.47 10.39
CMD HEC N . 54.07 16.07 11.07
CAD HEC N . 51.07 17.46 11.26
CBD HEC N . 51.15 17.31 12.78
CGD HEC N . 49.79 17.25 13.44
O1D HEC N . 49.77 17.15 14.69
O2D HEC N . 48.77 17.31 12.75
FE HEC O . 37.90 11.42 2.12
CHA HEC O . 41.05 11.64 3.52
CHB HEC O . 39.25 10.89 -0.96
CHC HEC O . 34.80 10.42 0.96
CHD HEC O . 36.49 12.69 4.95
NA HEC O . 39.85 11.29 1.39
C1A HEC O . 41.02 11.40 2.06
C2A HEC O . 42.22 11.24 1.20
C3A HEC O . 41.70 11.03 -0.07
C4A HEC O . 40.23 11.06 0.13
CMA HEC O . 42.44 10.80 -1.37
CAA HEC O . 43.67 11.32 1.62
CBA HEC O . 44.08 12.79 1.45
CGA HEC O . 45.38 13.08 2.15
O1A HEC O . 45.85 12.25 2.97
O2A HEC O . 45.95 14.15 1.89
NB HEC O . 37.15 10.76 0.29
C1B HEC O . 37.83 10.60 -0.86
C2B HEC O . 37.01 10.11 -1.98
C3B HEC O . 35.73 9.98 -1.45
C4B HEC O . 35.89 10.41 -0.03
CMB HEC O . 37.49 9.85 -3.40
CAB HEC O . 34.46 9.50 -2.14
CBB HEC O . 34.57 8.01 -2.33
NC HEC O . 35.95 11.54 2.85
C1C HEC O . 34.82 11.10 2.28
C2C HEC O . 33.61 11.33 3.11
C3C HEC O . 34.08 11.97 4.24
C4C HEC O . 35.55 12.06 4.01
CMC HEC O . 32.19 10.95 2.73
CAC HEC O . 33.31 12.47 5.44
CBC HEC O . 32.65 11.32 6.17
ND HEC O . 38.66 12.10 3.93
C1D HEC O . 37.94 12.47 5.01
C2D HEC O . 38.73 12.62 6.26
C3D HEC O . 40.02 12.32 5.84
C4D HEC O . 39.91 12.00 4.39
CMD HEC O . 38.24 13.01 7.62
CAD HEC O . 41.25 12.30 6.70
CBD HEC O . 41.24 10.89 7.28
CGD HEC O . 42.29 10.83 8.34
O1D HEC O . 43.47 10.77 7.97
O2D HEC O . 41.92 10.86 9.53
CA CA P . 50.30 12.89 2.62
C ACT Q . -35.94 2.68 -0.39
O ACT Q . -35.30 1.67 -0.74
OXT ACT Q . -36.06 3.58 -1.26
CH3 ACT Q . -36.54 2.79 0.99
C1 EDO R . -16.01 -20.80 -16.17
O1 EDO R . -16.16 -22.19 -15.81
C2 EDO R . -16.92 -19.92 -15.31
O2 EDO R . -16.13 -18.96 -14.60
C1 PGE S . 21.95 -23.30 -30.58
O1 PGE S . 22.71 -23.74 -29.45
C2 PGE S . 20.65 -22.69 -30.10
O2 PGE S . 20.82 -21.29 -29.87
C3 PGE S . 20.94 -20.96 -28.48
C4 PGE S . 19.73 -20.16 -28.01
O4 PGE S . 16.10 -18.44 -29.97
C6 PGE S . 17.39 -19.06 -29.94
C5 PGE S . 18.19 -18.51 -28.76
O3 PGE S . 19.54 -19.00 -28.81
C1 PG6 T . 34.41 -6.86 -37.81
O1 PG6 T . 34.75 -6.54 -39.15
C2 PG6 T . 33.77 -5.72 -39.78
C3 PG6 T . 33.30 -6.37 -41.08
O2 PG6 T . 32.02 -5.86 -41.45
C4 PG6 T . 31.25 -6.81 -42.18
C5 PG6 T . 29.80 -6.33 -42.33
O3 PG6 T . 29.29 -5.85 -41.09
C6 PG6 T . 28.08 -6.49 -40.68
C7 PG6 T . 27.06 -5.43 -40.26
O4 PG6 T . 27.41 -4.88 -38.99
C8 PG6 T . 26.98 -3.51 -38.89
C9 PG6 T . 26.98 -3.06 -37.43
O5 PG6 T . 28.31 -3.04 -36.93
C10 PG6 T . 28.37 -3.38 -35.55
C11 PG6 T . 29.83 -3.47 -35.10
O6 PG6 T . 30.11 -4.77 -34.61
C12 PG6 T . 31.49 -5.12 -34.72
#